data_6NH3
#
_entry.id   6NH3
#
_cell.length_a   59.469
_cell.length_b   153.089
_cell.length_c   109.150
_cell.angle_alpha   90.00
_cell.angle_beta   90.80
_cell.angle_gamma   90.00
#
_symmetry.space_group_name_H-M   'P 1 21 1'
#
loop_
_entity.id
_entity.type
_entity.pdbx_description
1 polymer 'Endothelial nitric oxide synthase splice variant eNOS13A'
2 non-polymer 'PROTOPORPHYRIN IX CONTAINING FE'
3 non-polymer 6-[2-(3-fluoro-5-{2-[(2S)-pyrrolidin-2-yl]ethyl}phenyl)ethyl]-4-methylpyridin-2-amine
4 non-polymer 2-[BIS-(2-HYDROXY-ETHYL)-AMINO]-2-HYDROXYMETHYL-PROPANE-1,3-DIOL
5 non-polymer 'ZINC ION'
6 non-polymer GLYCEROL
7 non-polymer 'CHLORIDE ION'
8 non-polymer 'GADOLINIUM ATOM'
9 water water
#
_entity_poly.entity_id   1
_entity_poly.type   'polypeptide(L)'
_entity_poly.pdbx_seq_one_letter_code
;APASLLPPAPEHSPPSSPLTQPPEGPKFPRVKNWEVGSITYDTLSAQAQQDGPCTPRRCLGSLVFPRKLQGRPSPGPPAP
EQLLSQARDFINQYYSSIKRSGSQAHEQRLQEVEAEVAATGTYQLRESELVFGAKQAWRNAPRCVGRIQWGKLQVFDARD
CRSAQEMFTYICNHIKYATNRGNLRSAITVFPQRCPGRGDFRIWNSQLVRYAGYRQQDGSVRGDPANVEITELCIQHGWT
PGNGRFDVLPLLLQAPDEPPELFLLPPELVLEVPLEHPTLEWFAALGLRWYALPAVSNMLLEIGGLEFPAAPFSGWYMST
EIGTRNLCDPHRYNILEDVAVCMDLDTRTTSSLWKDKAAVEINVAVLHSYQLAKVTIVDHHAATASFMKHLENEQKARGG
CPADWAWIVPPISGSLTPVFHQEMVNYFLSPAFRYQPDPW
;
_entity_poly.pdbx_strand_id   A,B,C,D
#
loop_
_chem_comp.id
_chem_comp.type
_chem_comp.name
_chem_comp.formula
BTB non-polymer 2-[BIS-(2-HYDROXY-ETHYL)-AMINO]-2-HYDROXYMETHYL-PROPANE-1,3-DIOL 'C8 H19 N O5'
CL non-polymer 'CHLORIDE ION' 'Cl -1'
GD non-polymer 'GADOLINIUM ATOM' Gd
GOL non-polymer GLYCEROL 'C3 H8 O3'
HEM non-polymer 'PROTOPORPHYRIN IX CONTAINING FE' 'C34 H32 Fe N4 O4'
KL4 non-polymer 6-[2-(3-fluoro-5-{2-[(2S)-pyrrolidin-2-yl]ethyl}phenyl)ethyl]-4-methylpyridin-2-amine 'C20 H26 F N3'
ZN non-polymer 'ZINC ION' 'Zn 2'
#
# COMPACT_ATOMS: atom_id res chain seq x y z
N PHE A 28 30.69 -8.83 39.40
CA PHE A 28 29.37 -9.19 38.89
C PHE A 28 28.74 -8.05 38.07
N PRO A 29 28.90 -8.12 36.75
CA PRO A 29 28.41 -7.03 35.88
C PRO A 29 26.90 -6.89 35.94
N ARG A 30 26.45 -5.65 36.06
CA ARG A 30 25.04 -5.35 35.90
C ARG A 30 24.69 -5.30 34.41
N VAL A 31 23.56 -5.90 34.07
CA VAL A 31 23.12 -6.11 32.70
C VAL A 31 21.68 -5.64 32.63
N LYS A 32 21.41 -4.65 31.80
CA LYS A 32 20.10 -4.02 31.74
C LYS A 32 19.46 -4.29 30.39
N ASN A 33 18.15 -4.47 30.39
CA ASN A 33 17.38 -4.44 29.15
C ASN A 33 16.68 -3.09 29.08
N TRP A 34 17.07 -2.27 28.09
CA TRP A 34 16.60 -0.90 27.99
C TRP A 34 15.19 -0.79 27.43
N GLU A 35 14.64 -1.87 26.90
CA GLU A 35 13.29 -1.87 26.38
C GLU A 35 12.27 -2.14 27.49
N VAL A 36 12.62 -3.00 28.43
CA VAL A 36 11.67 -3.37 29.48
C VAL A 36 12.10 -2.73 30.80
N GLY A 37 13.41 -2.52 30.96
CA GLY A 37 13.94 -1.96 32.19
C GLY A 37 14.42 -2.99 33.19
N SER A 38 14.38 -4.27 32.83
CA SER A 38 14.78 -5.34 33.74
C SER A 38 16.29 -5.37 33.89
N ILE A 39 16.74 -5.77 35.07
CA ILE A 39 18.14 -5.83 35.44
C ILE A 39 18.46 -7.25 35.87
N THR A 40 19.66 -7.73 35.52
CA THR A 40 20.22 -8.93 36.12
C THR A 40 21.71 -8.72 36.36
N TYR A 41 22.33 -9.70 37.01
CA TYR A 41 23.77 -9.71 37.26
C TYR A 41 24.38 -11.00 36.70
N ASP A 42 25.40 -10.84 35.85
CA ASP A 42 26.05 -11.98 35.21
C ASP A 42 27.12 -12.50 36.15
N THR A 43 26.75 -13.52 36.93
CA THR A 43 27.68 -14.17 37.84
C THR A 43 28.53 -15.23 37.15
N LEU A 44 28.06 -15.75 36.00
CA LEU A 44 28.79 -16.78 35.27
C LEU A 44 30.09 -16.24 34.66
N SER A 45 30.14 -14.94 34.37
CA SER A 45 31.31 -14.34 33.74
C SER A 45 32.57 -14.52 34.58
N ALA A 46 32.41 -14.52 35.91
CA ALA A 46 33.58 -14.64 36.78
C ALA A 46 34.26 -16.00 36.63
N GLN A 47 33.48 -17.05 36.39
CA GLN A 47 34.02 -18.39 36.25
C GLN A 47 34.68 -18.64 34.89
N ALA A 48 34.93 -17.61 34.11
CA ALA A 48 35.50 -17.78 32.79
C ALA A 48 37.01 -17.92 32.87
N GLN A 49 37.62 -18.12 31.70
CA GLN A 49 38.77 -17.32 31.24
C GLN A 49 39.87 -17.96 30.43
N GLN A 50 39.56 -18.21 29.16
CA GLN A 50 40.52 -17.99 28.09
C GLN A 50 40.50 -16.50 27.77
N ASP A 51 41.66 -15.84 27.87
CA ASP A 51 41.67 -14.39 27.90
C ASP A 51 41.18 -13.80 26.57
N GLY A 52 40.09 -13.03 26.65
CA GLY A 52 39.63 -12.27 25.53
C GLY A 52 40.51 -11.08 25.21
N PRO A 53 40.11 -10.31 24.20
CA PRO A 53 41.01 -9.29 23.63
C PRO A 53 40.91 -7.91 24.23
N CYS A 54 39.89 -7.66 25.04
CA CYS A 54 39.66 -6.32 25.56
C CYS A 54 40.53 -6.06 26.78
N THR A 55 40.83 -4.78 27.01
CA THR A 55 41.55 -4.30 28.17
C THR A 55 40.83 -3.06 28.68
N PRO A 56 41.09 -2.63 29.92
CA PRO A 56 40.47 -1.40 30.42
C PRO A 56 40.71 -0.19 29.53
N ARG A 57 41.76 -0.19 28.70
CA ARG A 57 42.04 0.98 27.91
C ARG A 57 41.43 0.95 26.51
N ARG A 58 40.94 -0.19 26.03
CA ARG A 58 40.37 -0.25 24.69
C ARG A 58 39.58 -1.54 24.47
N CYS A 59 38.39 -1.42 23.93
CA CYS A 59 37.52 -2.55 23.65
C CYS A 59 37.75 -3.02 22.22
N LEU A 60 37.98 -4.31 22.03
CA LEU A 60 38.11 -4.92 20.71
C LEU A 60 36.99 -5.92 20.46
N GLY A 61 35.79 -5.60 20.92
CA GLY A 61 34.68 -6.53 20.82
C GLY A 61 34.19 -6.80 19.41
N SER A 62 34.50 -5.92 18.47
CA SER A 62 34.01 -6.04 17.09
C SER A 62 34.94 -6.84 16.18
N LEU A 63 36.07 -7.32 16.70
CA LEU A 63 37.07 -8.02 15.90
C LEU A 63 36.58 -9.45 15.62
N VAL A 64 36.69 -9.88 14.37
CA VAL A 64 36.13 -11.19 14.01
C VAL A 64 36.94 -12.32 14.62
N PHE A 65 38.26 -12.17 14.66
CA PHE A 65 39.15 -13.14 15.32
C PHE A 65 39.81 -12.47 16.51
N PRO A 66 39.46 -12.85 17.75
CA PRO A 66 40.20 -12.33 18.92
C PRO A 66 41.70 -12.55 18.79
N ARG A 67 42.41 -11.44 18.51
CA ARG A 67 43.77 -11.40 17.98
C ARG A 67 44.00 -12.51 16.95
N LYS A 68 44.92 -13.44 17.23
CA LYS A 68 45.29 -14.43 16.23
C LYS A 68 45.44 -15.81 16.87
N LEU A 69 45.54 -16.82 16.02
CA LEU A 69 45.40 -18.22 16.40
C LEU A 69 46.69 -18.79 17.00
N ALA A 79 55.43 -31.69 28.03
CA ALA A 79 55.02 -31.09 29.30
C ALA A 79 53.51 -30.79 29.32
N PRO A 80 52.69 -31.83 29.52
CA PRO A 80 51.24 -31.62 29.58
C PRO A 80 50.70 -31.70 31.00
N GLU A 81 51.17 -30.82 31.88
CA GLU A 81 50.62 -30.74 33.23
C GLU A 81 49.22 -30.14 33.21
N GLN A 82 48.95 -29.24 32.26
CA GLN A 82 47.68 -28.54 32.20
C GLN A 82 46.60 -29.31 31.46
N LEU A 83 46.93 -30.41 30.78
CA LEU A 83 45.87 -31.26 30.25
C LEU A 83 45.00 -31.80 31.39
N LEU A 84 45.64 -32.23 32.49
CA LEU A 84 44.89 -32.75 33.63
C LEU A 84 43.96 -31.69 34.22
N SER A 85 44.48 -30.48 34.47
CA SER A 85 43.63 -29.48 35.12
C SER A 85 42.41 -29.13 34.28
N GLN A 86 42.52 -29.17 32.94
CA GLN A 86 41.37 -28.93 32.07
C GLN A 86 40.41 -30.13 32.05
N ALA A 87 40.93 -31.34 32.22
CA ALA A 87 40.09 -32.54 32.23
C ALA A 87 39.32 -32.66 33.54
N ARG A 88 39.99 -32.37 34.66
CA ARG A 88 39.33 -32.39 35.95
C ARG A 88 38.18 -31.40 36.01
N ASP A 89 38.39 -30.17 35.50
CA ASP A 89 37.30 -29.20 35.45
C ASP A 89 36.12 -29.74 34.66
N PHE A 90 36.38 -30.24 33.46
CA PHE A 90 35.30 -30.74 32.62
C PHE A 90 34.56 -31.89 33.29
N ILE A 91 35.30 -32.89 33.79
CA ILE A 91 34.68 -34.01 34.48
C ILE A 91 33.81 -33.52 35.63
N ASN A 92 34.28 -32.49 36.34
CA ASN A 92 33.55 -31.97 37.49
C ASN A 92 32.19 -31.41 37.07
N GLN A 93 32.15 -30.64 35.97
CA GLN A 93 30.87 -30.08 35.53
C GLN A 93 29.98 -31.11 34.84
N TYR A 94 30.53 -32.23 34.36
CA TYR A 94 29.66 -33.30 33.87
C TYR A 94 28.85 -33.91 35.01
N TYR A 95 29.52 -34.19 36.13
CA TYR A 95 28.83 -34.77 37.28
C TYR A 95 28.01 -33.73 38.03
N SER A 96 28.39 -32.45 37.94
CA SER A 96 27.55 -31.39 38.46
C SER A 96 26.17 -31.43 37.82
N SER A 97 26.14 -31.53 36.49
CA SER A 97 24.88 -31.44 35.75
C SER A 97 23.99 -32.65 35.99
N ILE A 98 24.54 -33.79 36.38
CA ILE A 98 23.70 -34.99 36.57
C ILE A 98 23.47 -35.25 38.05
N LYS A 99 23.43 -34.19 38.85
CA LYS A 99 23.08 -34.26 40.28
C LYS A 99 24.02 -35.15 41.08
N ARG A 100 25.26 -35.33 40.63
CA ARG A 100 26.08 -36.46 41.10
C ARG A 100 27.50 -36.02 41.46
N SER A 101 27.61 -35.16 42.48
CA SER A 101 28.89 -34.74 43.03
C SER A 101 28.91 -34.99 44.53
N GLY A 102 30.01 -35.58 45.02
CA GLY A 102 30.17 -35.87 46.43
C GLY A 102 29.46 -37.11 46.94
N SER A 103 30.04 -38.30 46.68
CA SER A 103 29.56 -39.63 47.05
C SER A 103 30.27 -40.62 46.15
N GLN A 104 29.48 -41.41 45.42
CA GLN A 104 29.55 -41.48 43.96
C GLN A 104 30.54 -42.31 43.15
N ALA A 105 30.32 -42.20 41.83
CA ALA A 105 31.14 -42.72 40.75
C ALA A 105 31.96 -41.64 40.06
N HIS A 106 31.86 -40.39 40.52
CA HIS A 106 32.60 -39.29 39.93
C HIS A 106 34.04 -39.25 40.43
N GLU A 107 34.26 -39.60 41.71
CA GLU A 107 35.64 -39.72 42.20
C GLU A 107 36.40 -40.81 41.46
N GLN A 108 35.69 -41.79 40.91
CA GLN A 108 36.35 -42.91 40.22
C GLN A 108 36.69 -42.53 38.79
N ARG A 109 35.79 -41.79 38.12
CA ARG A 109 36.14 -41.16 36.86
C ARG A 109 37.32 -40.21 37.03
N LEU A 110 37.39 -39.50 38.17
CA LEU A 110 38.51 -38.59 38.42
C LEU A 110 39.84 -39.34 38.37
N GLN A 111 39.88 -40.57 38.89
CA GLN A 111 41.15 -41.27 38.96
C GLN A 111 41.49 -42.01 37.66
N GLU A 112 40.50 -42.56 36.96
CA GLU A 112 40.78 -43.19 35.68
C GLU A 112 41.34 -42.17 34.67
N VAL A 113 40.90 -40.91 34.74
CA VAL A 113 41.43 -39.91 33.82
C VAL A 113 42.90 -39.62 34.13
N GLU A 114 43.25 -39.45 35.41
CA GLU A 114 44.64 -39.15 35.72
C GLU A 114 45.54 -40.36 35.52
N ALA A 115 45.03 -41.57 35.76
CA ALA A 115 45.79 -42.76 35.40
C ALA A 115 45.97 -42.87 33.89
N GLU A 116 44.92 -42.53 33.12
CA GLU A 116 45.03 -42.57 31.66
C GLU A 116 46.11 -41.61 31.17
N VAL A 117 46.13 -40.38 31.70
CA VAL A 117 47.14 -39.41 31.29
C VAL A 117 48.52 -39.81 31.81
N ALA A 118 48.59 -40.33 33.04
CA ALA A 118 49.87 -40.83 33.55
C ALA A 118 50.43 -41.95 32.69
N ALA A 119 49.57 -42.69 32.00
CA ALA A 119 50.02 -43.82 31.18
C ALA A 119 50.34 -43.42 29.75
N THR A 120 49.39 -42.77 29.04
CA THR A 120 49.56 -42.47 27.62
C THR A 120 49.73 -40.97 27.34
N GLY A 121 49.51 -40.11 28.32
CA GLY A 121 49.64 -38.69 28.12
C GLY A 121 48.36 -37.98 27.73
N THR A 122 47.51 -38.64 26.93
CA THR A 122 46.19 -38.12 26.61
C THR A 122 45.16 -38.92 27.40
N TYR A 123 43.90 -38.86 26.98
CA TYR A 123 42.88 -39.74 27.55
C TYR A 123 41.67 -39.74 26.62
N GLN A 124 40.87 -40.80 26.75
CA GLN A 124 39.64 -40.97 25.98
C GLN A 124 38.45 -40.51 26.79
N LEU A 125 37.50 -39.86 26.11
CA LEU A 125 36.25 -39.45 26.72
C LEU A 125 35.23 -40.60 26.68
N ARG A 126 34.57 -40.85 27.82
CA ARG A 126 33.33 -41.63 27.80
C ARG A 126 32.34 -41.03 26.81
N GLU A 127 31.49 -41.89 26.25
CA GLU A 127 30.60 -41.47 25.18
C GLU A 127 29.61 -40.42 25.66
N SER A 128 29.15 -40.52 26.91
CA SER A 128 28.18 -39.57 27.46
C SER A 128 28.83 -38.24 27.79
N GLU A 129 30.07 -38.27 28.28
CA GLU A 129 30.85 -37.04 28.43
C GLU A 129 31.02 -36.37 27.08
N LEU A 130 31.37 -37.14 26.05
CA LEU A 130 31.48 -36.58 24.71
C LEU A 130 30.17 -35.91 24.29
N VAL A 131 29.03 -36.57 24.54
CA VAL A 131 27.75 -35.94 24.21
C VAL A 131 27.56 -34.68 25.04
N PHE A 132 27.79 -34.78 26.35
CA PHE A 132 27.64 -33.62 27.22
C PHE A 132 28.54 -32.47 26.77
N GLY A 133 29.80 -32.77 26.43
CA GLY A 133 30.72 -31.73 26.01
C GLY A 133 30.32 -31.04 24.72
N ALA A 134 29.84 -31.81 23.74
CA ALA A 134 29.43 -31.21 22.48
C ALA A 134 28.27 -30.25 22.69
N LYS A 135 27.30 -30.64 23.52
CA LYS A 135 26.18 -29.77 23.81
C LYS A 135 26.63 -28.53 24.58
N GLN A 136 27.63 -28.67 25.46
CA GLN A 136 28.11 -27.55 26.26
C GLN A 136 28.87 -26.54 25.40
N ALA A 137 29.68 -27.03 24.47
CA ALA A 137 30.36 -26.15 23.54
C ALA A 137 29.37 -25.32 22.73
N TRP A 138 28.28 -25.95 22.27
CA TRP A 138 27.24 -25.19 21.57
C TRP A 138 26.59 -24.17 22.49
N ARG A 139 26.23 -24.60 23.71
CA ARG A 139 25.62 -23.71 24.69
C ARG A 139 26.52 -22.53 25.02
N ASN A 140 27.83 -22.70 24.89
CA ASN A 140 28.80 -21.71 25.33
C ASN A 140 29.21 -20.76 24.22
N ALA A 141 28.73 -20.97 22.98
CA ALA A 141 29.15 -20.22 21.80
C ALA A 141 28.54 -18.82 21.80
N PRO A 142 29.32 -17.77 22.07
CA PRO A 142 28.72 -16.44 22.25
C PRO A 142 28.03 -15.90 21.01
N ARG A 143 28.45 -16.33 19.82
CA ARG A 143 27.96 -15.78 18.57
C ARG A 143 26.75 -16.52 18.01
N CYS A 144 26.26 -17.55 18.69
CA CYS A 144 25.16 -18.36 18.16
C CYS A 144 23.84 -17.88 18.74
N VAL A 145 22.95 -17.40 17.86
CA VAL A 145 21.60 -16.98 18.26
C VAL A 145 20.63 -18.13 18.41
N GLY A 146 20.99 -19.34 17.97
CA GLY A 146 20.06 -20.46 17.96
C GLY A 146 20.14 -21.36 19.18
N ARG A 147 20.76 -20.85 20.27
CA ARG A 147 21.14 -21.71 21.38
C ARG A 147 19.96 -22.17 22.25
N ILE A 148 18.76 -21.67 22.02
CA ILE A 148 17.61 -22.23 22.72
C ILE A 148 17.50 -23.74 22.43
N GLN A 149 18.01 -24.20 21.28
CA GLN A 149 18.00 -25.59 20.85
C GLN A 149 19.14 -26.42 21.42
N TRP A 150 19.98 -25.85 22.29
CA TRP A 150 21.25 -26.48 22.57
C TRP A 150 21.08 -27.86 23.20
N GLY A 151 19.92 -28.14 23.79
CA GLY A 151 19.69 -29.45 24.40
C GLY A 151 19.31 -30.54 23.42
N LYS A 152 18.81 -30.19 22.23
CA LYS A 152 18.51 -31.16 21.17
C LYS A 152 19.68 -31.12 20.18
N LEU A 153 20.63 -32.02 20.37
CA LEU A 153 21.80 -32.14 19.50
C LEU A 153 22.11 -33.62 19.34
N GLN A 154 22.15 -34.09 18.09
CA GLN A 154 22.49 -35.47 17.79
C GLN A 154 23.99 -35.57 17.57
N VAL A 155 24.66 -36.42 18.34
CA VAL A 155 26.11 -36.48 18.38
C VAL A 155 26.56 -37.83 17.86
N PHE A 156 27.08 -37.85 16.64
CA PHE A 156 27.66 -39.06 16.06
C PHE A 156 29.11 -39.17 16.47
N ASP A 157 29.44 -40.30 17.09
CA ASP A 157 30.79 -40.56 17.59
C ASP A 157 31.59 -41.25 16.48
N ALA A 158 32.63 -40.57 15.99
CA ALA A 158 33.41 -41.09 14.87
C ALA A 158 34.88 -41.16 15.23
N ARG A 159 35.18 -41.37 16.51
CA ARG A 159 36.56 -41.35 16.97
C ARG A 159 37.33 -42.61 16.56
N ASP A 160 36.64 -43.69 16.20
CA ASP A 160 37.31 -44.91 15.79
C ASP A 160 37.62 -44.87 14.29
N CYS A 161 37.75 -43.68 13.74
CA CYS A 161 37.96 -43.49 12.31
C CYS A 161 39.45 -43.52 11.97
N ARG A 162 39.75 -43.90 10.73
CA ARG A 162 41.15 -44.06 10.33
C ARG A 162 41.36 -43.95 8.82
N SER A 163 40.33 -43.54 8.08
CA SER A 163 40.51 -43.40 6.64
C SER A 163 39.70 -42.21 6.14
N ALA A 164 40.27 -41.49 5.17
CA ALA A 164 39.56 -40.37 4.56
C ALA A 164 38.31 -40.86 3.81
N GLN A 165 38.31 -42.09 3.32
CA GLN A 165 37.09 -42.66 2.77
C GLN A 165 36.08 -42.94 3.86
N GLU A 166 36.54 -43.38 5.04
CA GLU A 166 35.66 -43.49 6.18
C GLU A 166 35.02 -42.14 6.49
N MET A 167 35.85 -41.10 6.66
CA MET A 167 35.35 -39.75 6.89
C MET A 167 34.22 -39.42 5.93
N PHE A 168 34.47 -39.60 4.63
CA PHE A 168 33.45 -39.25 3.65
C PHE A 168 32.15 -39.97 3.92
N THR A 169 32.22 -41.21 4.40
CA THR A 169 31.01 -41.96 4.72
C THR A 169 30.35 -41.43 5.99
N TYR A 170 31.15 -41.09 7.01
CA TYR A 170 30.61 -40.41 8.18
C TYR A 170 29.90 -39.12 7.79
N ILE A 171 30.63 -38.22 7.11
CA ILE A 171 30.06 -36.96 6.67
C ILE A 171 28.78 -37.20 5.87
N CYS A 172 28.76 -38.28 5.08
CA CYS A 172 27.58 -38.55 4.27
C CYS A 172 26.40 -39.02 5.12
N ASN A 173 26.66 -39.74 6.20
CA ASN A 173 25.59 -40.11 7.13
C ASN A 173 24.99 -38.87 7.78
N HIS A 174 25.84 -38.11 8.47
CA HIS A 174 25.47 -36.82 9.05
C HIS A 174 24.56 -36.00 8.13
N ILE A 175 25.09 -35.64 6.95
CA ILE A 175 24.31 -34.83 6.02
C ILE A 175 22.94 -35.45 5.79
N LYS A 176 22.89 -36.77 5.56
CA LYS A 176 21.62 -37.43 5.29
C LYS A 176 20.69 -37.32 6.50
N TYR A 177 21.21 -37.63 7.70
CA TYR A 177 20.41 -37.53 8.91
C TYR A 177 20.00 -36.08 9.17
N ALA A 178 20.98 -35.17 9.20
CA ALA A 178 20.68 -33.77 9.47
C ALA A 178 19.67 -33.21 8.47
N THR A 179 19.78 -33.58 7.19
CA THR A 179 18.88 -33.03 6.19
C THR A 179 17.47 -33.56 6.38
N ASN A 180 17.34 -34.88 6.53
CA ASN A 180 16.06 -35.52 6.87
C ASN A 180 14.95 -35.02 5.96
N ARG A 181 15.25 -35.00 4.66
CA ARG A 181 14.27 -34.63 3.64
C ARG A 181 13.68 -33.24 3.86
N GLY A 182 14.43 -32.36 4.53
CA GLY A 182 14.01 -30.99 4.75
C GLY A 182 13.56 -30.69 6.15
N ASN A 183 13.32 -31.70 6.98
CA ASN A 183 12.95 -31.50 8.37
C ASN A 183 14.22 -31.58 9.21
N LEU A 184 14.96 -30.47 9.23
CA LEU A 184 16.34 -30.49 9.71
C LEU A 184 16.44 -30.78 11.19
N ARG A 185 17.48 -31.53 11.55
CA ARG A 185 17.77 -31.88 12.93
C ARG A 185 19.22 -31.52 13.20
N SER A 186 19.47 -30.88 14.34
CA SER A 186 20.82 -30.49 14.70
C SER A 186 21.69 -31.72 14.92
N ALA A 187 22.94 -31.65 14.45
CA ALA A 187 23.81 -32.81 14.52
C ALA A 187 25.24 -32.36 14.46
N ILE A 188 26.09 -33.08 15.18
CA ILE A 188 27.53 -32.94 15.06
C ILE A 188 28.12 -34.34 14.96
N THR A 189 29.16 -34.50 14.14
CA THR A 189 29.95 -35.72 14.09
C THR A 189 31.35 -35.43 14.62
N VAL A 190 31.80 -36.22 15.58
CA VAL A 190 33.05 -35.99 16.30
C VAL A 190 34.10 -37.00 15.85
N PHE A 191 35.15 -36.50 15.23
CA PHE A 191 36.22 -37.30 14.65
C PHE A 191 37.36 -37.45 15.65
N PRO A 192 38.38 -38.28 15.35
CA PRO A 192 39.40 -38.58 16.36
C PRO A 192 40.13 -37.34 16.83
N GLN A 193 40.43 -37.33 18.13
CA GLN A 193 41.10 -36.20 18.73
C GLN A 193 42.56 -36.15 18.29
N ARG A 194 43.05 -34.93 18.04
CA ARG A 194 44.49 -34.71 17.89
C ARG A 194 45.25 -35.32 19.07
N CYS A 195 46.39 -35.92 18.77
CA CYS A 195 47.17 -36.62 19.79
C CYS A 195 48.65 -36.32 19.59
N PRO A 196 49.46 -36.45 20.67
CA PRO A 196 50.90 -36.12 20.61
C PRO A 196 51.61 -36.49 19.31
N GLY A 197 52.20 -35.48 18.66
CA GLY A 197 52.86 -35.70 17.37
C GLY A 197 51.84 -35.99 16.30
N ARG A 198 52.13 -37.01 15.50
CA ARG A 198 51.16 -37.65 14.58
C ARG A 198 50.64 -36.60 13.59
N GLY A 199 49.34 -36.62 13.28
CA GLY A 199 48.75 -35.71 12.31
C GLY A 199 47.32 -35.37 12.67
N ASP A 200 46.58 -34.75 11.75
CA ASP A 200 45.27 -34.21 12.04
C ASP A 200 44.24 -34.68 11.02
N PHE A 201 43.09 -35.12 11.50
CA PHE A 201 41.89 -35.10 10.67
C PHE A 201 41.45 -33.66 10.48
N ARG A 202 41.10 -33.30 9.24
CA ARG A 202 40.75 -31.92 8.93
C ARG A 202 39.88 -31.89 7.68
N ILE A 203 38.70 -31.28 7.77
CA ILE A 203 37.95 -30.91 6.57
C ILE A 203 38.49 -29.59 6.06
N TRP A 204 38.74 -29.50 4.76
CA TRP A 204 39.36 -28.30 4.21
C TRP A 204 38.34 -27.26 3.79
N ASN A 205 37.16 -27.66 3.37
CA ASN A 205 36.11 -26.69 3.11
C ASN A 205 35.69 -26.03 4.42
N SER A 206 35.18 -24.80 4.31
CA SER A 206 34.67 -24.11 5.49
C SER A 206 33.30 -24.62 5.89
N GLN A 207 32.50 -25.07 4.93
CA GLN A 207 31.25 -25.77 5.21
C GLN A 207 31.19 -27.06 4.40
N LEU A 208 30.20 -27.89 4.72
CA LEU A 208 30.01 -29.11 3.94
C LEU A 208 29.46 -28.79 2.56
N VAL A 209 28.51 -27.86 2.48
CA VAL A 209 27.96 -27.41 1.21
C VAL A 209 28.42 -25.97 0.96
N ARG A 210 29.17 -25.76 -0.13
CA ARG A 210 29.71 -24.46 -0.51
C ARG A 210 29.64 -24.31 -2.02
N TYR A 211 29.18 -23.16 -2.49
CA TYR A 211 29.11 -22.92 -3.92
C TYR A 211 30.45 -22.42 -4.47
N ALA A 212 30.66 -22.68 -5.75
CA ALA A 212 31.97 -22.48 -6.36
C ALA A 212 32.23 -20.99 -6.60
N GLY A 213 33.50 -20.62 -6.48
CA GLY A 213 33.92 -19.27 -6.81
C GLY A 213 35.00 -19.28 -7.87
N TYR A 214 34.64 -18.90 -9.09
CA TYR A 214 35.56 -18.97 -10.23
C TYR A 214 36.02 -17.56 -10.58
N ARG A 215 37.28 -17.25 -10.31
CA ARG A 215 37.84 -16.00 -10.82
C ARG A 215 37.93 -16.09 -12.34
N GLN A 216 38.38 -15.01 -12.97
CA GLN A 216 37.99 -14.90 -14.38
C GLN A 216 38.83 -13.86 -15.11
N GLN A 217 38.70 -13.87 -16.43
CA GLN A 217 38.97 -12.79 -17.37
C GLN A 217 39.21 -11.43 -16.73
N ASP A 218 38.22 -10.93 -15.99
CA ASP A 218 38.26 -9.61 -15.37
C ASP A 218 38.90 -9.60 -13.99
N GLY A 219 39.31 -10.75 -13.46
CA GLY A 219 39.64 -10.83 -12.06
C GLY A 219 38.35 -10.83 -11.25
N SER A 220 37.24 -10.80 -11.98
CA SER A 220 35.91 -10.92 -11.40
C SER A 220 35.60 -12.38 -11.12
N VAL A 221 34.50 -12.62 -10.42
CA VAL A 221 34.13 -13.95 -9.96
C VAL A 221 32.73 -14.30 -10.43
N ARG A 222 32.56 -15.53 -10.89
CA ARG A 222 31.26 -16.15 -11.11
C ARG A 222 31.06 -17.20 -10.02
N GLY A 223 29.89 -17.17 -9.38
CA GLY A 223 29.68 -17.97 -8.19
C GLY A 223 29.93 -17.21 -6.90
N ASP A 224 30.48 -17.87 -5.88
CA ASP A 224 30.56 -17.31 -4.55
C ASP A 224 31.95 -16.79 -4.29
N PRO A 225 32.14 -15.48 -4.19
CA PRO A 225 33.48 -14.94 -3.88
C PRO A 225 34.04 -15.40 -2.54
N ALA A 226 33.20 -15.77 -1.58
CA ALA A 226 33.72 -16.30 -0.33
C ALA A 226 34.53 -17.58 -0.52
N ASN A 227 34.25 -18.35 -1.58
CA ASN A 227 34.84 -19.67 -1.77
C ASN A 227 35.84 -19.72 -2.93
N VAL A 228 36.40 -18.57 -3.32
CA VAL A 228 37.38 -18.55 -4.42
C VAL A 228 38.62 -19.35 -4.06
N GLU A 229 39.14 -19.12 -2.84
CA GLU A 229 40.36 -19.80 -2.41
C GLU A 229 40.20 -21.32 -2.45
N ILE A 230 39.10 -21.82 -1.90
CA ILE A 230 38.94 -23.27 -1.82
C ILE A 230 38.57 -23.84 -3.19
N THR A 231 37.80 -23.10 -3.99
CA THR A 231 37.50 -23.54 -5.36
C THR A 231 38.78 -23.83 -6.15
N GLU A 232 39.87 -23.16 -5.81
CA GLU A 232 41.12 -23.36 -6.55
C GLU A 232 41.98 -24.48 -5.96
N LEU A 233 41.87 -24.75 -4.66
CA LEU A 233 42.50 -25.96 -4.12
C LEU A 233 41.79 -27.21 -4.62
N CYS A 234 40.48 -27.12 -4.87
CA CYS A 234 39.75 -28.25 -5.45
C CYS A 234 40.29 -28.59 -6.82
N ILE A 235 40.46 -27.59 -7.68
CA ILE A 235 40.90 -27.86 -9.05
C ILE A 235 42.38 -28.25 -9.06
N GLN A 236 43.18 -27.65 -8.18
CA GLN A 236 44.60 -28.01 -8.13
C GLN A 236 44.84 -29.39 -7.54
N HIS A 237 43.81 -30.03 -6.99
CA HIS A 237 43.88 -31.41 -6.53
C HIS A 237 43.07 -32.36 -7.40
N GLY A 238 42.61 -31.91 -8.56
CA GLY A 238 42.04 -32.80 -9.55
C GLY A 238 40.60 -32.56 -9.91
N TRP A 239 39.92 -31.55 -9.36
CA TRP A 239 38.51 -31.36 -9.66
C TRP A 239 38.34 -30.73 -11.04
N THR A 240 37.41 -31.27 -11.82
CA THR A 240 37.04 -30.65 -13.08
C THR A 240 36.05 -29.52 -12.80
N PRO A 241 36.39 -28.25 -13.13
CA PRO A 241 35.48 -27.13 -12.84
C PRO A 241 34.10 -27.30 -13.45
N GLY A 242 33.19 -26.37 -13.18
CA GLY A 242 31.81 -26.54 -13.56
C GLY A 242 31.26 -25.32 -14.29
N ASN A 243 29.94 -25.38 -14.49
CA ASN A 243 29.09 -24.28 -14.94
C ASN A 243 29.53 -22.93 -14.39
N GLY A 244 28.96 -22.54 -13.25
CA GLY A 244 29.31 -21.27 -12.64
C GLY A 244 28.67 -20.98 -11.31
N ARG A 245 27.54 -20.27 -11.35
CA ARG A 245 27.12 -19.45 -10.22
C ARG A 245 26.68 -20.25 -9.00
N PHE A 246 26.28 -21.53 -9.16
CA PHE A 246 25.84 -22.37 -8.04
C PHE A 246 26.31 -23.82 -8.25
N ASP A 247 27.61 -24.06 -8.16
CA ASP A 247 28.15 -25.42 -8.24
C ASP A 247 28.59 -25.85 -6.85
N VAL A 248 27.95 -26.90 -6.33
CA VAL A 248 28.37 -27.48 -5.06
C VAL A 248 29.80 -27.95 -5.19
N LEU A 249 30.69 -27.39 -4.37
CA LEU A 249 32.08 -27.79 -4.43
C LEU A 249 32.26 -29.19 -3.87
N PRO A 250 33.33 -29.87 -4.25
CA PRO A 250 33.64 -31.18 -3.66
C PRO A 250 34.40 -31.04 -2.34
N LEU A 251 34.28 -32.08 -1.52
CA LEU A 251 34.92 -32.08 -0.21
C LEU A 251 36.40 -32.39 -0.32
N LEU A 252 37.21 -31.76 0.53
CA LEU A 252 38.64 -32.01 0.59
C LEU A 252 38.96 -32.54 1.98
N LEU A 253 39.02 -33.87 2.10
CA LEU A 253 39.12 -34.53 3.40
C LEU A 253 40.55 -35.03 3.62
N GLN A 254 41.09 -34.73 4.81
CA GLN A 254 42.50 -34.96 5.12
C GLN A 254 42.60 -35.91 6.31
N ALA A 255 42.99 -37.17 6.05
CA ALA A 255 43.31 -38.12 7.10
C ALA A 255 44.73 -37.86 7.60
N PRO A 256 45.05 -38.21 8.87
CA PRO A 256 46.36 -37.88 9.46
C PRO A 256 47.54 -38.16 8.54
N ASP A 257 48.49 -37.21 8.51
CA ASP A 257 49.67 -37.27 7.65
C ASP A 257 49.33 -37.28 6.17
N GLU A 258 48.52 -38.23 5.72
CA GLU A 258 48.22 -38.39 4.31
C GLU A 258 47.66 -37.10 3.74
N PRO A 259 47.97 -36.75 2.49
CA PRO A 259 47.48 -35.49 1.92
C PRO A 259 46.01 -35.58 1.56
N PRO A 260 45.33 -34.44 1.46
CA PRO A 260 43.88 -34.47 1.28
C PRO A 260 43.47 -35.01 -0.08
N GLU A 261 42.36 -35.74 -0.10
CA GLU A 261 41.76 -36.27 -1.31
C GLU A 261 40.39 -35.62 -1.55
N LEU A 262 39.98 -35.58 -2.82
CA LEU A 262 38.70 -35.01 -3.19
C LEU A 262 37.62 -36.08 -3.16
N PHE A 263 36.42 -35.68 -2.72
CA PHE A 263 35.24 -36.55 -2.77
C PHE A 263 34.07 -35.76 -3.32
N LEU A 264 33.35 -36.35 -4.27
CA LEU A 264 32.20 -35.69 -4.86
C LEU A 264 30.97 -35.94 -4.00
N LEU A 265 30.20 -34.89 -3.81
CA LEU A 265 28.97 -35.04 -3.04
C LEU A 265 27.85 -35.49 -3.97
N PRO A 266 27.12 -36.55 -3.63
CA PRO A 266 25.98 -36.97 -4.45
C PRO A 266 24.92 -35.89 -4.50
N PRO A 267 24.45 -35.52 -5.69
CA PRO A 267 23.37 -34.53 -5.78
C PRO A 267 22.10 -34.95 -5.09
N GLU A 268 21.96 -36.25 -4.79
CA GLU A 268 20.83 -36.74 -4.02
C GLU A 268 20.93 -36.33 -2.56
N LEU A 269 22.14 -36.15 -2.06
CA LEU A 269 22.36 -35.84 -0.66
C LEU A 269 22.37 -34.34 -0.37
N VAL A 270 22.37 -33.50 -1.40
CA VAL A 270 22.48 -32.06 -1.24
C VAL A 270 21.15 -31.41 -1.58
N LEU A 271 20.30 -31.25 -0.57
CA LEU A 271 19.01 -30.63 -0.76
C LEU A 271 19.19 -29.13 -1.01
N GLU A 272 18.56 -28.63 -2.07
CA GLU A 272 18.69 -27.24 -2.43
C GLU A 272 17.32 -26.67 -2.65
N VAL A 273 17.24 -25.35 -2.50
CA VAL A 273 15.98 -24.62 -2.56
C VAL A 273 16.06 -23.58 -3.67
N PRO A 274 15.29 -23.73 -4.75
CA PRO A 274 15.18 -22.65 -5.73
C PRO A 274 14.43 -21.48 -5.10
N LEU A 275 14.90 -20.27 -5.38
CA LEU A 275 14.34 -19.10 -4.73
C LEU A 275 13.26 -18.51 -5.62
N GLU A 276 12.10 -18.27 -5.03
CA GLU A 276 10.98 -17.67 -5.73
CA GLU A 276 10.99 -17.65 -5.74
C GLU A 276 10.34 -16.65 -4.80
N HIS A 277 9.66 -15.68 -5.38
CA HIS A 277 9.03 -14.70 -4.53
C HIS A 277 7.52 -14.85 -4.61
N PRO A 278 6.82 -14.79 -3.46
CA PRO A 278 5.37 -15.05 -3.46
C PRO A 278 4.57 -14.16 -4.39
N THR A 279 5.02 -12.93 -4.67
CA THR A 279 4.24 -12.05 -5.53
C THR A 279 5.04 -11.37 -6.63
N LEU A 280 6.35 -11.57 -6.69
CA LEU A 280 7.19 -10.96 -7.72
C LEU A 280 7.52 -12.10 -8.68
N GLU A 281 6.70 -12.17 -9.74
CA GLU A 281 6.73 -13.27 -10.69
C GLU A 281 8.13 -13.48 -11.27
N TRP A 282 8.84 -12.39 -11.54
CA TRP A 282 10.14 -12.48 -12.21
C TRP A 282 11.27 -12.95 -11.29
N PHE A 283 11.03 -13.11 -9.99
CA PHE A 283 12.15 -13.39 -9.08
C PHE A 283 12.74 -14.77 -9.36
N ALA A 284 11.88 -15.78 -9.59
CA ALA A 284 12.37 -17.11 -9.95
C ALA A 284 13.27 -17.07 -11.19
N ALA A 285 12.95 -16.18 -12.13
CA ALA A 285 13.74 -16.04 -13.36
C ALA A 285 15.19 -15.63 -13.09
N LEU A 286 15.45 -14.98 -11.95
CA LEU A 286 16.83 -14.66 -11.56
C LEU A 286 17.67 -15.89 -11.33
N GLY A 287 17.08 -17.10 -11.32
CA GLY A 287 17.85 -18.33 -11.19
C GLY A 287 18.57 -18.50 -9.87
N LEU A 288 18.06 -17.92 -8.79
CA LEU A 288 18.74 -18.00 -7.51
C LEU A 288 18.35 -19.26 -6.76
N ARG A 289 19.35 -19.90 -6.14
CA ARG A 289 19.12 -21.01 -5.23
C ARG A 289 20.02 -20.86 -4.01
N TRP A 290 19.67 -21.54 -2.92
CA TRP A 290 20.60 -21.79 -1.83
C TRP A 290 20.41 -23.21 -1.32
N TYR A 291 21.36 -23.70 -0.53
CA TYR A 291 21.24 -25.06 -0.04
C TYR A 291 20.52 -25.11 1.31
N ALA A 292 20.14 -26.33 1.69
CA ALA A 292 19.30 -26.52 2.85
C ALA A 292 20.10 -26.52 4.15
N LEU A 293 21.25 -27.18 4.18
CA LEU A 293 21.93 -27.49 5.43
C LEU A 293 23.12 -26.57 5.68
N PRO A 294 23.12 -25.75 6.77
CA PRO A 294 24.36 -25.07 7.15
C PRO A 294 25.20 -25.93 8.08
N ALA A 295 26.40 -26.34 7.65
CA ALA A 295 27.23 -27.26 8.42
C ALA A 295 28.66 -26.75 8.44
N VAL A 296 29.07 -26.19 9.58
CA VAL A 296 30.41 -25.62 9.73
C VAL A 296 31.41 -26.75 9.93
N SER A 297 32.41 -26.83 9.05
CA SER A 297 33.36 -27.94 9.01
C SER A 297 34.81 -27.50 9.17
N ASN A 298 35.07 -26.32 9.75
CA ASN A 298 36.45 -25.90 9.94
C ASN A 298 36.77 -25.47 11.37
N MET A 299 35.90 -25.68 12.34
CA MET A 299 36.20 -25.25 13.69
C MET A 299 36.62 -26.43 14.56
N LEU A 300 37.33 -26.10 15.63
CA LEU A 300 37.95 -27.08 16.51
C LEU A 300 37.13 -27.19 17.78
N LEU A 301 36.56 -28.37 17.99
CA LEU A 301 35.85 -28.69 19.22
C LEU A 301 36.87 -28.99 20.30
N GLU A 302 36.81 -28.26 21.40
CA GLU A 302 37.70 -28.49 22.53
C GLU A 302 36.85 -28.87 23.74
N ILE A 303 37.10 -30.05 24.28
CA ILE A 303 36.37 -30.57 25.44
C ILE A 303 37.39 -31.08 26.44
N GLY A 304 37.33 -30.56 27.67
CA GLY A 304 38.16 -31.05 28.76
C GLY A 304 39.64 -31.14 28.43
N GLY A 305 40.12 -30.23 27.60
CA GLY A 305 41.52 -30.24 27.22
C GLY A 305 41.83 -31.13 26.05
N LEU A 306 40.83 -31.62 25.34
CA LEU A 306 41.03 -32.43 24.14
C LEU A 306 40.60 -31.62 22.93
N GLU A 307 41.32 -31.76 21.84
CA GLU A 307 41.13 -30.94 20.66
C GLU A 307 40.70 -31.83 19.50
N PHE A 308 39.61 -31.45 18.83
CA PHE A 308 39.05 -32.23 17.73
C PHE A 308 39.06 -31.33 16.50
N PRO A 309 40.12 -31.38 15.68
CA PRO A 309 40.18 -30.48 14.51
C PRO A 309 39.12 -30.77 13.46
N ALA A 310 38.46 -31.92 13.54
CA ALA A 310 37.38 -32.25 12.62
C ALA A 310 36.18 -32.64 13.45
N ALA A 311 35.20 -31.76 13.54
CA ALA A 311 33.97 -32.00 14.29
C ALA A 311 32.86 -31.18 13.66
N PRO A 312 32.44 -31.52 12.45
CA PRO A 312 31.47 -30.69 11.74
C PRO A 312 30.13 -30.71 12.45
N PHE A 313 29.57 -29.52 12.69
CA PHE A 313 28.26 -29.40 13.29
C PHE A 313 27.31 -28.72 12.32
N SER A 314 26.02 -29.00 12.48
CA SER A 314 25.02 -28.51 11.55
C SER A 314 23.72 -28.27 12.28
N GLY A 315 22.98 -27.26 11.83
CA GLY A 315 21.66 -26.97 12.31
C GLY A 315 20.74 -26.60 11.17
N TRP A 316 19.97 -25.52 11.32
CA TRP A 316 19.20 -24.97 10.22
C TRP A 316 19.45 -23.46 10.13
N TYR A 317 19.08 -22.90 8.99
CA TYR A 317 19.41 -21.51 8.69
C TYR A 317 18.45 -20.56 9.40
N MET A 318 18.98 -19.41 9.78
CA MET A 318 18.17 -18.21 9.97
C MET A 318 18.15 -17.49 8.62
N SER A 319 16.97 -16.98 8.25
CA SER A 319 16.80 -16.53 6.87
C SER A 319 17.70 -15.34 6.53
N THR A 320 18.02 -14.44 7.47
CA THR A 320 18.89 -13.34 7.10
C THR A 320 20.27 -13.82 6.72
N GLU A 321 20.70 -14.96 7.26
CA GLU A 321 21.97 -15.54 6.82
C GLU A 321 22.02 -15.70 5.31
N ILE A 322 20.94 -16.20 4.72
CA ILE A 322 20.93 -16.47 3.28
C ILE A 322 20.66 -15.19 2.51
N GLY A 323 19.53 -14.55 2.82
CA GLY A 323 19.09 -13.42 2.03
C GLY A 323 19.92 -12.18 2.26
N THR A 324 20.26 -11.89 3.51
CA THR A 324 20.98 -10.66 3.75
C THR A 324 22.48 -10.83 3.57
N ARG A 325 23.08 -11.83 4.19
CA ARG A 325 24.53 -11.95 4.10
C ARG A 325 24.95 -12.58 2.77
N ASN A 326 24.55 -13.83 2.54
CA ASN A 326 25.07 -14.57 1.39
C ASN A 326 24.66 -13.93 0.07
N LEU A 327 23.42 -13.48 -0.03
CA LEU A 327 22.97 -12.93 -1.29
C LEU A 327 23.26 -11.44 -1.45
N CYS A 328 23.30 -10.66 -0.36
CA CYS A 328 23.36 -9.21 -0.52
C CYS A 328 24.68 -8.57 -0.14
N ASP A 329 25.56 -9.26 0.56
CA ASP A 329 26.85 -8.68 0.94
C ASP A 329 27.57 -8.23 -0.34
N PRO A 330 28.10 -7.00 -0.36
CA PRO A 330 28.83 -6.53 -1.55
C PRO A 330 29.92 -7.47 -2.01
N HIS A 331 30.49 -8.25 -1.10
CA HIS A 331 31.55 -9.20 -1.43
C HIS A 331 31.08 -10.64 -1.51
N ARG A 332 29.78 -10.88 -1.54
CA ARG A 332 29.20 -12.21 -1.74
C ARG A 332 28.52 -12.23 -3.11
N TYR A 333 27.26 -12.63 -3.23
CA TYR A 333 26.61 -12.66 -4.53
C TYR A 333 26.16 -11.28 -4.99
N ASN A 334 26.06 -10.32 -4.09
CA ASN A 334 25.93 -8.90 -4.45
C ASN A 334 24.76 -8.63 -5.38
N ILE A 335 23.59 -9.20 -5.06
CA ILE A 335 22.47 -9.15 -5.99
C ILE A 335 21.57 -7.96 -5.78
N LEU A 336 21.88 -7.10 -4.79
CA LEU A 336 20.92 -6.09 -4.36
C LEU A 336 20.44 -5.21 -5.52
N GLU A 337 21.39 -4.70 -6.31
CA GLU A 337 20.98 -3.79 -7.38
C GLU A 337 20.19 -4.52 -8.47
N ASP A 338 20.59 -5.74 -8.80
CA ASP A 338 19.82 -6.51 -9.77
C ASP A 338 18.35 -6.60 -9.37
N VAL A 339 18.08 -6.91 -8.10
CA VAL A 339 16.70 -6.99 -7.63
C VAL A 339 16.05 -5.63 -7.64
N ALA A 340 16.81 -4.58 -7.32
CA ALA A 340 16.24 -3.24 -7.27
C ALA A 340 15.81 -2.78 -8.66
N VAL A 341 16.60 -3.11 -9.69
CA VAL A 341 16.22 -2.79 -11.06
C VAL A 341 14.88 -3.44 -11.41
N CYS A 342 14.74 -4.74 -11.13
CA CYS A 342 13.51 -5.45 -11.45
C CYS A 342 12.32 -4.89 -10.70
N MET A 343 12.51 -4.41 -9.47
CA MET A 343 11.42 -3.80 -8.75
C MET A 343 11.16 -2.37 -9.19
N ASP A 344 11.96 -1.86 -10.10
CA ASP A 344 11.85 -0.49 -10.59
C ASP A 344 11.94 0.52 -9.44
N LEU A 345 13.00 0.36 -8.63
CA LEU A 345 13.22 1.28 -7.53
C LEU A 345 14.12 2.44 -7.96
N ASP A 346 14.05 3.54 -7.22
CA ASP A 346 14.85 4.72 -7.57
C ASP A 346 16.26 4.51 -7.03
N THR A 347 17.09 3.85 -7.82
CA THR A 347 18.45 3.56 -7.43
C THR A 347 19.40 4.75 -7.61
N ARG A 348 18.86 5.94 -7.93
CA ARG A 348 19.72 7.07 -8.21
C ARG A 348 19.96 7.94 -6.98
N THR A 349 19.25 7.69 -5.89
CA THR A 349 19.51 8.38 -4.64
C THR A 349 19.42 7.37 -3.49
N THR A 350 20.35 7.49 -2.53
CA THR A 350 20.32 6.57 -1.40
C THR A 350 19.06 6.74 -0.57
N SER A 351 18.48 7.93 -0.57
CA SER A 351 17.36 8.26 0.31
C SER A 351 16.04 7.69 -0.16
N SER A 352 15.99 6.99 -1.29
CA SER A 352 14.82 6.18 -1.61
C SER A 352 14.75 4.92 -0.76
N LEU A 353 15.84 4.59 -0.05
CA LEU A 353 15.97 3.33 0.69
C LEU A 353 15.70 2.13 -0.22
N TRP A 354 16.23 2.22 -1.45
CA TRP A 354 16.06 1.13 -2.39
C TRP A 354 16.84 -0.10 -1.95
N LYS A 355 17.99 0.10 -1.30
CA LYS A 355 18.70 -1.07 -0.78
C LYS A 355 17.86 -1.77 0.28
N ASP A 356 17.27 -0.97 1.19
CA ASP A 356 16.45 -1.52 2.26
C ASP A 356 15.24 -2.27 1.71
N LYS A 357 14.54 -1.67 0.74
CA LYS A 357 13.35 -2.30 0.17
C LYS A 357 13.72 -3.60 -0.54
N ALA A 358 14.74 -3.53 -1.40
CA ALA A 358 15.20 -4.72 -2.09
C ALA A 358 15.59 -5.80 -1.11
N ALA A 359 16.27 -5.43 -0.02
CA ALA A 359 16.79 -6.45 0.91
C ALA A 359 15.66 -7.21 1.59
N VAL A 360 14.60 -6.50 1.98
CA VAL A 360 13.48 -7.15 2.67
C VAL A 360 12.83 -8.18 1.76
N GLU A 361 12.63 -7.82 0.50
CA GLU A 361 11.98 -8.72 -0.45
C GLU A 361 12.82 -9.97 -0.71
N ILE A 362 14.14 -9.81 -0.80
CA ILE A 362 15.00 -10.99 -0.88
C ILE A 362 14.81 -11.89 0.33
N ASN A 363 14.70 -11.30 1.53
CA ASN A 363 14.43 -12.13 2.70
C ASN A 363 13.03 -12.74 2.65
N VAL A 364 12.04 -12.02 2.12
CA VAL A 364 10.72 -12.60 1.99
C VAL A 364 10.78 -13.80 1.06
N ALA A 365 11.52 -13.67 -0.03
CA ALA A 365 11.66 -14.76 -0.97
C ALA A 365 12.38 -15.95 -0.34
N VAL A 366 13.44 -15.69 0.44
CA VAL A 366 14.12 -16.80 1.10
C VAL A 366 13.13 -17.58 1.97
N LEU A 367 12.41 -16.86 2.85
CA LEU A 367 11.49 -17.51 3.79
C LEU A 367 10.40 -18.28 3.04
N HIS A 368 9.75 -17.62 2.08
CA HIS A 368 8.70 -18.25 1.29
C HIS A 368 9.21 -19.49 0.57
N SER A 369 10.41 -19.41 -0.03
CA SER A 369 10.94 -20.52 -0.80
C SER A 369 11.26 -21.72 0.09
N TYR A 370 11.87 -21.48 1.24
CA TYR A 370 12.13 -22.61 2.14
C TYR A 370 10.82 -23.23 2.65
N GLN A 371 9.85 -22.39 3.01
CA GLN A 371 8.58 -22.90 3.49
C GLN A 371 7.86 -23.72 2.42
N LEU A 372 7.80 -23.18 1.19
CA LEU A 372 7.17 -23.92 0.09
C LEU A 372 7.86 -25.26 -0.14
N ALA A 373 9.19 -25.28 -0.10
CA ALA A 373 9.95 -26.52 -0.21
C ALA A 373 9.98 -27.33 1.07
N LYS A 374 9.24 -26.92 2.09
CA LYS A 374 9.18 -27.66 3.37
C LYS A 374 10.58 -27.95 3.90
N VAL A 375 11.41 -26.91 3.91
CA VAL A 375 12.76 -26.98 4.49
C VAL A 375 12.77 -26.08 5.70
N THR A 376 13.24 -26.62 6.83
CA THR A 376 13.26 -25.87 8.08
C THR A 376 14.07 -24.58 7.93
N ILE A 377 13.43 -23.45 8.22
CA ILE A 377 14.12 -22.17 8.30
C ILE A 377 13.47 -21.39 9.44
N VAL A 378 14.19 -20.37 9.94
CA VAL A 378 13.66 -19.52 10.99
C VAL A 378 14.00 -18.06 10.66
N ASP A 379 13.02 -17.17 10.82
CA ASP A 379 13.23 -15.77 10.55
C ASP A 379 13.89 -15.11 11.77
N HIS A 380 14.44 -13.91 11.55
CA HIS A 380 15.24 -13.27 12.61
C HIS A 380 14.39 -12.81 13.79
N HIS A 381 13.11 -12.50 13.56
CA HIS A 381 12.22 -12.14 14.66
C HIS A 381 11.97 -13.33 15.56
N ALA A 382 11.56 -14.46 14.99
CA ALA A 382 11.37 -15.67 15.76
C ALA A 382 12.68 -16.09 16.44
N ALA A 383 13.80 -15.94 15.72
CA ALA A 383 15.06 -16.47 16.24
C ALA A 383 15.55 -15.65 17.42
N THR A 384 15.40 -14.32 17.36
CA THR A 384 15.87 -13.51 18.47
C THR A 384 14.90 -13.59 19.65
N ALA A 385 13.60 -13.73 19.38
CA ALA A 385 12.67 -13.91 20.49
C ALA A 385 12.95 -15.20 21.23
N SER A 386 13.30 -16.26 20.50
CA SER A 386 13.72 -17.49 21.16
CA SER A 386 13.72 -17.49 21.17
C SER A 386 15.02 -17.28 21.91
N PHE A 387 15.88 -16.38 21.43
CA PHE A 387 17.15 -16.20 22.11
C PHE A 387 16.95 -15.47 23.44
N MET A 388 16.02 -14.50 23.46
CA MET A 388 15.65 -13.84 24.71
C MET A 388 15.14 -14.84 25.72
N LYS A 389 14.32 -15.81 25.27
CA LYS A 389 13.87 -16.85 26.18
C LYS A 389 15.06 -17.66 26.66
N HIS A 390 15.98 -17.98 25.75
CA HIS A 390 17.21 -18.67 26.18
C HIS A 390 17.93 -17.89 27.26
N LEU A 391 18.02 -16.56 27.11
CA LEU A 391 18.72 -15.76 28.13
C LEU A 391 18.04 -15.88 29.48
N GLU A 392 16.70 -15.89 29.50
CA GLU A 392 15.96 -16.04 30.75
C GLU A 392 16.27 -17.39 31.40
N ASN A 393 16.13 -18.47 30.62
CA ASN A 393 16.51 -19.80 31.07
C ASN A 393 17.93 -19.84 31.62
N GLU A 394 18.88 -19.28 30.88
CA GLU A 394 20.26 -19.39 31.30
C GLU A 394 20.52 -18.63 32.59
N GLN A 395 19.75 -17.56 32.83
CA GLN A 395 19.93 -16.78 34.06
C GLN A 395 19.55 -17.61 35.28
N LYS A 396 18.45 -18.35 35.20
CA LYS A 396 18.08 -19.24 36.28
C LYS A 396 19.09 -20.37 36.43
N ALA A 397 19.42 -21.04 35.32
CA ALA A 397 20.25 -22.24 35.38
C ALA A 397 21.68 -21.93 35.82
N ARG A 398 22.35 -20.98 35.14
CA ARG A 398 23.77 -20.74 35.37
C ARG A 398 24.13 -19.31 35.76
N GLY A 399 23.15 -18.42 35.95
CA GLY A 399 23.47 -17.05 36.30
C GLY A 399 24.08 -16.20 35.20
N GLY A 400 23.72 -16.44 33.95
CA GLY A 400 24.21 -15.61 32.87
C GLY A 400 24.40 -16.43 31.60
N CYS A 401 24.87 -15.75 30.58
CA CYS A 401 25.01 -16.38 29.28
C CYS A 401 25.96 -15.54 28.44
N PRO A 402 27.11 -16.09 28.03
CA PRO A 402 28.02 -15.32 27.17
C PRO A 402 27.37 -15.08 25.82
N ALA A 403 27.41 -13.82 25.39
CA ALA A 403 26.67 -13.40 24.20
C ALA A 403 27.46 -12.28 23.54
N ASP A 404 27.57 -12.36 22.22
CA ASP A 404 28.32 -11.39 21.42
C ASP A 404 27.30 -10.52 20.69
N TRP A 405 27.08 -9.33 21.23
CA TRP A 405 26.02 -8.45 20.76
C TRP A 405 26.04 -8.24 19.25
N ALA A 406 27.23 -7.96 18.69
CA ALA A 406 27.34 -7.67 17.27
C ALA A 406 26.93 -8.85 16.38
N TRP A 407 27.03 -10.08 16.89
CA TRP A 407 26.65 -11.27 16.14
C TRP A 407 25.26 -11.77 16.49
N ILE A 408 24.75 -11.42 17.66
CA ILE A 408 23.43 -11.86 18.07
C ILE A 408 22.35 -10.96 17.47
N VAL A 409 22.62 -9.66 17.38
CA VAL A 409 21.72 -8.74 16.69
C VAL A 409 21.73 -9.05 15.19
N PRO A 410 20.57 -9.23 14.56
CA PRO A 410 20.53 -9.65 13.14
C PRO A 410 21.08 -8.58 12.23
N PRO A 411 21.51 -8.93 11.01
CA PRO A 411 22.14 -7.96 10.12
C PRO A 411 21.16 -7.04 9.41
N ILE A 412 19.86 -7.26 9.58
CA ILE A 412 18.85 -6.32 9.13
C ILE A 412 17.84 -6.19 10.25
N SER A 413 17.20 -5.02 10.33
CA SER A 413 16.13 -4.75 11.29
C SER A 413 16.56 -5.00 12.75
N GLY A 414 17.83 -4.79 13.05
CA GLY A 414 18.33 -4.98 14.40
C GLY A 414 17.46 -4.44 15.51
N SER A 415 17.15 -3.13 15.50
CA SER A 415 16.42 -2.59 16.65
C SER A 415 14.98 -3.03 16.71
N LEU A 416 14.46 -3.67 15.65
CA LEU A 416 13.11 -4.22 15.71
C LEU A 416 13.04 -5.55 16.46
N THR A 417 14.20 -6.15 16.77
CA THR A 417 14.23 -7.41 17.49
C THR A 417 14.56 -7.17 18.96
N PRO A 418 14.07 -8.05 19.84
CA PRO A 418 14.22 -7.81 21.28
C PRO A 418 15.66 -7.87 21.79
N VAL A 419 16.60 -8.43 21.04
CA VAL A 419 17.99 -8.50 21.52
C VAL A 419 18.73 -7.19 21.36
N PHE A 420 18.21 -6.27 20.54
CA PHE A 420 18.94 -5.04 20.27
C PHE A 420 19.08 -4.20 21.53
N HIS A 421 18.00 -4.08 22.30
CA HIS A 421 18.01 -3.23 23.49
C HIS A 421 18.48 -4.00 24.72
N GLN A 422 19.02 -5.20 24.53
CA GLN A 422 19.47 -6.06 25.61
C GLN A 422 20.99 -5.99 25.69
N GLU A 423 21.52 -5.48 26.82
CA GLU A 423 22.95 -5.53 27.06
C GLU A 423 23.43 -6.97 27.27
N MET A 424 24.67 -7.24 26.86
CA MET A 424 25.20 -8.59 26.88
C MET A 424 26.66 -8.58 27.33
N VAL A 425 27.06 -9.68 27.94
CA VAL A 425 28.43 -9.88 28.40
C VAL A 425 29.05 -11.01 27.58
N ASN A 426 30.21 -10.75 26.99
CA ASN A 426 30.94 -11.73 26.20
C ASN A 426 32.12 -12.25 26.99
N TYR A 427 32.34 -13.56 26.94
CA TYR A 427 33.47 -14.20 27.63
C TYR A 427 33.57 -15.65 27.17
N PHE A 428 34.70 -16.28 27.48
CA PHE A 428 35.00 -17.62 27.00
C PHE A 428 34.78 -18.65 28.10
N LEU A 429 33.87 -19.59 27.86
CA LEU A 429 33.72 -20.77 28.70
C LEU A 429 34.18 -22.01 27.95
N SER A 430 34.52 -23.05 28.71
CA SER A 430 34.88 -24.33 28.13
C SER A 430 33.88 -25.38 28.59
N PRO A 431 33.53 -26.37 27.74
CA PRO A 431 33.96 -26.65 26.36
C PRO A 431 33.58 -25.58 25.34
N ALA A 432 34.33 -25.48 24.25
CA ALA A 432 34.05 -24.44 23.27
C ALA A 432 34.35 -24.91 21.86
N PHE A 433 33.68 -24.27 20.90
CA PHE A 433 34.14 -24.26 19.51
C PHE A 433 35.09 -23.09 19.33
N ARG A 434 36.32 -23.39 18.91
CA ARG A 434 37.36 -22.41 18.68
C ARG A 434 37.67 -22.31 17.19
N TYR A 435 38.16 -21.15 16.78
CA TYR A 435 38.78 -21.04 15.48
C TYR A 435 40.16 -21.69 15.49
N GLN A 436 40.61 -22.10 14.31
CA GLN A 436 41.87 -22.83 14.22
C GLN A 436 42.54 -22.49 12.90
N PRO A 437 43.85 -22.65 12.82
CA PRO A 437 44.56 -22.41 11.54
C PRO A 437 44.01 -23.23 10.39
N ASP A 438 44.56 -23.00 9.21
CA ASP A 438 44.07 -23.60 7.96
C ASP A 438 45.28 -24.24 7.30
N PRO A 439 45.27 -25.58 6.99
CA PRO A 439 46.52 -26.23 6.59
C PRO A 439 46.99 -25.79 5.21
N TRP A 440 47.17 -24.49 5.04
CA TRP A 440 47.79 -23.94 3.85
C TRP A 440 49.12 -23.31 4.26
N LYS B 27 52.58 -3.98 19.48
CA LYS B 27 51.28 -4.41 19.98
C LYS B 27 50.23 -3.31 19.87
N PHE B 28 50.01 -2.84 18.64
CA PHE B 28 48.86 -2.02 18.29
C PHE B 28 47.80 -2.88 17.64
N PRO B 29 46.52 -2.63 17.94
CA PRO B 29 45.46 -3.54 17.46
C PRO B 29 45.33 -3.51 15.94
N ARG B 30 45.37 -4.69 15.34
CA ARG B 30 45.09 -4.84 13.92
C ARG B 30 43.58 -4.72 13.70
N VAL B 31 43.21 -3.99 12.65
CA VAL B 31 41.81 -3.65 12.37
C VAL B 31 41.55 -3.94 10.91
N LYS B 32 40.55 -4.75 10.62
CA LYS B 32 40.29 -5.15 9.25
C LYS B 32 38.87 -4.73 8.83
N ASN B 33 38.74 -4.40 7.55
CA ASN B 33 37.45 -4.23 6.91
C ASN B 33 37.16 -5.51 6.11
N TRP B 34 36.06 -6.18 6.43
CA TRP B 34 35.81 -7.49 5.84
C TRP B 34 35.07 -7.41 4.51
N GLU B 35 34.47 -6.27 4.19
CA GLU B 35 33.90 -6.10 2.85
C GLU B 35 34.99 -5.93 1.80
N VAL B 36 36.15 -5.38 2.18
CA VAL B 36 37.15 -4.93 1.22
C VAL B 36 38.51 -5.60 1.40
N GLY B 37 38.86 -6.06 2.59
CA GLY B 37 40.21 -6.56 2.84
C GLY B 37 41.19 -5.54 3.39
N SER B 38 40.78 -4.29 3.55
CA SER B 38 41.65 -3.27 4.13
C SER B 38 42.16 -3.71 5.50
N ILE B 39 43.40 -3.35 5.80
CA ILE B 39 44.01 -3.61 7.11
C ILE B 39 44.72 -2.34 7.56
N THR B 40 44.42 -1.89 8.78
CA THR B 40 45.13 -0.80 9.43
C THR B 40 45.45 -1.20 10.86
N TYR B 41 46.31 -0.42 11.52
CA TYR B 41 46.67 -0.65 12.91
C TYR B 41 46.37 0.62 13.70
N ASP B 42 45.74 0.47 14.86
CA ASP B 42 45.24 1.62 15.61
C ASP B 42 46.27 2.00 16.68
N THR B 43 47.25 2.82 16.28
CA THR B 43 48.25 3.30 17.21
C THR B 43 47.71 4.38 18.15
N LEU B 44 46.61 5.04 17.80
CA LEU B 44 46.06 6.07 18.68
C LEU B 44 45.47 5.47 19.95
N SER B 45 44.93 4.24 19.87
CA SER B 45 44.34 3.61 21.05
C SER B 45 45.32 3.57 22.22
N ALA B 46 46.62 3.53 21.94
CA ALA B 46 47.62 3.47 23.00
C ALA B 46 47.69 4.73 23.84
N GLN B 47 47.24 5.87 23.32
CA GLN B 47 47.19 7.11 24.09
C GLN B 47 45.90 7.28 24.87
N ALA B 48 45.14 6.21 25.08
CA ALA B 48 43.86 6.29 25.75
C ALA B 48 44.04 6.78 27.18
N GLN B 49 43.59 8.01 27.46
CA GLN B 49 43.91 8.69 28.71
C GLN B 49 43.03 8.27 29.88
N GLN B 50 41.98 7.49 29.66
CA GLN B 50 41.16 6.96 30.75
C GLN B 50 40.71 5.55 30.37
N ASP B 51 39.96 4.93 31.27
CA ASP B 51 39.72 3.49 31.19
C ASP B 51 38.24 3.17 30.99
N GLY B 52 37.99 2.01 30.40
CA GLY B 52 36.65 1.56 30.11
C GLY B 52 36.27 0.31 30.88
N PRO B 53 35.11 -0.26 30.56
CA PRO B 53 34.54 -1.34 31.40
C PRO B 53 35.01 -2.75 31.11
N CYS B 54 35.76 -3.00 30.03
CA CYS B 54 36.15 -4.35 29.65
C CYS B 54 37.44 -4.79 30.35
N THR B 55 37.63 -6.11 30.40
CA THR B 55 38.89 -6.70 30.84
C THR B 55 39.22 -7.85 29.90
N PRO B 56 40.39 -8.49 30.00
CA PRO B 56 40.61 -9.72 29.22
C PRO B 56 39.67 -10.84 29.64
N ARG B 57 39.02 -10.70 30.79
CA ARG B 57 38.06 -11.68 31.30
C ARG B 57 36.72 -11.60 30.58
N ARG B 58 36.24 -10.40 30.28
CA ARG B 58 34.88 -10.23 29.80
C ARG B 58 34.77 -8.88 29.09
N CYS B 59 34.06 -8.87 27.98
CA CYS B 59 33.81 -7.65 27.23
C CYS B 59 32.46 -7.10 27.67
N LEU B 60 32.43 -5.80 28.00
CA LEU B 60 31.21 -5.09 28.37
C LEU B 60 30.91 -3.96 27.38
N GLY B 61 31.34 -4.14 26.13
CA GLY B 61 31.23 -3.09 25.14
C GLY B 61 29.81 -2.68 24.81
N SER B 62 28.85 -3.61 24.92
CA SER B 62 27.44 -3.30 24.65
C SER B 62 26.75 -2.51 25.76
N LEU B 63 27.45 -2.19 26.86
CA LEU B 63 26.81 -1.48 27.95
C LEU B 63 26.56 -0.03 27.56
N VAL B 64 25.37 0.48 27.87
CA VAL B 64 25.04 1.86 27.56
C VAL B 64 25.87 2.81 28.43
N PHE B 65 25.92 2.54 29.74
CA PHE B 65 26.74 3.36 30.62
C PHE B 65 27.95 2.55 31.07
N PRO B 66 29.12 2.71 30.43
CA PRO B 66 30.34 1.94 30.65
C PRO B 66 31.14 2.39 31.88
N ALA B 79 44.51 17.22 44.41
CA ALA B 79 43.60 17.90 43.48
C ALA B 79 44.33 18.65 42.33
N PRO B 80 45.43 19.40 42.62
CA PRO B 80 46.11 20.11 41.51
C PRO B 80 46.97 19.22 40.62
N GLU B 81 47.49 18.10 41.14
CA GLU B 81 48.43 17.30 40.37
C GLU B 81 47.74 16.64 39.17
N GLN B 82 46.62 15.96 39.42
CA GLN B 82 45.87 15.36 38.32
C GLN B 82 45.35 16.43 37.38
N LEU B 83 44.83 17.54 37.93
CA LEU B 83 44.37 18.63 37.09
C LEU B 83 45.49 19.17 36.22
N LEU B 84 46.72 19.17 36.74
CA LEU B 84 47.81 19.77 35.98
C LEU B 84 48.21 18.90 34.80
N SER B 85 48.20 17.57 34.97
CA SER B 85 48.67 16.72 33.87
C SER B 85 47.65 16.65 32.74
N GLN B 86 46.36 16.67 33.08
CA GLN B 86 45.34 16.82 32.04
C GLN B 86 45.52 18.12 31.28
N ALA B 87 45.85 19.21 31.99
CA ALA B 87 46.04 20.49 31.33
C ALA B 87 47.24 20.45 30.39
N ARG B 88 48.39 19.95 30.87
CA ARG B 88 49.59 19.94 30.02
C ARG B 88 49.31 19.19 28.74
N ASP B 89 48.69 18.01 28.87
CA ASP B 89 48.40 17.22 27.69
C ASP B 89 47.53 17.99 26.73
N PHE B 90 46.50 18.69 27.23
CA PHE B 90 45.64 19.45 26.33
C PHE B 90 46.40 20.58 25.64
N ILE B 91 47.07 21.43 26.44
CA ILE B 91 47.92 22.48 25.88
C ILE B 91 48.87 21.92 24.82
N ASN B 92 49.43 20.74 25.08
CA ASN B 92 50.29 20.10 24.09
C ASN B 92 49.51 19.80 22.81
N GLN B 93 48.27 19.30 22.96
CA GLN B 93 47.44 19.06 21.78
C GLN B 93 47.17 20.34 21.05
N TYR B 94 46.79 21.38 21.79
CA TYR B 94 46.50 22.66 21.16
C TYR B 94 47.69 23.15 20.36
N TYR B 95 48.86 23.25 21.00
CA TYR B 95 50.02 23.78 20.30
C TYR B 95 50.55 22.84 19.22
N SER B 96 50.20 21.54 19.27
CA SER B 96 50.44 20.68 18.11
C SER B 96 49.52 21.05 16.94
N SER B 97 48.26 21.35 17.24
CA SER B 97 47.28 21.64 16.18
C SER B 97 47.65 22.88 15.37
N ILE B 98 48.26 23.88 16.00
CA ILE B 98 48.54 25.14 15.31
C ILE B 98 49.95 25.12 14.76
N LYS B 99 50.53 23.92 14.66
CA LYS B 99 51.88 23.71 14.11
C LYS B 99 52.87 24.66 14.77
N ARG B 100 52.94 24.57 16.10
CA ARG B 100 53.79 25.44 16.90
C ARG B 100 54.25 24.73 18.18
N SER B 101 54.40 23.41 18.12
CA SER B 101 54.71 22.63 19.31
CA SER B 101 54.73 22.61 19.30
C SER B 101 56.12 22.95 19.81
N GLY B 102 56.26 22.94 21.14
CA GLY B 102 57.53 23.17 21.79
C GLY B 102 58.09 24.57 21.65
N SER B 103 57.26 25.55 21.28
CA SER B 103 57.75 26.89 20.99
C SER B 103 57.72 27.78 22.24
N GLN B 104 58.08 29.06 22.02
CA GLN B 104 58.06 30.05 23.08
C GLN B 104 56.66 30.19 23.68
N ALA B 105 55.66 30.45 22.83
CA ALA B 105 54.28 30.60 23.30
C ALA B 105 53.79 29.32 24.00
N HIS B 106 54.30 28.17 23.57
CA HIS B 106 53.89 26.89 24.16
C HIS B 106 54.36 26.79 25.61
N GLU B 107 55.67 26.95 25.84
CA GLU B 107 56.18 26.83 27.21
C GLU B 107 55.68 27.96 28.09
N GLN B 108 55.53 29.16 27.53
CA GLN B 108 54.87 30.23 28.26
C GLN B 108 53.50 29.79 28.79
N ARG B 109 52.67 29.19 27.93
CA ARG B 109 51.33 28.80 28.36
C ARG B 109 51.39 27.66 29.39
N LEU B 110 52.26 26.68 29.17
CA LEU B 110 52.50 25.66 30.18
C LEU B 110 52.87 26.29 31.52
N GLN B 111 53.80 27.24 31.50
CA GLN B 111 54.20 27.92 32.73
C GLN B 111 53.03 28.64 33.38
N GLU B 112 52.29 29.43 32.58
CA GLU B 112 51.15 30.17 33.08
C GLU B 112 50.13 29.28 33.77
N VAL B 113 49.83 28.11 33.19
CA VAL B 113 48.79 27.24 33.75
C VAL B 113 49.22 26.69 35.11
N GLU B 114 50.43 26.13 35.19
CA GLU B 114 50.92 25.65 36.47
C GLU B 114 50.82 26.75 37.52
N ALA B 115 51.27 27.96 37.16
CA ALA B 115 51.18 29.10 38.08
C ALA B 115 49.74 29.37 38.47
N GLU B 116 48.82 29.38 37.50
CA GLU B 116 47.44 29.71 37.81
C GLU B 116 46.77 28.62 38.65
N VAL B 117 47.09 27.34 38.38
CA VAL B 117 46.55 26.27 39.21
C VAL B 117 47.06 26.40 40.65
N ALA B 118 48.31 26.85 40.81
CA ALA B 118 48.85 27.09 42.14
C ALA B 118 48.06 28.19 42.87
N ALA B 119 47.86 29.31 42.20
CA ALA B 119 47.25 30.48 42.85
C ALA B 119 45.77 30.28 43.10
N THR B 120 45.06 29.61 42.19
CA THR B 120 43.61 29.61 42.22
C THR B 120 42.99 28.23 42.33
N GLY B 121 43.78 27.17 42.18
CA GLY B 121 43.21 25.83 42.15
C GLY B 121 42.59 25.43 40.82
N THR B 122 42.59 26.30 39.84
CA THR B 122 42.04 26.01 38.53
C THR B 122 42.72 26.91 37.51
N TYR B 123 42.17 26.96 36.30
CA TYR B 123 42.67 27.86 35.28
C TYR B 123 41.57 28.14 34.27
N GLN B 124 41.83 29.09 33.39
CA GLN B 124 40.87 29.55 32.40
C GLN B 124 41.45 29.28 31.04
N LEU B 125 40.61 28.80 30.12
CA LEU B 125 41.00 28.59 28.74
C LEU B 125 40.95 29.89 27.94
N ARG B 126 41.92 30.07 27.06
CA ARG B 126 41.79 31.09 26.04
C ARG B 126 40.66 30.72 25.10
N GLU B 127 40.10 31.73 24.43
CA GLU B 127 38.97 31.48 23.54
C GLU B 127 39.36 30.50 22.44
N SER B 128 40.57 30.66 21.86
CA SER B 128 40.99 29.76 20.79
CA SER B 128 41.00 29.77 20.79
C SER B 128 41.15 28.33 21.29
N GLU B 129 41.62 28.17 22.52
CA GLU B 129 41.77 26.84 23.10
C GLU B 129 40.40 26.21 23.35
N LEU B 130 39.42 27.02 23.74
CA LEU B 130 38.07 26.52 23.94
C LEU B 130 37.48 26.00 22.64
N VAL B 131 37.63 26.77 21.57
CA VAL B 131 37.10 26.33 20.28
C VAL B 131 37.76 25.03 19.85
N PHE B 132 39.07 24.92 20.03
CA PHE B 132 39.77 23.68 19.71
C PHE B 132 39.28 22.54 20.59
N GLY B 133 39.12 22.78 21.89
CA GLY B 133 38.67 21.72 22.77
C GLY B 133 37.27 21.21 22.45
N ALA B 134 36.38 22.10 22.01
CA ALA B 134 35.02 21.68 21.69
C ALA B 134 35.01 20.78 20.46
N LYS B 135 35.73 21.17 19.39
CA LYS B 135 35.83 20.32 18.20
C LYS B 135 36.51 18.99 18.50
N GLN B 136 37.55 18.99 19.33
CA GLN B 136 38.21 17.74 19.69
C GLN B 136 37.25 16.81 20.42
N ALA B 137 36.46 17.37 21.34
CA ALA B 137 35.48 16.55 22.06
C ALA B 137 34.52 15.86 21.10
N TRP B 138 34.10 16.56 20.06
CA TRP B 138 33.23 15.94 19.06
C TRP B 138 34.01 14.90 18.25
N ARG B 139 35.18 15.30 17.77
CA ARG B 139 36.06 14.39 17.05
C ARG B 139 36.30 13.08 17.82
N ASN B 140 36.38 13.16 19.15
CA ASN B 140 36.71 12.02 20.01
C ASN B 140 35.49 11.20 20.41
N ALA B 141 34.28 11.58 19.98
CA ALA B 141 33.06 10.99 20.50
C ALA B 141 32.78 9.66 19.79
N PRO B 142 32.98 8.51 20.46
CA PRO B 142 33.02 7.22 19.74
C PRO B 142 31.69 6.73 19.24
N ARG B 143 30.57 7.25 19.74
CA ARG B 143 29.26 6.83 19.28
C ARG B 143 28.65 7.78 18.26
N CYS B 144 29.42 8.74 17.74
CA CYS B 144 28.91 9.73 16.78
C CYS B 144 29.29 9.34 15.36
N VAL B 145 28.27 9.01 14.55
CA VAL B 145 28.49 8.68 13.14
C VAL B 145 28.65 9.92 12.29
N GLY B 146 28.26 11.10 12.82
CA GLY B 146 28.34 12.35 12.12
C GLY B 146 29.68 13.09 12.17
N ARG B 147 30.73 12.44 12.64
CA ARG B 147 31.99 13.14 12.90
C ARG B 147 32.74 13.58 11.65
N ILE B 148 32.28 13.26 10.43
CA ILE B 148 33.01 13.80 9.29
C ILE B 148 33.01 15.31 9.36
N GLN B 149 31.98 15.88 9.98
CA GLN B 149 31.69 17.31 10.12
C GLN B 149 32.44 18.00 11.26
N TRP B 150 33.33 17.29 11.98
CA TRP B 150 33.78 17.79 13.30
C TRP B 150 34.49 19.13 13.21
N GLY B 151 35.20 19.41 12.11
CA GLY B 151 35.90 20.67 12.00
C GLY B 151 35.02 21.88 11.74
N LYS B 152 33.76 21.65 11.32
CA LYS B 152 32.79 22.71 11.07
C LYS B 152 31.81 22.78 12.24
N LEU B 153 32.31 23.30 13.36
CA LEU B 153 31.48 23.46 14.56
C LEU B 153 31.49 24.93 14.95
N GLN B 154 30.33 25.47 15.26
CA GLN B 154 30.19 26.85 15.71
C GLN B 154 30.17 26.86 17.23
N VAL B 155 31.13 27.57 17.83
CA VAL B 155 31.33 27.54 19.28
C VAL B 155 30.90 28.88 19.84
N PHE B 156 29.84 28.88 20.65
CA PHE B 156 29.39 30.10 21.34
C PHE B 156 29.96 30.12 22.76
N ASP B 157 30.70 31.17 23.07
CA ASP B 157 31.35 31.28 24.38
C ASP B 157 30.39 31.97 25.32
N ALA B 158 29.67 31.21 26.14
CA ALA B 158 28.79 31.79 27.14
C ALA B 158 29.37 31.67 28.55
N ARG B 159 30.69 31.63 28.66
CA ARG B 159 31.34 31.47 29.95
C ARG B 159 31.19 32.68 30.86
N ASP B 160 30.63 33.77 30.37
CA ASP B 160 30.36 34.95 31.18
C ASP B 160 28.92 34.98 31.64
N CYS B 161 28.17 33.91 31.41
CA CYS B 161 26.78 33.87 31.83
C CYS B 161 26.67 33.96 33.35
N ARG B 162 25.65 34.68 33.81
CA ARG B 162 25.51 35.05 35.21
C ARG B 162 24.21 34.59 35.86
N SER B 163 23.21 34.21 35.08
CA SER B 163 21.91 33.89 35.63
C SER B 163 21.23 32.89 34.73
N ALA B 164 20.15 32.30 35.24
CA ALA B 164 19.30 31.46 34.41
C ALA B 164 18.57 32.27 33.34
N GLN B 165 18.25 33.53 33.62
CA GLN B 165 17.61 34.35 32.60
C GLN B 165 18.54 34.57 31.42
N GLU B 166 19.79 34.93 31.71
CA GLU B 166 20.78 35.07 30.65
C GLU B 166 21.04 33.73 29.97
N MET B 167 21.04 32.65 30.75
CA MET B 167 21.22 31.32 30.18
C MET B 167 20.17 31.06 29.12
N PHE B 168 18.93 31.40 29.42
CA PHE B 168 17.83 31.22 28.49
C PHE B 168 18.06 31.96 27.18
N THR B 169 18.51 33.21 27.27
CA THR B 169 18.76 34.02 26.08
C THR B 169 19.82 33.37 25.19
N TYR B 170 20.94 32.96 25.80
CA TYR B 170 21.96 32.21 25.07
C TYR B 170 21.38 30.98 24.38
N ILE B 171 20.47 30.27 25.05
CA ILE B 171 19.99 29.01 24.47
C ILE B 171 19.07 29.30 23.30
N CYS B 172 18.21 30.31 23.45
CA CYS B 172 17.33 30.73 22.36
C CYS B 172 18.14 31.18 21.15
N ASN B 173 19.27 31.86 21.39
CA ASN B 173 20.16 32.21 20.28
C ASN B 173 20.80 30.98 19.65
N HIS B 174 21.13 29.97 20.47
CA HIS B 174 21.69 28.74 19.91
C HIS B 174 20.70 28.08 18.97
N ILE B 175 19.47 27.84 19.44
CA ILE B 175 18.43 27.21 18.64
C ILE B 175 18.19 27.99 17.35
N LYS B 176 18.20 29.33 17.43
CA LYS B 176 17.90 30.11 16.24
C LYS B 176 19.02 29.98 15.21
N TYR B 177 20.27 30.08 15.64
CA TYR B 177 21.38 29.97 14.71
C TYR B 177 21.49 28.56 14.14
N ALA B 178 21.33 27.56 14.99
CA ALA B 178 21.50 26.19 14.53
C ALA B 178 20.39 25.78 13.59
N THR B 179 19.18 26.24 13.87
CA THR B 179 18.05 25.85 13.04
C THR B 179 18.13 26.52 11.68
N ASN B 180 18.38 27.84 11.67
CA ASN B 180 18.67 28.57 10.43
C ASN B 180 17.60 28.29 9.38
N ARG B 181 16.35 28.24 9.82
CA ARG B 181 15.16 28.12 8.98
C ARG B 181 15.09 26.80 8.25
N GLY B 182 15.77 25.77 8.73
CA GLY B 182 15.78 24.48 8.11
C GLY B 182 17.13 24.08 7.53
N ASN B 183 18.04 25.02 7.33
CA ASN B 183 19.36 24.70 6.80
C ASN B 183 20.33 24.63 8.00
N LEU B 184 20.35 23.46 8.63
CA LEU B 184 20.88 23.36 9.99
C LEU B 184 22.41 23.50 10.03
N ARG B 185 22.90 24.12 11.10
CA ARG B 185 24.34 24.26 11.33
C ARG B 185 24.71 23.67 12.69
N SER B 186 25.85 22.99 12.76
CA SER B 186 26.35 22.43 14.01
C SER B 186 26.86 23.55 14.94
N ALA B 187 26.49 23.45 16.21
CA ALA B 187 26.86 24.48 17.16
C ALA B 187 26.93 23.89 18.55
N ILE B 188 27.70 24.54 19.40
CA ILE B 188 27.72 24.26 20.83
C ILE B 188 27.75 25.60 21.55
N THR B 189 27.05 25.69 22.69
CA THR B 189 27.17 26.85 23.58
C THR B 189 27.81 26.40 24.90
N VAL B 190 28.90 27.03 25.29
CA VAL B 190 29.63 26.65 26.50
C VAL B 190 29.32 27.63 27.62
N PHE B 191 28.65 27.14 28.65
CA PHE B 191 28.36 27.91 29.85
C PHE B 191 29.53 27.79 30.85
N PRO B 192 29.54 28.58 31.93
CA PRO B 192 30.77 28.64 32.76
C PRO B 192 31.17 27.29 33.33
N GLN B 193 32.48 27.07 33.40
CA GLN B 193 33.02 25.82 33.93
C GLN B 193 32.69 25.63 35.42
N ARG B 194 32.80 24.37 35.84
CA ARG B 194 32.72 24.04 37.26
C ARG B 194 33.86 24.72 37.99
N CYS B 195 33.56 25.20 39.21
N CYS B 195 33.56 25.23 39.19
CA CYS B 195 34.48 26.04 39.95
CA CYS B 195 34.56 25.97 39.93
C CYS B 195 34.29 25.82 41.44
C CYS B 195 34.31 25.79 41.43
N PRO B 196 35.37 25.77 42.23
CA PRO B 196 35.19 25.56 43.68
C PRO B 196 34.49 26.75 44.32
N GLY B 197 33.56 26.45 45.23
CA GLY B 197 32.84 27.47 45.97
C GLY B 197 31.50 27.85 45.39
N ARG B 198 31.15 27.33 44.21
CA ARG B 198 29.91 27.69 43.55
C ARG B 198 29.34 26.45 42.89
N GLY B 199 28.00 26.38 42.84
CA GLY B 199 27.31 25.31 42.14
C GLY B 199 27.50 25.39 40.63
N ASP B 200 27.00 24.36 39.96
CA ASP B 200 27.11 24.22 38.51
C ASP B 200 25.94 24.91 37.81
N PHE B 201 26.21 25.48 36.63
CA PHE B 201 25.15 25.62 35.63
C PHE B 201 24.74 24.23 35.13
N ARG B 202 23.44 23.98 35.09
CA ARG B 202 22.92 22.71 34.58
C ARG B 202 21.66 22.98 33.78
N ILE B 203 21.50 22.25 32.67
CA ILE B 203 20.24 22.16 31.95
C ILE B 203 19.61 20.82 32.32
N TRP B 204 18.41 20.85 32.89
CA TRP B 204 17.85 19.59 33.38
C TRP B 204 17.33 18.73 32.24
N ASN B 205 16.87 19.36 31.16
CA ASN B 205 16.36 18.65 29.99
C ASN B 205 17.48 17.89 29.30
N SER B 206 17.19 16.66 28.88
CA SER B 206 18.21 15.89 28.19
C SER B 206 18.47 16.41 26.78
N GLN B 207 17.46 17.03 26.14
CA GLN B 207 17.66 17.76 24.90
C GLN B 207 16.93 19.10 24.96
N LEU B 208 17.38 20.06 24.16
CA LEU B 208 16.69 21.36 24.19
C LEU B 208 15.25 21.24 23.66
N VAL B 209 14.99 20.36 22.71
CA VAL B 209 13.64 20.13 22.21
C VAL B 209 13.24 18.70 22.53
N ARG B 210 12.19 18.54 23.34
CA ARG B 210 11.64 17.22 23.63
C ARG B 210 10.13 17.33 23.76
N TYR B 211 9.43 16.25 23.41
CA TYR B 211 8.00 16.17 23.60
C TYR B 211 7.69 15.61 24.98
N ALA B 212 6.55 16.03 25.53
CA ALA B 212 6.14 15.60 26.86
C ALA B 212 5.64 14.17 26.82
N GLY B 213 5.77 13.50 27.96
CA GLY B 213 5.16 12.19 28.16
C GLY B 213 4.24 12.19 29.36
N TYR B 214 2.93 12.04 29.11
CA TYR B 214 1.91 12.09 30.15
C TYR B 214 1.40 10.69 30.46
N ARG B 215 1.46 10.30 31.74
CA ARG B 215 0.86 9.04 32.16
C ARG B 215 -0.67 9.14 32.13
N GLN B 216 -1.32 7.99 32.14
CA GLN B 216 -2.74 7.94 31.77
C GLN B 216 -3.54 7.15 32.79
N GLN B 217 -4.84 7.12 32.55
CA GLN B 217 -5.74 6.21 33.28
C GLN B 217 -5.49 4.77 32.87
N ASP B 218 -5.24 4.54 31.57
CA ASP B 218 -4.86 3.22 31.08
C ASP B 218 -3.50 2.80 31.64
N GLY B 219 -2.88 3.65 32.47
CA GLY B 219 -1.50 3.49 32.86
C GLY B 219 -0.51 3.80 31.76
N SER B 220 -0.97 3.87 30.51
CA SER B 220 -0.14 4.14 29.34
C SER B 220 0.51 5.51 29.42
N VAL B 221 1.37 5.82 28.45
CA VAL B 221 1.97 7.14 28.35
C VAL B 221 1.41 7.80 27.11
N ARG B 222 1.00 9.07 27.25
CA ARG B 222 0.60 9.87 26.10
C ARG B 222 1.74 10.82 25.78
N GLY B 223 2.18 10.81 24.52
CA GLY B 223 3.41 11.49 24.15
C GLY B 223 4.60 10.57 24.18
N ASP B 224 5.78 11.10 24.52
CA ASP B 224 7.03 10.34 24.44
C ASP B 224 7.33 9.70 25.78
N PRO B 225 7.29 8.36 25.87
CA PRO B 225 7.54 7.71 27.18
C PRO B 225 8.94 7.96 27.71
N ALA B 226 9.89 8.30 26.86
CA ALA B 226 11.25 8.57 27.32
C ALA B 226 11.32 9.81 28.21
N ASN B 227 10.30 10.66 28.18
CA ASN B 227 10.35 11.97 28.82
C ASN B 227 9.35 12.09 29.96
N VAL B 228 8.85 10.96 30.48
CA VAL B 228 7.91 10.98 31.60
C VAL B 228 8.50 11.72 32.80
N GLU B 229 9.74 11.37 33.17
CA GLU B 229 10.34 11.96 34.35
C GLU B 229 10.45 13.47 34.24
N ILE B 230 11.09 13.95 33.16
CA ILE B 230 11.28 15.38 33.00
C ILE B 230 9.94 16.09 32.89
N THR B 231 8.94 15.44 32.29
CA THR B 231 7.59 16.00 32.26
C THR B 231 7.09 16.24 33.69
N GLU B 232 7.22 15.22 34.55
CA GLU B 232 6.73 15.32 35.92
C GLU B 232 7.46 16.40 36.70
N LEU B 233 8.76 16.58 36.44
CA LEU B 233 9.52 17.65 37.08
C LEU B 233 9.03 19.02 36.63
N CYS B 234 8.88 19.22 35.32
CA CYS B 234 8.35 20.49 34.81
C CYS B 234 7.03 20.83 35.47
N ILE B 235 6.14 19.82 35.57
CA ILE B 235 4.81 20.03 36.12
C ILE B 235 4.88 20.54 37.55
N GLN B 236 5.64 19.85 38.39
CA GLN B 236 5.76 20.23 39.78
C GLN B 236 6.63 21.46 39.96
N HIS B 237 7.32 21.93 38.92
CA HIS B 237 7.92 23.26 38.95
C HIS B 237 7.03 24.30 38.31
N GLY B 238 5.72 24.06 38.28
CA GLY B 238 4.77 25.08 37.93
C GLY B 238 4.36 25.13 36.48
N TRP B 239 4.77 24.17 35.66
CA TRP B 239 4.35 24.16 34.28
C TRP B 239 2.93 23.64 34.17
N THR B 240 2.13 24.30 33.34
CA THR B 240 0.76 23.86 33.09
C THR B 240 0.75 22.90 31.91
N PRO B 241 0.59 21.60 32.14
CA PRO B 241 0.79 20.64 31.05
C PRO B 241 -0.31 20.73 30.02
N GLY B 242 0.03 20.32 28.80
CA GLY B 242 -0.93 20.09 27.76
C GLY B 242 -1.52 18.71 27.87
N ASN B 243 -2.15 18.26 26.78
CA ASN B 243 -2.68 16.92 26.75
C ASN B 243 -2.45 16.24 25.40
N GLY B 244 -1.55 16.78 24.58
CA GLY B 244 -1.25 16.20 23.29
C GLY B 244 -0.10 15.19 23.32
N ARG B 245 0.16 14.62 22.15
CA ARG B 245 1.24 13.67 21.91
C ARG B 245 2.55 14.34 21.53
N PHE B 246 2.53 15.59 21.07
CA PHE B 246 3.73 16.25 20.60
C PHE B 246 3.87 17.65 21.20
N ASP B 247 3.65 17.76 22.51
CA ASP B 247 3.79 19.02 23.23
C ASP B 247 5.25 19.30 23.57
N VAL B 248 5.77 20.43 23.10
CA VAL B 248 7.16 20.77 23.37
C VAL B 248 7.30 21.14 24.84
N LEU B 249 8.33 20.61 25.50
CA LEU B 249 8.55 20.81 26.92
C LEU B 249 9.22 22.16 27.19
N PRO B 250 8.98 22.74 28.35
CA PRO B 250 9.76 23.92 28.73
C PRO B 250 11.15 23.51 29.17
N LEU B 251 12.03 24.51 29.26
CA LEU B 251 13.36 24.28 29.81
C LEU B 251 13.39 24.55 31.30
N LEU B 252 14.08 23.66 32.02
CA LEU B 252 14.41 23.81 33.43
C LEU B 252 15.89 24.14 33.47
N LEU B 253 16.20 25.39 33.84
CA LEU B 253 17.55 25.90 33.81
C LEU B 253 18.01 26.22 35.21
N GLN B 254 19.20 25.74 35.54
CA GLN B 254 19.75 25.83 36.89
C GLN B 254 21.02 26.66 36.82
N ALA B 255 20.99 27.78 37.48
CA ALA B 255 22.04 28.70 37.85
C ALA B 255 22.67 28.23 39.16
N PRO B 256 23.95 28.55 39.39
CA PRO B 256 24.62 28.06 40.59
C PRO B 256 23.84 28.36 41.87
N ASP B 257 23.59 27.31 42.65
CA ASP B 257 23.03 27.41 44.00
C ASP B 257 21.61 27.95 44.00
N GLU B 258 20.91 27.83 42.89
CA GLU B 258 19.49 28.18 42.78
C GLU B 258 18.69 26.93 42.45
N PRO B 259 17.40 26.91 42.78
CA PRO B 259 16.52 25.89 42.20
C PRO B 259 16.45 26.07 40.70
N PRO B 260 15.98 25.07 39.95
CA PRO B 260 15.84 25.26 38.51
C PRO B 260 14.71 26.23 38.22
N GLU B 261 14.84 26.96 37.12
CA GLU B 261 13.85 27.94 36.71
C GLU B 261 13.24 27.50 35.39
N LEU B 262 11.91 27.64 35.29
CA LEU B 262 11.17 27.17 34.14
C LEU B 262 11.10 28.27 33.07
N PHE B 263 11.44 27.92 31.84
CA PHE B 263 11.38 28.85 30.70
C PHE B 263 10.65 28.20 29.52
N LEU B 264 9.63 28.86 29.01
CA LEU B 264 8.92 28.39 27.83
C LEU B 264 9.68 28.74 26.57
N LEU B 265 9.77 27.79 25.67
CA LEU B 265 10.36 28.07 24.35
C LEU B 265 9.33 28.78 23.49
N PRO B 266 9.64 29.95 22.93
CA PRO B 266 8.75 30.55 21.94
C PRO B 266 8.43 29.55 20.86
N PRO B 267 7.15 29.32 20.58
CA PRO B 267 6.79 28.29 19.59
C PRO B 267 7.41 28.52 18.22
N GLU B 268 7.60 29.77 17.82
CA GLU B 268 8.18 30.06 16.52
C GLU B 268 9.68 29.80 16.49
N LEU B 269 10.27 29.49 17.65
CA LEU B 269 11.68 29.11 17.66
C LEU B 269 11.87 27.63 17.37
N VAL B 270 10.87 26.79 17.66
CA VAL B 270 10.98 25.33 17.55
C VAL B 270 10.42 24.91 16.20
N LEU B 271 11.32 24.70 15.24
CA LEU B 271 10.90 24.27 13.90
C LEU B 271 10.51 22.79 13.90
N GLU B 272 9.33 22.49 13.38
CA GLU B 272 8.80 21.12 13.36
C GLU B 272 8.44 20.68 11.96
N VAL B 273 8.41 19.35 11.77
CA VAL B 273 8.14 18.74 10.46
C VAL B 273 6.96 17.78 10.59
N PRO B 274 5.79 18.12 10.05
CA PRO B 274 4.71 17.14 9.96
C PRO B 274 5.09 15.99 9.02
N LEU B 275 4.76 14.77 9.42
CA LEU B 275 5.22 13.58 8.71
C LEU B 275 4.17 13.06 7.73
N GLU B 276 4.58 12.89 6.48
CA GLU B 276 3.72 12.30 5.45
C GLU B 276 4.56 11.33 4.63
N HIS B 277 3.89 10.40 3.97
CA HIS B 277 4.55 9.44 3.10
C HIS B 277 4.29 9.80 1.64
N PRO B 278 5.30 9.69 0.76
CA PRO B 278 5.12 10.12 -0.63
C PRO B 278 4.07 9.32 -1.39
N THR B 279 3.89 8.04 -1.09
CA THR B 279 2.81 7.31 -1.72
C THR B 279 1.71 6.87 -0.77
N LEU B 280 1.96 6.61 0.51
CA LEU B 280 0.90 6.18 1.43
C LEU B 280 0.18 7.40 1.99
N GLU B 281 -0.97 7.73 1.39
CA GLU B 281 -1.61 9.02 1.67
C GLU B 281 -2.28 9.05 3.04
N TRP B 282 -2.72 7.90 3.53
CA TRP B 282 -3.26 7.91 4.89
C TRP B 282 -2.21 8.16 5.96
N PHE B 283 -0.92 8.17 5.61
CA PHE B 283 0.11 8.33 6.63
C PHE B 283 0.03 9.70 7.27
N ALA B 284 -0.20 10.73 6.47
CA ALA B 284 -0.39 12.08 7.02
C ALA B 284 -1.51 12.13 8.05
N ALA B 285 -2.45 11.19 8.01
CA ALA B 285 -3.57 11.22 8.92
C ALA B 285 -3.25 10.62 10.28
N LEU B 286 -2.06 10.04 10.48
CA LEU B 286 -1.64 9.62 11.81
C LEU B 286 -1.34 10.83 12.70
N GLY B 287 -1.14 12.01 12.11
CA GLY B 287 -0.86 13.20 12.88
C GLY B 287 0.51 13.21 13.50
N LEU B 288 1.49 12.57 12.87
CA LEU B 288 2.82 12.48 13.44
C LEU B 288 3.65 13.69 13.02
N ARG B 289 4.56 14.07 13.90
CA ARG B 289 5.48 15.18 13.67
C ARG B 289 6.80 14.85 14.34
N TRP B 290 7.86 15.50 13.89
CA TRP B 290 9.07 15.52 14.69
C TRP B 290 9.72 16.89 14.52
N TYR B 291 10.66 17.20 15.40
CA TYR B 291 11.30 18.52 15.43
C TYR B 291 12.59 18.46 14.63
N ALA B 292 13.04 19.63 14.21
CA ALA B 292 14.18 19.70 13.30
C ALA B 292 15.52 19.50 14.00
N LEU B 293 15.68 20.03 15.23
CA LEU B 293 17.00 20.25 15.81
C LEU B 293 17.29 19.23 16.89
N PRO B 294 18.19 18.29 16.68
CA PRO B 294 18.63 17.42 17.78
C PRO B 294 19.74 18.10 18.57
N ALA B 295 19.44 18.49 19.81
CA ALA B 295 20.38 19.29 20.62
C ALA B 295 20.53 18.65 21.99
N VAL B 296 21.64 17.95 22.21
CA VAL B 296 21.85 17.22 23.46
C VAL B 296 22.36 18.22 24.51
N SER B 297 21.65 18.30 25.64
CA SER B 297 21.91 19.36 26.63
C SER B 297 22.34 18.85 28.01
N ASN B 298 22.50 17.54 28.20
CA ASN B 298 22.75 17.01 29.54
C ASN B 298 24.12 16.37 29.69
N MET B 299 25.02 16.57 28.74
CA MET B 299 26.34 15.98 28.83
C MET B 299 27.36 16.97 29.37
N LEU B 300 28.47 16.44 29.84
CA LEU B 300 29.54 17.24 30.43
C LEU B 300 30.67 17.36 29.43
N LEU B 301 31.05 18.57 29.10
CA LEU B 301 32.19 18.77 28.23
C LEU B 301 33.42 18.89 29.11
N GLU B 302 34.44 18.09 28.80
CA GLU B 302 35.69 18.08 29.55
C GLU B 302 36.82 18.50 28.62
N ILE B 303 37.60 19.51 29.03
CA ILE B 303 38.72 20.02 28.26
C ILE B 303 39.85 20.29 29.25
N GLY B 304 40.96 19.56 29.09
CA GLY B 304 42.16 19.84 29.90
C GLY B 304 41.93 19.84 31.38
N GLY B 305 41.17 18.86 31.88
CA GLY B 305 40.78 18.80 33.27
C GLY B 305 39.66 19.72 33.67
N LEU B 306 39.36 20.74 32.89
CA LEU B 306 38.22 21.58 33.21
C LEU B 306 36.94 20.88 32.79
N GLU B 307 35.88 21.10 33.56
CA GLU B 307 34.60 20.47 33.30
C GLU B 307 33.56 21.55 33.09
N PHE B 308 32.71 21.38 32.08
CA PHE B 308 31.64 22.31 31.79
C PHE B 308 30.34 21.51 31.85
N PRO B 309 29.66 21.48 33.01
CA PRO B 309 28.44 20.67 33.12
C PRO B 309 27.31 21.13 32.24
N ALA B 310 27.38 22.35 31.69
CA ALA B 310 26.35 22.86 30.80
C ALA B 310 27.02 23.32 29.51
N ALA B 311 26.87 22.53 28.43
CA ALA B 311 27.41 22.88 27.13
C ALA B 311 26.59 22.17 26.04
N PRO B 312 25.34 22.60 25.82
CA PRO B 312 24.47 21.90 24.87
C PRO B 312 25.00 22.03 23.45
N PHE B 313 24.93 20.95 22.68
CA PHE B 313 25.42 20.95 21.32
C PHE B 313 24.35 20.36 20.38
N SER B 314 24.40 20.76 19.11
CA SER B 314 23.36 20.36 18.17
C SER B 314 23.99 20.12 16.81
N GLY B 315 23.35 19.22 16.04
CA GLY B 315 23.76 18.99 14.66
C GLY B 315 22.53 18.91 13.77
N TRP B 316 22.40 17.84 13.02
CA TRP B 316 21.15 17.53 12.35
C TRP B 316 20.95 16.02 12.39
N TYR B 317 19.71 15.60 12.19
CA TYR B 317 19.30 14.23 12.40
C TYR B 317 19.72 13.30 11.26
N MET B 318 20.11 12.08 11.63
CA MET B 318 20.09 10.95 10.70
C MET B 318 18.72 10.31 10.78
N SER B 319 18.15 9.96 9.62
CA SER B 319 16.72 9.66 9.56
C SER B 319 16.31 8.45 10.39
N THR B 320 17.21 7.48 10.61
CA THR B 320 16.81 6.34 11.45
C THR B 320 16.59 6.74 12.89
N GLU B 321 17.27 7.80 13.38
CA GLU B 321 17.00 8.25 14.73
C GLU B 321 15.52 8.53 14.91
N ILE B 322 14.89 9.14 13.91
CA ILE B 322 13.49 9.48 14.02
C ILE B 322 12.61 8.29 13.64
N GLY B 323 12.88 7.70 12.49
CA GLY B 323 11.98 6.66 11.99
C GLY B 323 12.06 5.39 12.83
N THR B 324 13.27 4.93 13.07
CA THR B 324 13.43 3.65 13.75
C THR B 324 13.37 3.81 15.28
N ARG B 325 14.24 4.63 15.87
CA ARG B 325 14.26 4.71 17.32
C ARG B 325 13.02 5.41 17.85
N ASN B 326 12.83 6.68 17.49
CA ASN B 326 11.85 7.47 18.21
C ASN B 326 10.43 7.03 17.89
N LEU B 327 10.15 6.66 16.65
CA LEU B 327 8.79 6.27 16.31
C LEU B 327 8.50 4.78 16.46
N CYS B 328 9.49 3.90 16.27
CA CYS B 328 9.20 2.46 16.25
C CYS B 328 9.59 1.69 17.50
N ASP B 329 10.56 2.15 18.31
CA ASP B 329 10.89 1.42 19.53
C ASP B 329 9.61 1.12 20.29
N PRO B 330 9.45 -0.11 20.80
CA PRO B 330 8.25 -0.44 21.58
C PRO B 330 8.07 0.46 22.79
N HIS B 331 9.15 0.94 23.37
CA HIS B 331 9.09 1.77 24.56
C HIS B 331 9.12 3.26 24.21
N ARG B 332 9.01 3.60 22.93
CA ARG B 332 8.84 4.99 22.54
C ARG B 332 7.44 5.18 21.94
N TYR B 333 7.35 5.83 20.77
CA TYR B 333 6.02 6.08 20.21
C TYR B 333 5.37 4.80 19.70
N ASN B 334 6.14 3.76 19.42
CA ASN B 334 5.62 2.42 19.22
C ASN B 334 4.49 2.38 18.18
N ILE B 335 4.77 2.94 17.00
CA ILE B 335 3.74 3.04 15.96
C ILE B 335 3.77 1.88 14.97
N LEU B 336 4.71 0.94 15.11
CA LEU B 336 5.02 0.01 14.04
C LEU B 336 3.81 -0.83 13.65
N GLU B 337 3.15 -1.45 14.64
CA GLU B 337 2.00 -2.29 14.35
C GLU B 337 0.85 -1.48 13.76
N ASP B 338 0.62 -0.28 14.28
CA ASP B 338 -0.42 0.56 13.71
C ASP B 338 -0.12 0.88 12.24
N VAL B 339 1.15 1.10 11.91
CA VAL B 339 1.51 1.38 10.52
C VAL B 339 1.32 0.13 9.65
N ALA B 340 1.80 -1.02 10.13
CA ALA B 340 1.73 -2.25 9.34
C ALA B 340 0.29 -2.66 9.07
N VAL B 341 -0.57 -2.55 10.08
CA VAL B 341 -1.99 -2.84 9.91
C VAL B 341 -2.57 -1.95 8.82
N CYS B 342 -2.33 -0.64 8.89
CA CYS B 342 -2.79 0.25 7.84
C CYS B 342 -2.16 -0.08 6.50
N MET B 343 -0.99 -0.69 6.49
CA MET B 343 -0.40 -1.07 5.22
C MET B 343 -1.04 -2.33 4.64
N ASP B 344 -1.98 -2.94 5.36
CA ASP B 344 -2.63 -4.17 4.93
C ASP B 344 -1.66 -5.36 4.93
N LEU B 345 -0.65 -5.30 5.79
CA LEU B 345 0.29 -6.40 5.92
C LEU B 345 -0.27 -7.46 6.88
N ASP B 346 0.21 -8.68 6.71
CA ASP B 346 -0.20 -9.80 7.55
C ASP B 346 0.62 -9.74 8.84
N THR B 347 0.03 -9.20 9.90
CA THR B 347 0.69 -9.14 11.20
C THR B 347 0.47 -10.40 12.04
N ARG B 348 0.00 -11.49 11.42
CA ARG B 348 -0.23 -12.71 12.18
C ARG B 348 1.04 -13.52 12.38
N THR B 349 1.97 -13.48 11.44
CA THR B 349 3.20 -14.25 11.55
C THR B 349 4.41 -13.35 11.33
N THR B 350 5.51 -13.68 12.00
CA THR B 350 6.70 -12.87 11.84
C THR B 350 7.35 -13.10 10.49
N SER B 351 7.19 -14.31 9.93
CA SER B 351 7.90 -14.67 8.70
C SER B 351 7.45 -13.84 7.49
N SER B 352 6.33 -13.12 7.57
CA SER B 352 6.01 -12.20 6.49
C SER B 352 6.83 -10.92 6.53
N LEU B 353 7.64 -10.72 7.57
CA LEU B 353 8.50 -9.53 7.71
C LEU B 353 7.67 -8.25 7.67
N TRP B 354 6.46 -8.30 8.26
CA TRP B 354 5.65 -7.09 8.36
C TRP B 354 6.37 -6.00 9.16
N LYS B 355 7.17 -6.37 10.16
CA LYS B 355 7.87 -5.36 10.94
C LYS B 355 8.88 -4.62 10.09
N ASP B 356 9.65 -5.36 9.31
CA ASP B 356 10.70 -4.76 8.49
C ASP B 356 10.11 -3.84 7.41
N LYS B 357 9.01 -4.27 6.79
CA LYS B 357 8.39 -3.48 5.72
C LYS B 357 7.77 -2.20 6.26
N ALA B 358 7.05 -2.29 7.38
CA ALA B 358 6.50 -1.08 7.98
C ALA B 358 7.60 -0.12 8.41
N ALA B 359 8.69 -0.66 8.97
CA ALA B 359 9.81 0.18 9.42
C ALA B 359 10.46 0.91 8.27
N VAL B 360 10.69 0.22 7.15
CA VAL B 360 11.33 0.90 6.01
C VAL B 360 10.44 2.05 5.54
N GLU B 361 9.13 1.84 5.48
CA GLU B 361 8.27 2.89 4.95
C GLU B 361 8.18 4.06 5.90
N ILE B 362 8.27 3.82 7.21
CA ILE B 362 8.33 4.92 8.18
C ILE B 362 9.57 5.77 7.96
N ASN B 363 10.71 5.12 7.68
CA ASN B 363 11.91 5.88 7.41
C ASN B 363 11.79 6.68 6.11
N VAL B 364 11.24 6.07 5.05
CA VAL B 364 10.93 6.79 3.81
C VAL B 364 10.09 8.01 4.10
N ALA B 365 9.08 7.86 4.97
CA ALA B 365 8.21 9.00 5.28
C ALA B 365 9.00 10.10 5.98
N VAL B 366 9.90 9.73 6.87
CA VAL B 366 10.71 10.71 7.57
C VAL B 366 11.58 11.48 6.58
N LEU B 367 12.29 10.75 5.71
CA LEU B 367 13.22 11.38 4.78
C LEU B 367 12.48 12.30 3.82
N HIS B 368 11.37 11.79 3.26
CA HIS B 368 10.55 12.59 2.35
C HIS B 368 9.99 13.83 3.05
N SER B 369 9.50 13.67 4.27
CA SER B 369 8.89 14.81 4.95
C SER B 369 9.91 15.91 5.26
N TYR B 370 11.11 15.54 5.74
CA TYR B 370 12.12 16.56 6.01
C TYR B 370 12.62 17.20 4.72
N GLN B 371 12.82 16.40 3.67
CA GLN B 371 13.20 16.97 2.38
C GLN B 371 12.14 17.95 1.89
N LEU B 372 10.87 17.55 1.98
CA LEU B 372 9.78 18.43 1.58
C LEU B 372 9.82 19.75 2.33
N ALA B 373 10.00 19.69 3.66
CA ALA B 373 10.03 20.86 4.52
C ALA B 373 11.32 21.68 4.38
N LYS B 374 12.30 21.21 3.62
CA LYS B 374 13.59 21.89 3.48
C LYS B 374 14.31 21.97 4.83
N VAL B 375 14.36 20.84 5.52
CA VAL B 375 15.06 20.70 6.80
C VAL B 375 16.14 19.65 6.61
N THR B 376 17.39 20.03 6.88
CA THR B 376 18.51 19.13 6.74
C THR B 376 18.24 17.76 7.37
N ILE B 377 18.57 16.71 6.65
CA ILE B 377 18.45 15.35 7.14
C ILE B 377 19.41 14.49 6.33
N VAL B 378 19.92 13.44 6.94
CA VAL B 378 20.86 12.54 6.28
C VAL B 378 20.35 11.12 6.47
N ASP B 379 20.33 10.34 5.39
CA ASP B 379 19.93 8.95 5.59
C ASP B 379 21.14 8.13 6.03
N HIS B 380 20.86 6.93 6.56
CA HIS B 380 21.92 6.10 7.14
C HIS B 380 22.92 5.61 6.10
N HIS B 381 22.53 5.46 4.83
CA HIS B 381 23.51 5.12 3.80
C HIS B 381 24.51 6.24 3.60
N ALA B 382 24.03 7.47 3.46
CA ALA B 382 24.94 8.60 3.30
C ALA B 382 25.76 8.83 4.56
N ALA B 383 25.14 8.70 5.73
CA ALA B 383 25.85 8.95 6.99
C ALA B 383 27.02 7.99 7.16
N THR B 384 26.77 6.69 6.98
CA THR B 384 27.82 5.69 7.18
C THR B 384 28.89 5.76 6.11
N ALA B 385 28.52 6.13 4.88
CA ALA B 385 29.54 6.38 3.86
C ALA B 385 30.47 7.50 4.28
N SER B 386 29.93 8.61 4.76
CA SER B 386 30.80 9.70 5.18
C SER B 386 31.61 9.33 6.41
N PHE B 387 31.07 8.46 7.25
CA PHE B 387 31.86 8.04 8.40
C PHE B 387 33.04 7.19 7.97
N MET B 388 32.88 6.41 6.90
CA MET B 388 34.01 5.64 6.38
C MET B 388 35.06 6.56 5.79
N LYS B 389 34.65 7.62 5.11
CA LYS B 389 35.61 8.64 4.72
C LYS B 389 36.28 9.25 5.94
N HIS B 390 35.52 9.39 7.03
CA HIS B 390 36.08 9.96 8.25
C HIS B 390 37.15 9.06 8.83
N LEU B 391 36.92 7.74 8.82
CA LEU B 391 37.91 6.79 9.33
C LEU B 391 39.21 6.87 8.54
N GLU B 392 39.11 6.97 7.21
CA GLU B 392 40.30 7.14 6.39
C GLU B 392 41.03 8.43 6.76
N ASN B 393 40.29 9.54 6.88
CA ASN B 393 40.94 10.80 7.22
C ASN B 393 41.66 10.67 8.56
N GLU B 394 40.99 10.05 9.55
CA GLU B 394 41.54 9.98 10.89
C GLU B 394 42.75 9.05 10.96
N GLN B 395 42.73 7.95 10.19
CA GLN B 395 43.87 7.03 10.20
C GLN B 395 45.14 7.74 9.72
N LYS B 396 45.02 8.57 8.69
CA LYS B 396 46.17 9.36 8.23
C LYS B 396 46.56 10.42 9.25
N ALA B 397 45.56 11.13 9.81
CA ALA B 397 45.86 12.25 10.70
C ALA B 397 46.41 11.78 12.04
N ARG B 398 45.73 10.85 12.70
CA ARG B 398 46.06 10.50 14.07
C ARG B 398 46.43 9.05 14.28
N GLY B 399 46.36 8.23 13.23
CA GLY B 399 46.66 6.82 13.38
C GLY B 399 45.58 6.03 14.09
N GLY B 400 44.32 6.31 13.82
CA GLY B 400 43.24 5.60 14.45
C GLY B 400 42.04 6.51 14.65
N CYS B 401 40.98 5.91 15.18
CA CYS B 401 39.74 6.63 15.43
C CYS B 401 38.84 5.85 16.39
N PRO B 402 38.59 6.37 17.59
CA PRO B 402 37.71 5.67 18.53
C PRO B 402 36.28 5.58 18.01
N ALA B 403 35.74 4.35 17.98
CA ALA B 403 34.42 4.13 17.41
C ALA B 403 33.71 2.98 18.12
N ASP B 404 32.43 3.19 18.41
CA ASP B 404 31.59 2.20 19.08
C ASP B 404 30.70 1.52 18.04
N TRP B 405 31.13 0.34 17.60
CA TRP B 405 30.46 -0.40 16.52
C TRP B 405 28.94 -0.45 16.71
N ALA B 406 28.51 -0.83 17.91
CA ALA B 406 27.10 -1.07 18.17
C ALA B 406 26.27 0.19 18.06
N TRP B 407 26.91 1.36 18.20
CA TRP B 407 26.23 2.64 18.04
C TRP B 407 26.43 3.24 16.66
N ILE B 408 27.57 2.93 16.01
CA ILE B 408 27.88 3.44 14.68
C ILE B 408 27.05 2.71 13.61
N VAL B 409 26.88 1.40 13.76
CA VAL B 409 26.06 0.62 12.82
C VAL B 409 24.60 0.98 13.05
N PRO B 410 23.89 1.49 12.03
CA PRO B 410 22.51 1.95 12.23
C PRO B 410 21.59 0.83 12.69
N PRO B 411 20.46 1.18 13.30
CA PRO B 411 19.55 0.16 13.86
C PRO B 411 18.65 -0.54 12.86
N ILE B 412 18.60 -0.12 11.60
CA ILE B 412 18.04 -0.96 10.54
C ILE B 412 19.05 -1.02 9.41
N SER B 413 19.00 -2.11 8.66
CA SER B 413 19.79 -2.33 7.45
C SER B 413 21.29 -2.27 7.71
N GLY B 414 21.72 -2.69 8.90
CA GLY B 414 23.12 -2.54 9.28
C GLY B 414 24.09 -3.08 8.26
N SER B 415 23.93 -4.35 7.85
CA SER B 415 24.92 -4.93 6.95
C SER B 415 24.85 -4.39 5.52
N LEU B 416 23.81 -3.63 5.19
CA LEU B 416 23.74 -2.91 3.92
C LEU B 416 24.61 -1.67 3.91
N THR B 417 25.15 -1.22 5.12
CA THR B 417 25.98 -0.02 5.18
C THR B 417 27.45 -0.44 5.30
N PRO B 418 28.37 0.41 4.85
CA PRO B 418 29.79 0.01 4.89
C PRO B 418 30.37 -0.11 6.29
N VAL B 419 29.75 0.47 7.33
CA VAL B 419 30.36 0.37 8.66
C VAL B 419 30.19 -1.02 9.26
N PHE B 420 29.21 -1.79 8.77
CA PHE B 420 28.93 -3.09 9.38
C PHE B 420 30.13 -4.00 9.32
N HIS B 421 30.83 -4.03 8.19
CA HIS B 421 31.90 -5.00 7.99
C HIS B 421 33.26 -4.44 8.38
N GLN B 422 33.27 -3.28 9.06
CA GLN B 422 34.49 -2.63 9.51
C GLN B 422 34.69 -2.91 11.00
N GLU B 423 35.74 -3.63 11.35
CA GLU B 423 36.14 -3.70 12.75
C GLU B 423 36.49 -2.31 13.28
N MET B 424 36.20 -2.07 14.55
CA MET B 424 36.44 -0.78 15.20
C MET B 424 37.00 -0.99 16.60
N VAL B 425 37.80 -0.02 17.06
CA VAL B 425 38.38 -0.01 18.40
C VAL B 425 37.74 1.13 19.20
N ASN B 426 37.15 0.78 20.33
CA ASN B 426 36.52 1.75 21.22
C ASN B 426 37.45 2.08 22.37
N TYR B 427 37.68 3.38 22.60
CA TYR B 427 38.52 3.87 23.70
C TYR B 427 38.21 5.34 23.94
N PHE B 428 38.69 5.86 25.08
CA PHE B 428 38.29 7.18 25.56
C PHE B 428 39.44 8.16 25.48
N LEU B 429 39.31 9.15 24.59
CA LEU B 429 40.25 10.25 24.46
C LEU B 429 39.67 11.53 25.04
N SER B 430 40.55 12.41 25.50
CA SER B 430 40.12 13.72 25.97
C SER B 430 40.72 14.80 25.07
N PRO B 431 40.02 15.94 24.88
CA PRO B 431 38.70 16.41 25.31
C PRO B 431 37.57 15.47 24.93
N ALA B 432 36.45 15.59 25.64
CA ALA B 432 35.43 14.57 25.52
C ALA B 432 34.12 15.10 26.05
N PHE B 433 33.02 14.58 25.50
CA PHE B 433 31.72 14.67 26.12
C PHE B 433 31.52 13.42 26.97
N ARG B 434 31.09 13.61 28.21
CA ARG B 434 30.91 12.53 29.19
C ARG B 434 29.48 12.54 29.68
N TYR B 435 28.96 11.37 30.03
CA TYR B 435 27.69 11.36 30.76
C TYR B 435 27.92 11.88 32.18
N GLN B 436 26.86 12.38 32.80
CA GLN B 436 26.93 12.90 34.16
C GLN B 436 25.60 12.59 34.83
N PRO B 437 25.57 12.51 36.15
CA PRO B 437 24.30 12.16 36.81
C PRO B 437 23.28 13.28 36.66
N ASP B 438 22.01 12.91 36.76
CA ASP B 438 20.95 13.90 36.73
C ASP B 438 21.03 14.80 37.96
N PRO B 439 20.87 16.11 37.80
CA PRO B 439 21.03 17.01 38.95
C PRO B 439 19.96 16.85 40.01
N TRP B 440 18.86 16.14 39.74
CA TRP B 440 17.82 15.98 40.76
C TRP B 440 17.95 14.67 41.55
N PHE C 28 -43.39 9.65 -32.48
CA PHE C 28 -43.48 10.32 -31.18
C PHE C 28 -43.35 9.35 -30.01
N PRO C 29 -42.12 9.11 -29.55
CA PRO C 29 -41.87 8.05 -28.57
C PRO C 29 -42.62 8.24 -27.26
N ARG C 30 -43.09 7.12 -26.69
CA ARG C 30 -43.71 7.12 -25.37
C ARG C 30 -42.62 7.05 -24.28
N VAL C 31 -42.76 7.88 -23.26
CA VAL C 31 -41.75 8.03 -22.21
C VAL C 31 -42.43 7.78 -20.88
N LYS C 32 -41.98 6.76 -20.15
CA LYS C 32 -42.62 6.37 -18.91
C LYS C 32 -41.72 6.60 -17.70
N ASN C 33 -42.32 7.02 -16.60
CA ASN C 33 -41.68 7.02 -15.29
C ASN C 33 -42.16 5.80 -14.51
N TRP C 34 -41.24 4.88 -14.22
CA TRP C 34 -41.58 3.58 -13.66
C TRP C 34 -41.76 3.60 -12.15
N GLU C 35 -41.49 4.73 -11.48
CA GLU C 35 -41.75 4.87 -10.05
C GLU C 35 -43.13 5.45 -9.82
N VAL C 36 -43.50 6.46 -10.60
CA VAL C 36 -44.78 7.13 -10.46
C VAL C 36 -45.85 6.54 -11.37
N GLY C 37 -45.46 5.93 -12.49
CA GLY C 37 -46.39 5.40 -13.46
C GLY C 37 -46.85 6.39 -14.51
N SER C 38 -46.31 7.61 -14.50
CA SER C 38 -46.74 8.67 -15.39
C SER C 38 -46.16 8.51 -16.79
N ILE C 39 -46.94 8.93 -17.78
CA ILE C 39 -46.58 8.80 -19.19
C ILE C 39 -46.58 10.19 -19.84
N THR C 40 -45.58 10.46 -20.67
CA THR C 40 -45.60 11.60 -21.59
C THR C 40 -45.20 11.12 -22.99
N TYR C 41 -45.26 12.03 -23.96
CA TYR C 41 -44.83 11.76 -25.32
C TYR C 41 -43.87 12.85 -25.76
N ASP C 42 -42.72 12.44 -26.26
CA ASP C 42 -41.72 13.41 -26.71
C ASP C 42 -42.01 13.74 -28.17
N THR C 43 -42.49 14.95 -28.43
CA THR C 43 -42.69 15.44 -29.79
C THR C 43 -41.55 16.34 -30.26
N LEU C 44 -40.65 16.74 -29.35
CA LEU C 44 -39.52 17.58 -29.73
C LEU C 44 -38.43 16.78 -30.45
N SER C 45 -38.24 15.52 -30.07
CA SER C 45 -37.23 14.68 -30.73
C SER C 45 -37.41 14.65 -32.24
N ALA C 46 -38.66 14.70 -32.71
CA ALA C 46 -38.94 14.71 -34.14
C ALA C 46 -38.20 15.82 -34.87
N GLN C 47 -37.74 16.86 -34.16
CA GLN C 47 -37.00 17.98 -34.74
C GLN C 47 -35.50 17.88 -34.48
N ALA C 48 -35.00 16.71 -34.09
CA ALA C 48 -33.57 16.55 -33.86
C ALA C 48 -32.81 16.89 -35.14
N GLN C 49 -31.91 17.85 -35.04
CA GLN C 49 -31.30 18.44 -36.21
C GLN C 49 -30.23 17.52 -36.80
N GLN C 50 -29.05 17.44 -36.18
CA GLN C 50 -28.03 16.52 -36.68
C GLN C 50 -28.36 15.10 -36.22
N ASP C 51 -27.45 14.15 -36.41
CA ASP C 51 -27.77 12.74 -36.24
C ASP C 51 -26.75 12.04 -35.33
N GLY C 52 -27.25 11.29 -34.35
CA GLY C 52 -26.43 10.59 -33.39
C GLY C 52 -25.94 9.22 -33.84
N PRO C 53 -25.40 8.45 -32.90
CA PRO C 53 -24.61 7.27 -33.27
C PRO C 53 -25.39 5.96 -33.40
N CYS C 54 -26.59 5.90 -32.84
CA CYS C 54 -27.37 4.67 -32.79
C CYS C 54 -28.02 4.38 -34.14
N THR C 55 -28.36 3.11 -34.37
CA THR C 55 -29.19 2.65 -35.48
C THR C 55 -30.21 1.66 -34.95
N PRO C 56 -31.17 1.23 -35.79
CA PRO C 56 -32.08 0.14 -35.34
C PRO C 56 -31.33 -1.15 -35.03
N ARG C 57 -30.14 -1.33 -35.60
CA ARG C 57 -29.34 -2.53 -35.37
C ARG C 57 -28.59 -2.50 -34.04
N ARG C 58 -28.11 -1.33 -33.58
CA ARG C 58 -27.32 -1.27 -32.33
C ARG C 58 -27.38 0.14 -31.75
N CYS C 59 -27.67 0.28 -30.46
CA CYS C 59 -27.62 1.60 -29.85
C CYS C 59 -26.24 1.80 -29.21
N LEU C 60 -25.61 2.94 -29.52
CA LEU C 60 -24.32 3.36 -28.98
C LEU C 60 -24.49 4.50 -27.99
N GLY C 61 -25.61 4.50 -27.25
CA GLY C 61 -25.91 5.60 -26.37
C GLY C 61 -24.93 5.81 -25.23
N SER C 62 -24.16 4.79 -24.86
CA SER C 62 -23.22 4.95 -23.76
C SER C 62 -21.85 5.47 -24.19
N LEU C 63 -21.63 5.74 -25.47
CA LEU C 63 -20.33 6.22 -25.92
C LEU C 63 -20.15 7.68 -25.51
N VAL C 64 -18.96 7.99 -24.98
CA VAL C 64 -18.65 9.34 -24.53
C VAL C 64 -18.65 10.30 -25.71
N PHE C 65 -18.02 9.90 -26.82
CA PHE C 65 -17.93 10.71 -28.03
C PHE C 65 -18.76 10.08 -29.14
N PRO C 66 -19.97 10.62 -29.42
CA PRO C 66 -20.76 10.18 -30.58
C PRO C 66 -20.51 11.00 -31.85
N ALA C 79 -19.04 26.03 -48.01
CA ALA C 79 -20.40 26.05 -48.50
C ALA C 79 -21.17 27.23 -47.92
N PRO C 80 -21.26 28.33 -48.68
CA PRO C 80 -22.13 29.43 -48.24
C PRO C 80 -23.58 29.03 -48.20
N GLU C 81 -23.96 28.00 -48.97
CA GLU C 81 -25.33 27.49 -48.94
C GLU C 81 -25.66 26.86 -47.60
N GLN C 82 -24.70 26.12 -47.02
CA GLN C 82 -24.97 25.42 -45.77
C GLN C 82 -25.02 26.36 -44.58
N LEU C 83 -24.35 27.51 -44.66
CA LEU C 83 -24.42 28.50 -43.58
C LEU C 83 -25.78 29.19 -43.55
N LEU C 84 -26.34 29.50 -44.72
CA LEU C 84 -27.60 30.24 -44.77
C LEU C 84 -28.75 29.44 -44.18
N SER C 85 -28.84 28.15 -44.50
CA SER C 85 -29.98 27.37 -44.02
C SER C 85 -29.95 27.24 -42.51
N GLN C 86 -28.77 27.07 -41.92
CA GLN C 86 -28.66 27.02 -40.46
C GLN C 86 -28.93 28.40 -39.86
N ALA C 87 -28.38 29.46 -40.46
CA ALA C 87 -28.65 30.81 -40.01
C ALA C 87 -30.13 31.12 -40.06
N ARG C 88 -30.75 30.85 -41.22
CA ARG C 88 -32.19 31.03 -41.35
C ARG C 88 -32.94 30.28 -40.27
N ASP C 89 -32.46 29.08 -39.92
CA ASP C 89 -33.16 28.25 -38.93
C ASP C 89 -33.12 28.86 -37.53
N PHE C 90 -31.97 29.37 -37.13
CA PHE C 90 -31.85 29.96 -35.80
C PHE C 90 -32.71 31.22 -35.67
N ILE C 91 -32.69 32.08 -36.69
CA ILE C 91 -33.44 33.34 -36.63
C ILE C 91 -34.93 33.08 -36.47
N ASN C 92 -35.43 32.02 -37.11
CA ASN C 92 -36.84 31.67 -37.00
C ASN C 92 -37.20 31.18 -35.59
N GLN C 93 -36.31 30.38 -34.98
CA GLN C 93 -36.50 30.01 -33.58
C GLN C 93 -36.58 31.26 -32.72
N TYR C 94 -35.58 32.13 -32.86
CA TYR C 94 -35.49 33.34 -32.05
C TYR C 94 -36.76 34.16 -32.11
N TYR C 95 -37.26 34.46 -33.32
CA TYR C 95 -38.44 35.30 -33.44
C TYR C 95 -39.71 34.57 -33.04
N SER C 96 -39.72 33.24 -33.06
CA SER C 96 -40.82 32.54 -32.42
C SER C 96 -40.71 32.67 -30.91
N SER C 97 -39.49 32.60 -30.39
CA SER C 97 -39.23 32.62 -28.96
C SER C 97 -39.58 33.95 -28.31
N ILE C 98 -39.65 35.04 -29.06
CA ILE C 98 -40.07 36.32 -28.51
C ILE C 98 -41.46 36.70 -28.99
N LYS C 99 -42.20 35.76 -29.58
CA LYS C 99 -43.57 35.98 -30.07
C LYS C 99 -43.65 37.10 -31.11
N ARG C 100 -42.54 37.38 -31.80
CA ARG C 100 -42.54 38.40 -32.85
C ARG C 100 -42.11 37.77 -34.18
N SER C 101 -42.70 36.62 -34.50
CA SER C 101 -42.55 35.99 -35.81
C SER C 101 -43.94 35.94 -36.44
N GLY C 102 -44.05 36.48 -37.65
CA GLY C 102 -45.29 37.05 -38.10
C GLY C 102 -45.38 38.54 -37.82
N SER C 103 -44.44 39.05 -37.02
CA SER C 103 -44.23 40.49 -36.80
C SER C 103 -42.78 40.73 -37.18
N GLN C 104 -42.54 41.33 -38.35
CA GLN C 104 -41.28 41.13 -39.05
C GLN C 104 -40.35 42.34 -38.95
N ALA C 105 -39.71 42.47 -37.79
CA ALA C 105 -38.27 42.63 -37.76
C ALA C 105 -37.59 41.32 -38.14
N HIS C 106 -38.36 40.24 -38.13
CA HIS C 106 -37.98 38.96 -38.70
C HIS C 106 -37.44 39.12 -40.12
N GLU C 107 -38.23 39.74 -40.99
CA GLU C 107 -37.83 39.83 -42.40
C GLU C 107 -36.59 40.70 -42.58
N GLN C 108 -36.45 41.78 -41.80
CA GLN C 108 -35.25 42.62 -41.94
C GLN C 108 -34.01 41.83 -41.57
N ARG C 109 -34.05 41.18 -40.40
CA ARG C 109 -32.92 40.37 -39.97
C ARG C 109 -32.60 39.29 -40.98
N LEU C 110 -33.63 38.64 -41.54
CA LEU C 110 -33.38 37.59 -42.52
C LEU C 110 -32.53 38.11 -43.69
N GLN C 111 -32.91 39.27 -44.23
CA GLN C 111 -32.19 39.78 -45.40
C GLN C 111 -30.83 40.36 -45.02
N GLU C 112 -30.70 40.89 -43.82
CA GLU C 112 -29.39 41.37 -43.40
C GLU C 112 -28.38 40.23 -43.37
N VAL C 113 -28.77 39.08 -42.82
CA VAL C 113 -27.86 37.94 -42.78
C VAL C 113 -27.54 37.46 -44.20
N GLU C 114 -28.57 37.35 -45.06
CA GLU C 114 -28.33 37.01 -46.46
C GLU C 114 -27.27 37.92 -47.10
N ALA C 115 -27.42 39.24 -46.95
CA ALA C 115 -26.45 40.15 -47.55
C ALA C 115 -25.09 40.04 -46.86
N GLU C 116 -25.07 39.69 -45.58
CA GLU C 116 -23.81 39.66 -44.84
C GLU C 116 -22.91 38.54 -45.33
N VAL C 117 -23.47 37.34 -45.54
CA VAL C 117 -22.68 36.22 -46.02
C VAL C 117 -22.34 36.38 -47.49
N ALA C 118 -23.16 37.14 -48.24
CA ALA C 118 -22.81 37.45 -49.63
C ALA C 118 -21.56 38.32 -49.69
N ALA C 119 -21.49 39.36 -48.86
CA ALA C 119 -20.30 40.19 -48.86
C ALA C 119 -19.12 39.50 -48.17
N THR C 120 -19.37 38.84 -47.03
CA THR C 120 -18.28 38.39 -46.17
C THR C 120 -18.05 36.88 -46.14
N GLY C 121 -19.08 36.07 -46.38
CA GLY C 121 -18.99 34.64 -46.18
C GLY C 121 -19.48 34.15 -44.84
N THR C 122 -19.57 35.04 -43.85
CA THR C 122 -20.10 34.74 -42.53
C THR C 122 -21.11 35.83 -42.18
N TYR C 123 -21.57 35.89 -40.93
CA TYR C 123 -22.43 36.99 -40.50
C TYR C 123 -22.26 37.21 -39.00
N GLN C 124 -22.76 38.35 -38.52
CA GLN C 124 -22.69 38.73 -37.12
C GLN C 124 -24.02 38.47 -36.42
N LEU C 125 -23.95 37.91 -35.21
CA LEU C 125 -25.13 37.85 -34.36
C LEU C 125 -25.33 39.19 -33.64
N ARG C 126 -26.58 39.63 -33.57
CA ARG C 126 -26.98 40.68 -32.63
C ARG C 126 -26.79 40.18 -31.21
N GLU C 127 -26.44 41.09 -30.30
CA GLU C 127 -26.12 40.70 -28.92
C GLU C 127 -27.27 39.93 -28.27
N SER C 128 -28.50 40.35 -28.53
CA SER C 128 -29.66 39.65 -27.98
C SER C 128 -29.74 38.22 -28.52
N GLU C 129 -29.52 38.04 -29.83
CA GLU C 129 -29.48 36.70 -30.42
C GLU C 129 -28.36 35.86 -29.80
N LEU C 130 -27.19 36.46 -29.57
CA LEU C 130 -26.09 35.73 -28.94
C LEU C 130 -26.46 35.27 -27.53
N VAL C 131 -27.12 36.14 -26.76
CA VAL C 131 -27.62 35.72 -25.45
C VAL C 131 -28.58 34.55 -25.59
N PHE C 132 -29.61 34.71 -26.42
CA PHE C 132 -30.59 33.65 -26.65
C PHE C 132 -29.91 32.33 -27.03
N GLY C 133 -28.85 32.40 -27.84
CA GLY C 133 -28.16 31.23 -28.35
C GLY C 133 -27.37 30.50 -27.30
N ALA C 134 -26.60 31.22 -26.48
CA ALA C 134 -25.92 30.58 -25.36
C ALA C 134 -26.91 29.86 -24.45
N LYS C 135 -28.00 30.55 -24.10
CA LYS C 135 -29.01 29.97 -23.21
C LYS C 135 -29.66 28.74 -23.83
N GLN C 136 -29.93 28.78 -25.13
CA GLN C 136 -30.53 27.63 -25.79
C GLN C 136 -29.56 26.46 -25.83
N ALA C 137 -28.30 26.73 -26.13
CA ALA C 137 -27.30 25.69 -26.19
C ALA C 137 -27.20 24.96 -24.86
N TRP C 138 -27.18 25.71 -23.76
CA TRP C 138 -27.25 25.11 -22.43
C TRP C 138 -28.53 24.31 -22.27
N ARG C 139 -29.68 24.94 -22.55
CA ARG C 139 -30.96 24.26 -22.43
C ARG C 139 -31.01 22.95 -23.20
N ASN C 140 -30.29 22.86 -24.32
CA ASN C 140 -30.33 21.69 -25.19
C ASN C 140 -29.29 20.63 -24.85
N ALA C 141 -28.45 20.87 -23.86
CA ALA C 141 -27.34 19.99 -23.54
C ALA C 141 -27.83 18.71 -22.87
N PRO C 142 -27.81 17.55 -23.53
CA PRO C 142 -28.47 16.37 -22.95
C PRO C 142 -27.83 15.86 -21.67
N ARG C 143 -26.55 16.12 -21.46
CA ARG C 143 -25.85 15.54 -20.33
C ARG C 143 -25.81 16.43 -19.10
N CYS C 144 -26.46 17.60 -19.11
CA CYS C 144 -26.40 18.53 -17.98
C CYS C 144 -27.62 18.33 -17.08
N VAL C 145 -27.38 17.89 -15.84
CA VAL C 145 -28.45 17.79 -14.85
C VAL C 145 -28.84 19.15 -14.27
N GLY C 146 -28.05 20.20 -14.51
CA GLY C 146 -28.34 21.46 -13.85
C GLY C 146 -29.21 22.42 -14.64
N ARG C 147 -29.99 21.91 -15.61
CA ARG C 147 -30.62 22.78 -16.58
C ARG C 147 -31.85 23.52 -16.07
N ILE C 148 -32.37 23.18 -14.89
CA ILE C 148 -33.45 23.98 -14.30
C ILE C 148 -33.04 25.46 -14.32
N GLN C 149 -31.74 25.75 -14.32
CA GLN C 149 -31.20 27.10 -14.21
C GLN C 149 -30.99 27.80 -15.55
N TRP C 150 -31.35 27.17 -16.68
CA TRP C 150 -30.82 27.62 -17.98
C TRP C 150 -31.19 29.06 -18.31
N GLY C 151 -32.32 29.56 -17.81
CA GLY C 151 -32.70 30.93 -18.12
C GLY C 151 -31.84 31.99 -17.42
N LYS C 152 -31.13 31.63 -16.37
CA LYS C 152 -30.27 32.56 -15.63
C LYS C 152 -28.83 32.25 -16.00
N LEU C 153 -28.29 33.01 -16.94
CA LEU C 153 -26.93 32.80 -17.44
C LEU C 153 -26.35 34.14 -17.83
N GLN C 154 -25.18 34.47 -17.31
CA GLN C 154 -24.53 35.73 -17.65
C GLN C 154 -23.68 35.54 -18.90
N VAL C 155 -24.04 36.24 -19.96
CA VAL C 155 -23.38 36.12 -21.25
C VAL C 155 -22.46 37.33 -21.42
N PHE C 156 -21.16 37.09 -21.44
CA PHE C 156 -20.15 38.13 -21.61
C PHE C 156 -19.66 38.13 -23.05
N ASP C 157 -19.80 39.26 -23.73
CA ASP C 157 -19.51 39.33 -25.16
C ASP C 157 -18.08 39.80 -25.33
N ALA C 158 -17.16 38.84 -25.53
CA ALA C 158 -15.76 39.12 -25.82
C ALA C 158 -15.44 38.98 -27.30
N ARG C 159 -16.41 39.23 -28.18
CA ARG C 159 -16.17 39.00 -29.60
C ARG C 159 -15.21 40.00 -30.21
N ASP C 160 -14.79 41.03 -29.47
CA ASP C 160 -13.82 42.01 -29.96
C ASP C 160 -12.40 41.67 -29.53
N CYS C 161 -12.19 40.54 -28.87
CA CYS C 161 -10.87 40.20 -28.35
C CYS C 161 -9.86 40.10 -29.48
N ARG C 162 -8.63 40.58 -29.22
CA ARG C 162 -7.63 40.68 -30.27
C ARG C 162 -6.40 39.82 -30.04
N SER C 163 -5.97 39.63 -28.80
CA SER C 163 -4.79 38.80 -28.53
C SER C 163 -4.99 38.03 -27.24
N ALA C 164 -4.02 37.14 -26.98
CA ALA C 164 -4.09 36.29 -25.79
C ALA C 164 -4.12 37.12 -24.51
N GLN C 165 -3.35 38.21 -24.46
CA GLN C 165 -3.32 39.00 -23.24
C GLN C 165 -4.70 39.55 -22.92
N GLU C 166 -5.45 39.94 -23.96
CA GLU C 166 -6.81 40.43 -23.72
C GLU C 166 -7.74 39.29 -23.36
N MET C 167 -7.55 38.13 -23.99
CA MET C 167 -8.31 36.93 -23.65
C MET C 167 -8.15 36.59 -22.18
N PHE C 168 -6.91 36.71 -21.66
CA PHE C 168 -6.66 36.45 -20.24
C PHE C 168 -7.37 37.48 -19.36
N THR C 169 -7.54 38.69 -19.86
CA THR C 169 -8.28 39.71 -19.13
C THR C 169 -9.77 39.40 -19.09
N TYR C 170 -10.36 39.10 -20.25
CA TYR C 170 -11.73 38.59 -20.27
C TYR C 170 -11.88 37.38 -19.35
N ILE C 171 -11.00 36.38 -19.50
CA ILE C 171 -11.11 35.17 -18.70
C ILE C 171 -11.11 35.51 -17.22
N CYS C 172 -10.18 36.38 -16.81
CA CYS C 172 -10.12 36.74 -15.39
C CYS C 172 -11.37 37.51 -14.97
N ASN C 173 -11.94 38.32 -15.86
CA ASN C 173 -13.18 39.02 -15.53
C ASN C 173 -14.29 38.01 -15.23
N HIS C 174 -14.44 37.02 -16.11
CA HIS C 174 -15.39 35.94 -15.90
C HIS C 174 -15.18 35.27 -14.54
N ILE C 175 -13.95 34.85 -14.27
CA ILE C 175 -13.68 34.10 -13.04
C ILE C 175 -14.08 34.92 -11.81
N LYS C 176 -13.78 36.22 -11.81
CA LYS C 176 -14.18 37.06 -10.69
C LYS C 176 -15.70 37.16 -10.60
N TYR C 177 -16.38 37.42 -11.71
CA TYR C 177 -17.84 37.55 -11.67
C TYR C 177 -18.50 36.25 -11.23
N ALA C 178 -18.09 35.12 -11.83
CA ALA C 178 -18.75 33.84 -11.59
C ALA C 178 -18.52 33.36 -10.16
N THR C 179 -17.32 33.60 -9.62
CA THR C 179 -17.00 33.15 -8.28
C THR C 179 -17.78 33.95 -7.25
N ASN C 180 -17.70 35.30 -7.33
CA ASN C 180 -18.52 36.15 -6.47
C ASN C 180 -18.37 35.80 -4.98
N ARG C 181 -17.12 35.51 -4.57
CA ARG C 181 -16.78 35.23 -3.17
C ARG C 181 -17.48 33.98 -2.64
N GLY C 182 -17.83 33.05 -3.54
CA GLY C 182 -18.45 31.82 -3.15
C GLY C 182 -19.94 31.73 -3.41
N ASN C 183 -20.59 32.85 -3.71
CA ASN C 183 -21.99 32.82 -4.14
C ASN C 183 -22.01 32.74 -5.67
N LEU C 184 -21.83 31.52 -6.18
CA LEU C 184 -21.50 31.34 -7.59
C LEU C 184 -22.66 31.70 -8.50
N ARG C 185 -22.31 32.18 -9.69
CA ARG C 185 -23.26 32.66 -10.69
C ARG C 185 -22.86 32.08 -12.04
N SER C 186 -23.83 31.54 -12.76
CA SER C 186 -23.58 30.96 -14.07
C SER C 186 -23.17 32.03 -15.07
N ALA C 187 -22.14 31.74 -15.88
CA ALA C 187 -21.67 32.70 -16.85
C ALA C 187 -21.06 32.00 -18.06
N ILE C 188 -21.07 32.70 -19.19
CA ILE C 188 -20.37 32.29 -20.39
C ILE C 188 -19.72 33.53 -21.02
N THR C 189 -18.44 33.42 -21.37
CA THR C 189 -17.75 34.43 -22.18
C THR C 189 -17.55 33.89 -23.58
N VAL C 190 -17.97 34.66 -24.58
CA VAL C 190 -17.94 34.27 -25.97
C VAL C 190 -16.83 35.06 -26.68
N PHE C 191 -15.77 34.36 -27.04
CA PHE C 191 -14.68 34.91 -27.84
C PHE C 191 -15.07 34.89 -29.31
N PRO C 192 -14.26 35.47 -30.20
CA PRO C 192 -14.71 35.62 -31.59
C PRO C 192 -14.85 34.30 -32.32
N GLN C 193 -15.79 34.28 -33.25
CA GLN C 193 -16.14 33.09 -33.99
C GLN C 193 -15.02 32.65 -34.93
N ARG C 194 -15.06 31.37 -35.31
CA ARG C 194 -14.24 30.88 -36.40
C ARG C 194 -14.57 31.64 -37.67
N CYS C 195 -13.55 31.98 -38.44
CA CYS C 195 -13.72 32.72 -39.67
C CYS C 195 -13.03 32.00 -40.81
N PRO C 196 -13.59 32.08 -42.02
CA PRO C 196 -12.92 31.46 -43.18
C PRO C 196 -11.57 32.12 -43.42
N GLY C 197 -10.56 31.29 -43.63
CA GLY C 197 -9.21 31.79 -43.76
C GLY C 197 -8.67 32.32 -42.44
N ARG C 198 -7.60 31.68 -41.95
CA ARG C 198 -6.83 32.06 -40.77
C ARG C 198 -7.52 31.62 -39.48
N GLY C 199 -6.74 31.51 -38.41
CA GLY C 199 -7.07 30.66 -37.28
C GLY C 199 -8.08 31.24 -36.30
N ASP C 200 -8.18 30.55 -35.16
CA ASP C 200 -9.20 30.79 -34.16
C ASP C 200 -8.57 31.03 -32.79
N PHE C 201 -9.36 31.61 -31.90
CA PHE C 201 -9.02 31.61 -30.49
C PHE C 201 -9.32 30.25 -29.91
N ARG C 202 -8.43 29.78 -29.05
CA ARG C 202 -8.62 28.48 -28.39
C ARG C 202 -8.03 28.56 -27.00
N ILE C 203 -8.81 28.16 -26.02
CA ILE C 203 -8.26 27.84 -24.70
C ILE C 203 -7.82 26.38 -24.75
N TRP C 204 -6.56 26.14 -24.40
CA TRP C 204 -6.04 24.79 -24.49
C TRP C 204 -6.45 23.94 -23.29
N ASN C 205 -6.62 24.54 -22.13
CA ASN C 205 -6.97 23.78 -20.94
C ASN C 205 -8.42 23.33 -21.03
N SER C 206 -8.69 22.10 -20.58
CA SER C 206 -10.04 21.57 -20.59
C SER C 206 -10.96 22.36 -19.65
N GLN C 207 -10.41 22.88 -18.55
CA GLN C 207 -11.12 23.77 -17.65
C GLN C 207 -10.20 24.94 -17.29
N LEU C 208 -10.81 26.07 -16.94
CA LEU C 208 -10.02 27.23 -16.56
C LEU C 208 -9.21 26.93 -15.30
N VAL C 209 -9.75 26.13 -14.39
CA VAL C 209 -9.07 25.75 -13.16
C VAL C 209 -8.86 24.23 -13.19
N ARG C 210 -7.60 23.82 -13.26
CA ARG C 210 -7.22 22.41 -13.21
C ARG C 210 -5.96 22.26 -12.38
N TYR C 211 -5.86 21.15 -11.66
CA TYR C 211 -4.63 20.81 -10.95
C TYR C 211 -3.67 20.05 -11.85
N ALA C 212 -2.38 20.15 -11.52
CA ALA C 212 -1.35 19.57 -12.36
C ALA C 212 -1.24 18.06 -12.14
N GLY C 213 -0.66 17.39 -13.12
CA GLY C 213 -0.40 15.96 -13.02
C GLY C 213 1.01 15.60 -13.44
N TYR C 214 1.84 15.19 -12.48
CA TYR C 214 3.25 14.91 -12.69
C TYR C 214 3.51 13.42 -12.61
N ARG C 215 4.22 12.87 -13.59
CA ARG C 215 4.67 11.49 -13.55
C ARG C 215 6.08 11.37 -12.98
N GLN C 216 6.42 10.16 -12.53
CA GLN C 216 7.70 9.86 -11.92
C GLN C 216 8.26 8.60 -12.55
N GLN C 217 9.50 8.26 -12.20
CA GLN C 217 10.02 6.96 -12.60
C GLN C 217 9.55 5.85 -11.65
N ASP C 218 8.66 6.18 -10.72
CA ASP C 218 7.76 5.21 -10.10
C ASP C 218 6.79 4.62 -11.13
N GLY C 219 6.50 5.37 -12.19
CA GLY C 219 5.40 5.07 -13.07
C GLY C 219 4.09 5.72 -12.67
N SER C 220 3.97 6.16 -11.41
CA SER C 220 2.75 6.73 -10.89
C SER C 220 2.66 8.22 -11.26
N VAL C 221 1.66 8.88 -10.69
CA VAL C 221 1.38 10.29 -10.98
C VAL C 221 0.99 10.96 -9.67
N ARG C 222 1.59 12.11 -9.39
CA ARG C 222 1.21 12.97 -8.28
C ARG C 222 0.42 14.15 -8.84
N GLY C 223 -0.70 14.46 -8.20
CA GLY C 223 -1.63 15.41 -8.80
C GLY C 223 -2.74 14.70 -9.56
N ASP C 224 -3.33 15.38 -10.53
CA ASP C 224 -4.53 14.85 -11.19
C ASP C 224 -4.12 14.09 -12.44
N PRO C 225 -4.30 12.75 -12.48
CA PRO C 225 -3.95 12.00 -13.70
C PRO C 225 -4.66 12.50 -14.94
N ALA C 226 -5.80 13.16 -14.82
CA ALA C 226 -6.53 13.64 -16.00
C ALA C 226 -5.80 14.74 -16.74
N ASN C 227 -4.90 15.46 -16.07
CA ASN C 227 -4.28 16.64 -16.65
C ASN C 227 -2.81 16.43 -16.93
N VAL C 228 -2.37 15.17 -17.04
CA VAL C 228 -0.96 14.88 -17.27
C VAL C 228 -0.49 15.49 -18.60
N GLU C 229 -1.34 15.43 -19.62
CA GLU C 229 -0.98 15.95 -20.94
C GLU C 229 -0.83 17.46 -20.90
N ILE C 230 -1.85 18.18 -20.44
CA ILE C 230 -1.80 19.63 -20.43
C ILE C 230 -0.75 20.13 -19.44
N THR C 231 -0.42 19.32 -18.42
CA THR C 231 0.67 19.70 -17.54
C THR C 231 2.01 19.67 -18.27
N GLU C 232 2.17 18.73 -19.21
CA GLU C 232 3.41 18.67 -19.99
C GLU C 232 3.52 19.86 -20.94
N LEU C 233 2.45 20.16 -21.68
CA LEU C 233 2.46 21.32 -22.56
C LEU C 233 2.74 22.61 -21.79
N CYS C 234 2.27 22.69 -20.54
CA CYS C 234 2.59 23.86 -19.72
C CYS C 234 4.08 23.93 -19.45
N ILE C 235 4.69 22.81 -19.06
CA ILE C 235 6.10 22.79 -18.74
C ILE C 235 6.93 23.16 -19.97
N GLN C 236 6.57 22.59 -21.12
CA GLN C 236 7.31 22.87 -22.36
C GLN C 236 7.33 24.36 -22.65
N HIS C 237 6.15 24.98 -22.74
CA HIS C 237 6.03 26.37 -23.13
C HIS C 237 6.25 27.33 -21.96
N GLY C 238 7.05 26.94 -20.98
CA GLY C 238 7.54 27.90 -20.00
C GLY C 238 7.34 27.57 -18.54
N TRP C 239 6.19 26.99 -18.19
CA TRP C 239 5.79 26.98 -16.79
C TRP C 239 6.74 26.15 -15.95
N THR C 240 7.20 26.75 -14.86
CA THR C 240 8.10 26.07 -13.93
C THR C 240 7.26 25.24 -12.96
N PRO C 241 7.35 23.91 -12.99
CA PRO C 241 6.36 23.09 -12.28
C PRO C 241 6.53 23.15 -10.77
N GLY C 242 5.40 22.98 -10.08
CA GLY C 242 5.41 22.69 -8.67
C GLY C 242 5.64 21.21 -8.43
N ASN C 243 5.49 20.81 -7.17
CA ASN C 243 5.54 19.40 -6.83
C ASN C 243 4.43 18.98 -5.86
N GLY C 244 3.27 19.64 -5.93
CA GLY C 244 2.19 19.32 -5.01
C GLY C 244 1.05 18.53 -5.63
N ARG C 245 0.26 17.87 -4.77
CA ARG C 245 -0.94 17.15 -5.22
C ARG C 245 -1.98 18.09 -5.82
N PHE C 246 -1.90 19.40 -5.59
CA PHE C 246 -2.96 20.32 -6.01
C PHE C 246 -2.39 21.61 -6.57
N ASP C 247 -1.49 21.51 -7.55
CA ASP C 247 -0.90 22.69 -8.18
C ASP C 247 -1.83 23.20 -9.27
N VAL C 248 -2.40 24.39 -9.08
CA VAL C 248 -3.23 25.01 -10.12
C VAL C 248 -2.39 25.24 -11.38
N LEU C 249 -2.81 24.65 -12.49
CA LEU C 249 -2.08 24.81 -13.73
C LEU C 249 -2.23 26.23 -14.27
N PRO C 250 -1.28 26.69 -15.07
CA PRO C 250 -1.45 27.96 -15.75
C PRO C 250 -2.33 27.80 -16.99
N LEU C 251 -2.82 28.94 -17.48
CA LEU C 251 -3.62 28.94 -18.70
C LEU C 251 -2.71 28.96 -19.92
N LEU C 252 -3.13 28.26 -20.97
CA LEU C 252 -2.45 28.25 -22.28
C LEU C 252 -3.43 28.76 -23.33
N LEU C 253 -3.41 30.08 -23.56
CA LEU C 253 -4.37 30.75 -24.43
C LEU C 253 -3.75 30.95 -25.80
N GLN C 254 -4.57 30.81 -26.83
CA GLN C 254 -4.11 30.83 -28.22
C GLN C 254 -4.94 31.82 -29.02
N ALA C 255 -4.34 32.96 -29.34
CA ALA C 255 -4.92 33.88 -30.31
C ALA C 255 -4.75 33.30 -31.71
N PRO C 256 -5.48 33.82 -32.69
CA PRO C 256 -5.39 33.27 -34.06
C PRO C 256 -3.97 33.25 -34.59
N ASP C 257 -3.54 32.05 -35.01
CA ASP C 257 -2.29 31.83 -35.74
C ASP C 257 -1.05 31.96 -34.86
N GLU C 258 -1.08 32.86 -33.88
CA GLU C 258 0.04 32.96 -32.96
C GLU C 258 0.13 31.68 -32.11
N PRO C 259 1.31 31.35 -31.61
CA PRO C 259 1.44 30.19 -30.71
C PRO C 259 0.78 30.48 -29.37
N PRO C 260 0.48 29.44 -28.59
CA PRO C 260 -0.22 29.66 -27.31
C PRO C 260 0.73 30.25 -26.27
N GLU C 261 0.29 31.34 -25.63
CA GLU C 261 1.09 31.98 -24.60
C GLU C 261 0.57 31.61 -23.22
N LEU C 262 1.50 31.54 -22.27
CA LEU C 262 1.28 30.93 -20.97
C LEU C 262 1.00 32.01 -19.93
N PHE C 263 -0.19 31.98 -19.33
CA PHE C 263 -0.60 32.96 -18.33
C PHE C 263 -0.82 32.28 -16.99
N LEU C 264 -0.58 33.03 -15.91
CA LEU C 264 -0.72 32.53 -14.54
C LEU C 264 -1.98 33.12 -13.91
N LEU C 265 -2.73 32.28 -13.20
CA LEU C 265 -3.92 32.82 -12.55
C LEU C 265 -3.56 33.36 -11.17
N PRO C 266 -3.93 34.59 -10.85
CA PRO C 266 -3.71 35.10 -9.50
C PRO C 266 -4.38 34.21 -8.47
N PRO C 267 -3.62 33.71 -7.49
CA PRO C 267 -4.24 32.83 -6.47
C PRO C 267 -5.41 33.47 -5.73
N GLU C 268 -5.41 34.81 -5.62
CA GLU C 268 -6.57 35.51 -5.06
C GLU C 268 -7.81 35.35 -5.93
N LEU C 269 -7.64 35.03 -7.20
CA LEU C 269 -8.76 34.86 -8.12
C LEU C 269 -9.35 33.45 -8.06
N VAL C 270 -8.57 32.47 -7.61
CA VAL C 270 -8.93 31.05 -7.68
C VAL C 270 -9.39 30.54 -6.32
N LEU C 271 -10.70 30.58 -6.07
CA LEU C 271 -11.25 30.20 -4.78
C LEU C 271 -11.17 28.69 -4.61
N GLU C 272 -10.50 28.23 -3.55
CA GLU C 272 -10.38 26.82 -3.24
C GLU C 272 -11.02 26.52 -1.90
N VAL C 273 -11.35 25.25 -1.70
CA VAL C 273 -12.06 24.85 -0.49
C VAL C 273 -11.31 23.69 0.15
N PRO C 274 -10.69 23.88 1.32
CA PRO C 274 -10.04 22.76 2.00
C PRO C 274 -11.09 21.80 2.52
N LEU C 275 -10.85 20.50 2.35
CA LEU C 275 -11.88 19.52 2.66
C LEU C 275 -11.71 19.01 4.07
N GLU C 276 -12.74 19.15 4.88
CA GLU C 276 -12.79 18.55 6.21
C GLU C 276 -14.07 17.75 6.34
N HIS C 277 -14.10 16.84 7.30
CA HIS C 277 -15.29 16.04 7.57
C HIS C 277 -15.95 16.47 8.88
N PRO C 278 -17.28 16.51 8.93
CA PRO C 278 -17.94 17.03 10.14
C PRO C 278 -17.65 16.25 11.42
N THR C 279 -17.28 14.97 11.35
CA THR C 279 -17.11 14.17 12.56
C THR C 279 -15.87 13.30 12.56
N LEU C 280 -15.20 13.11 11.43
CA LEU C 280 -13.96 12.37 11.36
C LEU C 280 -12.85 13.40 11.36
N GLU C 281 -12.22 13.61 12.52
CA GLU C 281 -11.26 14.69 12.68
C GLU C 281 -10.03 14.49 11.82
N TRP C 282 -9.62 13.23 11.62
CA TRP C 282 -8.42 12.98 10.83
C TRP C 282 -8.58 13.31 9.36
N PHE C 283 -9.81 13.59 8.89
CA PHE C 283 -10.01 13.74 7.45
C PHE C 283 -9.34 14.99 6.93
N ALA C 284 -9.42 16.08 7.72
CA ALA C 284 -8.72 17.31 7.37
C ALA C 284 -7.25 17.06 7.10
N ALA C 285 -6.65 16.13 7.86
CA ALA C 285 -5.21 15.92 7.78
C ALA C 285 -4.78 15.27 6.47
N LEU C 286 -5.71 14.70 5.70
CA LEU C 286 -5.32 14.13 4.42
C LEU C 286 -4.89 15.20 3.44
N GLY C 287 -5.21 16.46 3.71
CA GLY C 287 -4.78 17.58 2.90
C GLY C 287 -5.53 17.76 1.61
N LEU C 288 -6.78 17.29 1.54
CA LEU C 288 -7.55 17.38 0.31
C LEU C 288 -8.19 18.75 0.15
N ARG C 289 -8.24 19.22 -1.09
CA ARG C 289 -8.90 20.47 -1.45
C ARG C 289 -9.53 20.30 -2.83
N TRP C 290 -10.51 21.14 -3.13
CA TRP C 290 -10.95 21.30 -4.51
C TRP C 290 -11.27 22.76 -4.74
N TYR C 291 -11.46 23.13 -6.01
CA TYR C 291 -11.75 24.52 -6.31
C TYR C 291 -13.25 24.75 -6.40
N ALA C 292 -13.61 26.03 -6.32
CA ALA C 292 -15.02 26.43 -6.23
C ALA C 292 -15.72 26.38 -7.59
N LEU C 293 -15.01 26.72 -8.67
CA LEU C 293 -15.61 27.08 -9.96
C LEU C 293 -15.40 26.00 -11.01
N PRO C 294 -16.45 25.28 -11.44
CA PRO C 294 -16.30 24.39 -12.60
C PRO C 294 -16.52 25.18 -13.88
N ALA C 295 -15.46 25.33 -14.67
CA ALA C 295 -15.49 26.21 -15.84
C ALA C 295 -14.90 25.46 -17.03
N VAL C 296 -15.79 24.96 -17.89
CA VAL C 296 -15.40 24.17 -19.06
C VAL C 296 -14.95 25.11 -20.18
N SER C 297 -13.77 24.84 -20.74
CA SER C 297 -13.19 25.77 -21.71
C SER C 297 -12.77 25.15 -23.04
N ASN C 298 -12.91 23.85 -23.23
CA ASN C 298 -12.48 23.20 -24.47
C ASN C 298 -13.63 22.82 -25.39
N MET C 299 -14.83 23.33 -25.17
CA MET C 299 -15.95 22.96 -26.03
C MET C 299 -16.27 24.07 -27.01
N LEU C 300 -16.95 23.69 -28.08
CA LEU C 300 -17.25 24.61 -29.17
C LEU C 300 -18.72 24.97 -29.12
N LEU C 301 -19.01 26.26 -29.14
CA LEU C 301 -20.38 26.78 -29.12
C LEU C 301 -20.83 27.05 -30.55
N GLU C 302 -21.99 26.51 -30.93
CA GLU C 302 -22.51 26.63 -32.29
C GLU C 302 -23.90 27.25 -32.28
N ILE C 303 -24.07 28.34 -33.01
CA ILE C 303 -25.34 29.07 -33.09
C ILE C 303 -25.60 29.43 -34.54
N GLY C 304 -26.78 29.07 -35.04
CA GLY C 304 -27.18 29.37 -36.40
C GLY C 304 -26.08 29.23 -37.44
N GLY C 305 -25.28 28.18 -37.33
CA GLY C 305 -24.21 27.93 -38.27
C GLY C 305 -22.89 28.58 -37.92
N LEU C 306 -22.86 29.42 -36.89
CA LEU C 306 -21.63 30.01 -36.42
C LEU C 306 -21.00 29.12 -35.37
N GLU C 307 -19.67 29.18 -35.28
CA GLU C 307 -18.94 28.27 -34.42
C GLU C 307 -17.94 29.07 -33.61
N PHE C 308 -18.01 28.94 -32.29
CA PHE C 308 -17.15 29.71 -31.39
C PHE C 308 -16.25 28.73 -30.66
N PRO C 309 -15.04 28.51 -31.16
CA PRO C 309 -14.17 27.49 -30.56
C PRO C 309 -13.65 27.86 -29.20
N ALA C 310 -13.74 29.13 -28.80
CA ALA C 310 -13.48 29.54 -27.43
C ALA C 310 -14.72 30.25 -26.89
N ALA C 311 -15.32 29.69 -25.85
CA ALA C 311 -16.54 30.17 -25.21
C ALA C 311 -16.72 29.49 -23.87
N PRO C 312 -15.80 29.73 -22.92
CA PRO C 312 -15.87 29.02 -21.65
C PRO C 312 -17.14 29.38 -20.88
N PHE C 313 -17.67 28.39 -20.16
CA PHE C 313 -18.86 28.55 -19.35
C PHE C 313 -18.62 27.90 -17.99
N SER C 314 -19.38 28.36 -16.99
CA SER C 314 -19.15 27.95 -15.61
C SER C 314 -20.48 27.93 -14.88
N GLY C 315 -20.57 27.09 -13.86
CA GLY C 315 -21.75 27.07 -13.03
C GLY C 315 -21.33 26.95 -11.59
N TRP C 316 -21.91 25.99 -10.89
CA TRP C 316 -21.38 25.51 -9.62
C TRP C 316 -21.47 23.99 -9.64
N TYR C 317 -20.80 23.38 -8.67
CA TYR C 317 -20.63 21.92 -8.66
C TYR C 317 -21.83 21.19 -8.07
N MET C 318 -22.13 20.04 -8.66
CA MET C 318 -22.82 19.00 -7.94
C MET C 318 -21.79 18.19 -7.18
N SER C 319 -22.13 17.78 -5.96
CA SER C 319 -21.11 17.32 -5.05
C SER C 319 -20.53 15.95 -5.40
N THR C 320 -21.24 15.11 -6.18
CA THR C 320 -20.63 13.85 -6.54
C THR C 320 -19.56 14.05 -7.62
N GLU C 321 -19.60 15.14 -8.38
CA GLU C 321 -18.53 15.36 -9.35
C GLU C 321 -17.18 15.51 -8.67
N ILE C 322 -17.16 16.15 -7.49
CA ILE C 322 -15.91 16.28 -6.73
C ILE C 322 -15.64 15.02 -5.91
N GLY C 323 -16.61 14.62 -5.09
CA GLY C 323 -16.35 13.54 -4.14
C GLY C 323 -16.25 12.18 -4.80
N THR C 324 -17.11 11.91 -5.76
CA THR C 324 -17.12 10.58 -6.39
C THR C 324 -16.20 10.51 -7.61
N ARG C 325 -16.44 11.35 -8.61
CA ARG C 325 -15.61 11.29 -9.81
C ARG C 325 -14.19 11.77 -9.54
N ASN C 326 -14.03 13.04 -9.14
CA ASN C 326 -12.68 13.63 -9.11
C ASN C 326 -11.81 13.00 -8.04
N LEU C 327 -12.37 12.72 -6.85
CA LEU C 327 -11.54 12.15 -5.80
C LEU C 327 -11.56 10.63 -5.73
N CYS C 328 -12.62 9.97 -6.19
CA CYS C 328 -12.68 8.51 -6.05
C CYS C 328 -12.47 7.71 -7.32
N ASP C 329 -12.54 8.31 -8.50
CA ASP C 329 -12.31 7.53 -9.71
C ASP C 329 -10.93 6.88 -9.59
N PRO C 330 -10.77 5.62 -10.05
CA PRO C 330 -9.46 4.96 -9.92
C PRO C 330 -8.40 5.59 -10.78
N HIS C 331 -8.79 6.35 -11.79
CA HIS C 331 -7.86 6.99 -12.71
C HIS C 331 -7.79 8.49 -12.47
N ARG C 332 -8.30 8.95 -11.33
CA ARG C 332 -8.14 10.32 -10.87
C ARG C 332 -7.35 10.28 -9.56
N TYR C 333 -7.79 11.01 -8.54
CA TYR C 333 -7.02 11.00 -7.28
C TYR C 333 -7.09 9.65 -6.55
N ASN C 334 -8.12 8.85 -6.79
CA ASN C 334 -8.16 7.45 -6.33
C ASN C 334 -7.92 7.33 -4.82
N ILE C 335 -8.60 8.17 -4.03
CA ILE C 335 -8.32 8.26 -2.59
C ILE C 335 -9.12 7.27 -1.78
N LEU C 336 -9.90 6.40 -2.43
CA LEU C 336 -10.93 5.66 -1.73
C LEU C 336 -10.35 4.72 -0.68
N GLU C 337 -9.26 4.03 -1.00
CA GLU C 337 -8.71 3.10 -0.03
C GLU C 337 -8.00 3.82 1.11
N ASP C 338 -7.36 4.95 0.81
CA ASP C 338 -6.84 5.82 1.87
C ASP C 338 -7.89 6.08 2.93
N VAL C 339 -9.03 6.63 2.51
CA VAL C 339 -10.10 6.97 3.44
C VAL C 339 -10.62 5.72 4.15
N ALA C 340 -10.75 4.60 3.43
CA ALA C 340 -11.25 3.40 4.08
C ALA C 340 -10.31 2.90 5.17
N VAL C 341 -9.00 2.99 4.90
CA VAL C 341 -8.01 2.63 5.91
C VAL C 341 -8.14 3.50 7.15
N CYS C 342 -8.41 4.80 6.98
CA CYS C 342 -8.55 5.63 8.17
C CYS C 342 -9.89 5.44 8.87
N MET C 343 -10.91 4.91 8.17
CA MET C 343 -12.16 4.62 8.86
C MET C 343 -12.15 3.25 9.53
N ASP C 344 -11.05 2.49 9.41
CA ASP C 344 -10.93 1.14 9.97
C ASP C 344 -11.91 0.17 9.29
N LEU C 345 -12.07 0.31 7.98
CA LEU C 345 -12.98 -0.56 7.25
C LEU C 345 -12.26 -1.83 6.81
N ASP C 346 -13.01 -2.93 6.72
CA ASP C 346 -12.47 -4.22 6.30
C ASP C 346 -12.27 -4.21 4.79
N THR C 347 -11.07 -3.85 4.35
CA THR C 347 -10.84 -3.65 2.92
C THR C 347 -10.43 -4.92 2.20
N ARG C 348 -10.47 -6.08 2.83
CA ARG C 348 -9.97 -7.29 2.20
C ARG C 348 -11.10 -8.17 1.64
N THR C 349 -12.34 -7.71 1.72
CA THR C 349 -13.44 -8.36 1.03
C THR C 349 -14.40 -7.29 0.49
N THR C 350 -14.84 -7.48 -0.77
CA THR C 350 -15.79 -6.53 -1.35
C THR C 350 -17.11 -6.53 -0.59
N SER C 351 -17.49 -7.66 0.01
CA SER C 351 -18.82 -7.72 0.61
C SER C 351 -18.94 -6.89 1.88
N SER C 352 -17.87 -6.32 2.42
CA SER C 352 -18.06 -5.38 3.53
C SER C 352 -18.64 -4.06 3.05
N LEU C 353 -18.57 -3.79 1.74
CA LEU C 353 -19.03 -2.53 1.15
C LEU C 353 -18.21 -1.36 1.69
N TRP C 354 -16.90 -1.60 1.86
CA TRP C 354 -16.02 -0.52 2.31
C TRP C 354 -15.86 0.54 1.24
N LYS C 355 -15.93 0.16 -0.03
CA LYS C 355 -15.84 1.18 -1.08
C LYS C 355 -17.03 2.12 -1.02
N ASP C 356 -18.21 1.58 -0.71
CA ASP C 356 -19.42 2.39 -0.65
C ASP C 356 -19.43 3.28 0.59
N LYS C 357 -19.03 2.76 1.74
CA LYS C 357 -19.05 3.55 2.96
C LYS C 357 -18.05 4.70 2.88
N ALA C 358 -16.88 4.44 2.30
CA ALA C 358 -15.88 5.48 2.14
C ALA C 358 -16.35 6.55 1.16
N ALA C 359 -16.94 6.12 0.03
CA ALA C 359 -17.42 7.09 -0.97
C ALA C 359 -18.44 8.03 -0.37
N VAL C 360 -19.35 7.52 0.46
CA VAL C 360 -20.38 8.38 1.02
C VAL C 360 -19.77 9.40 1.98
N GLU C 361 -18.75 8.99 2.74
CA GLU C 361 -18.17 9.91 3.71
C GLU C 361 -17.33 10.98 3.02
N ILE C 362 -16.64 10.63 1.92
CA ILE C 362 -15.96 11.65 1.12
C ILE C 362 -16.97 12.65 0.59
N ASN C 363 -18.13 12.16 0.13
CA ASN C 363 -19.17 13.07 -0.36
C ASN C 363 -19.75 13.92 0.77
N VAL C 364 -19.90 13.35 1.98
CA VAL C 364 -20.33 14.15 3.13
C VAL C 364 -19.30 15.24 3.43
N ALA C 365 -18.02 14.90 3.35
CA ALA C 365 -16.95 15.87 3.58
C ALA C 365 -17.03 17.00 2.58
N VAL C 366 -17.22 16.67 1.30
CA VAL C 366 -17.30 17.68 0.25
C VAL C 366 -18.46 18.63 0.54
N LEU C 367 -19.64 18.07 0.83
CA LEU C 367 -20.79 18.94 1.07
C LEU C 367 -20.56 19.82 2.30
N HIS C 368 -20.00 19.25 3.36
CA HIS C 368 -19.85 19.99 4.61
C HIS C 368 -18.81 21.09 4.48
N SER C 369 -17.71 20.79 3.78
CA SER C 369 -16.64 21.76 3.56
C SER C 369 -17.12 22.92 2.72
N TYR C 370 -17.89 22.65 1.67
CA TYR C 370 -18.37 23.74 0.82
C TYR C 370 -19.38 24.61 1.55
N GLN C 371 -20.30 24.00 2.29
CA GLN C 371 -21.25 24.81 3.04
C GLN C 371 -20.57 25.64 4.10
N LEU C 372 -19.61 25.04 4.80
CA LEU C 372 -18.90 25.77 5.85
C LEU C 372 -18.19 26.98 5.26
N ALA C 373 -17.52 26.79 4.12
CA ALA C 373 -16.83 27.86 3.41
C ALA C 373 -17.78 28.77 2.66
N LYS C 374 -19.09 28.53 2.74
CA LYS C 374 -20.11 29.36 2.09
C LYS C 374 -19.84 29.48 0.59
N VAL C 375 -19.58 28.33 -0.04
CA VAL C 375 -19.38 28.21 -1.47
C VAL C 375 -20.52 27.39 -2.04
N THR C 376 -21.18 27.91 -3.08
CA THR C 376 -22.36 27.27 -3.67
C THR C 376 -22.05 25.83 -4.05
N ILE C 377 -22.89 24.90 -3.59
CA ILE C 377 -22.81 23.51 -4.00
C ILE C 377 -24.19 22.89 -3.86
N VAL C 378 -24.45 21.84 -4.64
CA VAL C 378 -25.73 21.15 -4.61
C VAL C 378 -25.48 19.64 -4.57
N ASP C 379 -26.21 18.95 -3.69
CA ASP C 379 -26.02 17.51 -3.60
C ASP C 379 -26.85 16.83 -4.66
N HIS C 380 -26.54 15.56 -4.92
CA HIS C 380 -27.17 14.87 -6.06
C HIS C 380 -28.68 14.66 -5.86
N HIS C 381 -29.16 14.57 -4.62
CA HIS C 381 -30.62 14.46 -4.45
C HIS C 381 -31.31 15.75 -4.85
N ALA C 382 -30.84 16.88 -4.32
CA ALA C 382 -31.45 18.14 -4.68
C ALA C 382 -31.35 18.38 -6.17
N ALA C 383 -30.22 18.02 -6.79
CA ALA C 383 -30.01 18.34 -8.21
C ALA C 383 -30.90 17.47 -9.09
N THR C 384 -31.00 16.18 -8.80
CA THR C 384 -31.88 15.35 -9.59
C THR C 384 -33.33 15.73 -9.39
N ALA C 385 -33.70 16.14 -8.18
CA ALA C 385 -35.07 16.59 -7.96
C ALA C 385 -35.39 17.80 -8.83
N SER C 386 -34.45 18.75 -8.92
CA SER C 386 -34.71 19.93 -9.73
CA SER C 386 -34.70 19.93 -9.74
C SER C 386 -34.76 19.58 -11.22
N PHE C 387 -33.97 18.60 -11.66
CA PHE C 387 -34.04 18.19 -13.06
C PHE C 387 -35.41 17.60 -13.40
N MET C 388 -36.02 16.86 -12.47
CA MET C 388 -37.38 16.36 -12.72
C MET C 388 -38.36 17.50 -12.92
N LYS C 389 -38.25 18.56 -12.12
CA LYS C 389 -39.04 19.77 -12.37
C LYS C 389 -38.71 20.35 -13.73
N HIS C 390 -37.42 20.31 -14.12
CA HIS C 390 -37.04 20.81 -15.44
C HIS C 390 -37.71 20.01 -16.54
N LEU C 391 -37.76 18.67 -16.40
CA LEU C 391 -38.45 17.84 -17.37
C LEU C 391 -39.92 18.22 -17.47
N GLU C 392 -40.57 18.44 -16.33
CA GLU C 392 -41.96 18.86 -16.34
C GLU C 392 -42.12 20.20 -17.06
N ASN C 393 -41.34 21.22 -16.66
CA ASN C 393 -41.43 22.53 -17.32
C ASN C 393 -41.25 22.41 -18.83
N GLU C 394 -40.23 21.66 -19.26
CA GLU C 394 -39.94 21.56 -20.68
C GLU C 394 -41.01 20.77 -21.43
N GLN C 395 -41.62 19.79 -20.78
CA GLN C 395 -42.69 19.05 -21.43
C GLN C 395 -43.81 19.99 -21.84
N LYS C 396 -44.14 20.95 -20.99
CA LYS C 396 -45.12 21.96 -21.35
C LYS C 396 -44.54 22.96 -22.35
N ALA C 397 -43.30 23.40 -22.14
CA ALA C 397 -42.74 24.45 -22.98
C ALA C 397 -42.51 23.98 -24.42
N ARG C 398 -41.87 22.80 -24.60
CA ARG C 398 -41.46 22.37 -25.92
C ARG C 398 -41.92 20.96 -26.30
N GLY C 399 -42.65 20.26 -25.44
CA GLY C 399 -43.09 18.92 -25.79
C GLY C 399 -42.07 17.83 -25.54
N GLY C 400 -40.99 18.13 -24.86
CA GLY C 400 -40.00 17.12 -24.53
C GLY C 400 -38.69 17.76 -24.12
N CYS C 401 -37.72 16.89 -23.86
CA CYS C 401 -36.43 17.39 -23.38
C CYS C 401 -35.33 16.38 -23.60
N PRO C 402 -34.31 16.71 -24.41
CA PRO C 402 -33.21 15.76 -24.67
C PRO C 402 -32.39 15.50 -23.41
N ALA C 403 -32.15 14.23 -23.11
CA ALA C 403 -31.56 13.86 -21.84
C ALA C 403 -30.83 12.53 -21.98
N ASP C 404 -29.55 12.52 -21.58
CA ASP C 404 -28.68 11.35 -21.66
C ASP C 404 -28.71 10.66 -20.29
N TRP C 405 -29.53 9.62 -20.19
CA TRP C 405 -29.78 8.92 -18.92
C TRP C 405 -28.49 8.60 -18.18
N ALA C 406 -27.45 8.16 -18.89
CA ALA C 406 -26.24 7.66 -18.26
C ALA C 406 -25.43 8.77 -17.60
N TRP C 407 -25.61 10.02 -18.03
CA TRP C 407 -24.95 11.17 -17.45
C TRP C 407 -25.84 11.93 -16.48
N ILE C 408 -27.16 11.77 -16.60
CA ILE C 408 -28.10 12.43 -15.72
C ILE C 408 -28.18 11.70 -14.38
N VAL C 409 -28.22 10.37 -14.39
CA VAL C 409 -28.24 9.58 -13.17
C VAL C 409 -26.90 9.75 -12.44
N PRO C 410 -26.89 10.11 -11.16
CA PRO C 410 -25.60 10.40 -10.46
C PRO C 410 -24.73 9.16 -10.35
N PRO C 411 -23.42 9.33 -10.16
CA PRO C 411 -22.52 8.17 -10.12
C PRO C 411 -22.50 7.42 -8.79
N ILE C 412 -23.25 7.86 -7.79
CA ILE C 412 -23.52 7.05 -6.61
C ILE C 412 -25.00 7.22 -6.26
N SER C 413 -25.54 6.21 -5.59
CA SER C 413 -26.93 6.23 -5.12
C SER C 413 -27.93 6.45 -6.25
N GLY C 414 -27.57 6.05 -7.48
CA GLY C 414 -28.42 6.25 -8.66
C GLY C 414 -29.91 6.06 -8.41
N SER C 415 -30.30 4.86 -7.98
CA SER C 415 -31.71 4.53 -7.92
C SER C 415 -32.42 5.20 -6.76
N LEU C 416 -31.69 5.86 -5.87
CA LEU C 416 -32.31 6.64 -4.80
C LEU C 416 -32.80 7.98 -5.28
N THR C 417 -32.38 8.40 -6.46
CA THR C 417 -32.80 9.66 -7.01
C THR C 417 -33.92 9.45 -8.01
N PRO C 418 -34.76 10.47 -8.23
CA PRO C 418 -35.97 10.25 -9.02
C PRO C 418 -35.75 10.21 -10.52
N VAL C 419 -34.53 10.47 -10.99
CA VAL C 419 -34.25 10.34 -12.42
C VAL C 419 -33.98 8.90 -12.80
N PHE C 420 -33.59 8.05 -11.83
CA PHE C 420 -33.19 6.69 -12.18
C PHE C 420 -34.33 5.94 -12.86
N HIS C 421 -35.56 6.10 -12.38
CA HIS C 421 -36.69 5.37 -12.93
C HIS C 421 -37.39 6.14 -14.04
N GLN C 422 -36.84 7.28 -14.44
CA GLN C 422 -37.40 8.11 -15.50
C GLN C 422 -36.79 7.69 -16.84
N GLU C 423 -37.62 7.22 -17.77
CA GLU C 423 -37.14 7.02 -19.13
C GLU C 423 -36.80 8.36 -19.78
N MET C 424 -35.78 8.35 -20.63
CA MET C 424 -35.29 9.56 -21.27
C MET C 424 -35.02 9.34 -22.75
N VAL C 425 -35.14 10.41 -23.53
CA VAL C 425 -34.90 10.38 -24.97
C VAL C 425 -33.77 11.36 -25.28
N ASN C 426 -32.73 10.85 -25.94
CA ASN C 426 -31.55 11.64 -26.22
C ASN C 426 -31.49 12.00 -27.70
N TYR C 427 -31.25 13.27 -28.00
CA TYR C 427 -31.11 13.76 -29.36
C TYR C 427 -30.40 15.10 -29.32
N PHE C 428 -29.99 15.58 -30.49
CA PHE C 428 -29.16 16.76 -30.60
C PHE C 428 -29.98 17.91 -31.19
N LEU C 429 -30.18 18.96 -30.41
CA LEU C 429 -30.74 20.19 -30.96
C LEU C 429 -29.65 21.24 -31.11
N SER C 430 -29.93 22.23 -31.94
CA SER C 430 -29.09 23.40 -32.10
C SER C 430 -29.87 24.63 -31.65
N PRO C 431 -29.20 25.67 -31.11
CA PRO C 431 -27.78 25.83 -30.75
C PRO C 431 -27.26 24.74 -29.81
N ALA C 432 -25.95 24.52 -29.80
CA ALA C 432 -25.40 23.42 -29.03
C ALA C 432 -23.95 23.69 -28.62
N PHE C 433 -23.57 23.12 -27.49
CA PHE C 433 -22.17 22.87 -27.16
C PHE C 433 -21.76 21.53 -27.74
N ARG C 434 -20.64 21.52 -28.47
CA ARG C 434 -20.11 20.37 -29.18
C ARG C 434 -18.70 20.09 -28.71
N TYR C 435 -18.29 18.83 -28.79
CA TYR C 435 -16.89 18.50 -28.55
C TYR C 435 -16.05 18.94 -29.73
N GLN C 436 -14.77 19.19 -29.51
CA GLN C 436 -13.96 19.58 -30.65
C GLN C 436 -12.57 18.95 -30.56
N PRO C 437 -11.90 18.78 -31.69
CA PRO C 437 -10.51 18.30 -31.65
C PRO C 437 -9.65 19.23 -30.81
N ASP C 438 -8.66 18.65 -30.14
CA ASP C 438 -7.72 19.45 -29.39
C ASP C 438 -6.94 20.36 -30.34
N PRO C 439 -6.38 21.46 -29.82
CA PRO C 439 -5.70 22.42 -30.71
C PRO C 439 -4.33 21.96 -31.13
N TRP C 440 -3.67 21.10 -30.37
CA TRP C 440 -2.43 20.49 -30.86
C TRP C 440 -2.77 19.34 -31.81
N LYS D 27 -16.54 0.66 -40.02
CA LYS D 27 -17.85 0.01 -40.04
C LYS D 27 -18.17 -0.60 -38.68
N PHE D 28 -17.15 -0.79 -37.86
CA PHE D 28 -17.38 -1.41 -36.57
C PHE D 28 -17.19 -0.42 -35.45
N PRO D 29 -18.13 -0.35 -34.49
CA PRO D 29 -18.03 0.65 -33.43
C PRO D 29 -16.80 0.43 -32.57
N ARG D 30 -15.97 1.47 -32.48
CA ARG D 30 -14.96 1.53 -31.44
C ARG D 30 -15.66 1.68 -30.08
N VAL D 31 -15.17 0.94 -29.08
CA VAL D 31 -15.71 1.02 -27.73
C VAL D 31 -14.54 1.02 -26.75
N LYS D 32 -14.57 1.93 -25.79
CA LYS D 32 -13.40 2.27 -25.00
C LYS D 32 -13.70 2.15 -23.51
N ASN D 33 -12.75 1.59 -22.75
CA ASN D 33 -12.76 1.66 -21.30
C ASN D 33 -12.07 2.95 -20.86
N TRP D 34 -12.80 3.84 -20.19
CA TRP D 34 -12.26 5.16 -19.81
C TRP D 34 -11.46 5.13 -18.52
N GLU D 35 -11.47 4.03 -17.79
CA GLU D 35 -10.63 3.87 -16.61
C GLU D 35 -9.24 3.35 -16.98
N VAL D 36 -9.21 2.38 -17.89
CA VAL D 36 -7.99 1.71 -18.32
C VAL D 36 -7.39 2.33 -19.57
N GLY D 37 -8.19 3.03 -20.38
CA GLY D 37 -7.74 3.57 -21.65
C GLY D 37 -7.81 2.61 -22.81
N SER D 38 -8.29 1.39 -22.59
CA SER D 38 -8.24 0.34 -23.61
C SER D 38 -9.38 0.47 -24.62
N ILE D 39 -9.14 -0.07 -25.81
CA ILE D 39 -9.99 0.14 -26.99
C ILE D 39 -10.24 -1.21 -27.67
N THR D 40 -11.49 -1.45 -28.05
CA THR D 40 -11.85 -2.60 -28.85
C THR D 40 -12.84 -2.17 -29.92
N TYR D 41 -13.07 -3.07 -30.88
CA TYR D 41 -14.09 -2.88 -31.90
C TYR D 41 -15.08 -4.03 -31.79
N ASP D 42 -16.37 -3.69 -31.74
CA ASP D 42 -17.43 -4.68 -31.57
C ASP D 42 -17.88 -5.13 -32.96
N THR D 43 -17.25 -6.21 -33.46
CA THR D 43 -17.63 -6.74 -34.77
C THR D 43 -18.86 -7.64 -34.67
N LEU D 44 -19.11 -8.23 -33.50
CA LEU D 44 -20.28 -9.08 -33.31
C LEU D 44 -21.58 -8.35 -33.67
N SER D 45 -21.65 -7.05 -33.44
CA SER D 45 -22.90 -6.32 -33.57
C SER D 45 -23.42 -6.30 -34.99
N ALA D 46 -22.53 -6.38 -35.98
CA ALA D 46 -22.98 -6.44 -37.36
C ALA D 46 -23.87 -7.65 -37.60
N GLN D 47 -23.65 -8.74 -36.87
CA GLN D 47 -24.48 -9.94 -36.94
C GLN D 47 -25.81 -9.78 -36.23
N ALA D 48 -26.12 -8.62 -35.67
CA ALA D 48 -27.42 -8.45 -35.02
C ALA D 48 -28.50 -8.35 -36.07
N GLN D 49 -29.75 -8.51 -35.61
CA GLN D 49 -30.91 -7.79 -36.10
C GLN D 49 -32.23 -8.53 -35.90
N GLN D 50 -32.75 -8.43 -34.70
CA GLN D 50 -34.12 -8.00 -34.54
C GLN D 50 -33.83 -6.51 -34.29
N ASP D 51 -34.51 -5.62 -34.98
CA ASP D 51 -34.18 -4.21 -34.85
C ASP D 51 -34.49 -3.72 -33.44
N GLY D 52 -33.72 -2.72 -33.01
CA GLY D 52 -33.96 -2.10 -31.74
C GLY D 52 -34.79 -0.84 -31.91
N PRO D 53 -34.83 -0.01 -30.86
CA PRO D 53 -35.68 1.18 -30.86
C PRO D 53 -35.02 2.49 -31.30
N CYS D 54 -33.71 2.52 -31.45
CA CYS D 54 -33.00 3.77 -31.69
C CYS D 54 -32.89 4.04 -33.17
N THR D 55 -32.67 5.31 -33.49
CA THR D 55 -32.48 5.77 -34.86
C THR D 55 -31.36 6.79 -34.82
N PRO D 56 -30.82 7.19 -35.99
CA PRO D 56 -29.89 8.32 -35.99
C PRO D 56 -30.52 9.62 -35.44
N ARG D 57 -31.85 9.72 -35.42
CA ARG D 57 -32.51 10.93 -34.90
C ARG D 57 -32.50 10.97 -33.37
N ARG D 58 -32.67 9.84 -32.70
CA ARG D 58 -32.98 9.82 -31.28
C ARG D 58 -32.63 8.46 -30.70
N CYS D 59 -31.95 8.46 -29.54
CA CYS D 59 -31.62 7.24 -28.82
C CYS D 59 -32.69 6.95 -27.78
N LEU D 60 -33.24 5.74 -27.83
CA LEU D 60 -34.23 5.28 -26.86
C LEU D 60 -33.67 4.15 -26.00
N GLY D 61 -32.36 4.14 -25.81
CA GLY D 61 -31.73 3.03 -25.12
C GLY D 61 -32.19 2.83 -23.69
N SER D 62 -32.67 3.90 -23.04
CA SER D 62 -33.11 3.80 -21.65
C SER D 62 -34.53 3.26 -21.48
N LEU D 63 -35.28 3.05 -22.57
CA LEU D 63 -36.64 2.54 -22.45
C LEU D 63 -36.63 1.11 -21.90
N VAL D 64 -37.59 0.82 -21.03
CA VAL D 64 -37.64 -0.49 -20.37
C VAL D 64 -38.17 -1.56 -21.32
N PHE D 65 -39.19 -1.22 -22.11
CA PHE D 65 -39.72 -2.11 -23.15
C PHE D 65 -39.44 -1.49 -24.51
N PRO D 66 -38.38 -1.91 -25.20
CA PRO D 66 -38.02 -1.39 -26.54
C PRO D 66 -39.01 -1.85 -27.62
N ALA D 79 -43.61 -17.06 -43.47
CA ALA D 79 -43.30 -17.98 -42.38
C ALA D 79 -42.23 -19.00 -42.75
N PRO D 80 -42.45 -19.81 -43.79
CA PRO D 80 -41.53 -20.95 -44.01
C PRO D 80 -40.10 -20.52 -44.32
N GLU D 81 -39.91 -19.55 -45.21
CA GLU D 81 -38.56 -19.08 -45.51
C GLU D 81 -37.91 -18.41 -44.30
N GLN D 82 -38.66 -17.57 -43.58
CA GLN D 82 -38.08 -16.84 -42.46
C GLN D 82 -37.75 -17.77 -41.30
N LEU D 83 -38.60 -18.76 -41.03
CA LEU D 83 -38.27 -19.75 -40.02
C LEU D 83 -37.01 -20.53 -40.40
N LEU D 84 -36.89 -20.89 -41.68
CA LEU D 84 -35.77 -21.71 -42.14
C LEU D 84 -34.43 -20.98 -42.01
N SER D 85 -34.41 -19.67 -42.27
CA SER D 85 -33.14 -18.96 -42.21
C SER D 85 -32.69 -18.77 -40.77
N GLN D 86 -33.64 -18.55 -39.85
CA GLN D 86 -33.33 -18.56 -38.43
C GLN D 86 -32.82 -19.92 -37.99
N ALA D 87 -33.51 -20.98 -38.40
CA ALA D 87 -33.11 -22.34 -38.04
C ALA D 87 -31.71 -22.66 -38.56
N ARG D 88 -31.45 -22.34 -39.84
CA ARG D 88 -30.11 -22.59 -40.40
C ARG D 88 -29.04 -21.82 -39.64
N ASP D 89 -29.33 -20.57 -39.28
CA ASP D 89 -28.30 -19.81 -38.59
C ASP D 89 -28.03 -20.42 -37.23
N PHE D 90 -29.08 -20.93 -36.57
CA PHE D 90 -28.88 -21.60 -35.30
C PHE D 90 -28.05 -22.87 -35.46
N ILE D 91 -28.41 -23.73 -36.42
CA ILE D 91 -27.63 -24.94 -36.67
C ILE D 91 -26.18 -24.59 -36.95
N ASN D 92 -25.93 -23.56 -37.76
CA ASN D 92 -24.56 -23.12 -37.97
C ASN D 92 -23.90 -22.73 -36.65
N GLN D 93 -24.63 -22.08 -35.75
CA GLN D 93 -24.01 -21.70 -34.48
C GLN D 93 -23.68 -22.94 -33.67
N TYR D 94 -24.57 -23.93 -33.70
CA TYR D 94 -24.35 -25.13 -32.91
C TYR D 94 -23.09 -25.85 -33.38
N TYR D 95 -22.97 -26.06 -34.69
CA TYR D 95 -21.82 -26.79 -35.20
C TYR D 95 -20.55 -25.97 -35.11
N SER D 96 -20.67 -24.65 -35.09
CA SER D 96 -19.50 -23.82 -34.82
C SER D 96 -18.99 -24.04 -33.40
N SER D 97 -19.90 -24.24 -32.45
CA SER D 97 -19.51 -24.30 -31.05
C SER D 97 -18.70 -25.56 -30.74
N ILE D 98 -19.06 -26.68 -31.37
CA ILE D 98 -18.39 -27.96 -31.13
C ILE D 98 -17.30 -28.15 -32.19
N LYS D 99 -16.98 -27.07 -32.91
CA LYS D 99 -15.85 -27.01 -33.85
C LYS D 99 -15.94 -28.11 -34.90
N ARG D 100 -17.10 -28.21 -35.55
CA ARG D 100 -17.29 -29.20 -36.60
C ARG D 100 -18.11 -28.63 -37.74
N SER D 101 -17.82 -27.38 -38.11
CA SER D 101 -18.51 -26.77 -39.25
CA SER D 101 -18.50 -26.77 -39.26
C SER D 101 -18.07 -27.43 -40.55
N GLY D 102 -18.98 -27.44 -41.53
CA GLY D 102 -18.72 -28.09 -42.80
C GLY D 102 -18.75 -29.60 -42.77
N SER D 103 -18.84 -30.20 -41.59
CA SER D 103 -18.82 -31.65 -41.47
C SER D 103 -20.05 -32.27 -42.14
N GLN D 104 -19.99 -33.59 -42.38
CA GLN D 104 -21.15 -34.28 -42.91
C GLN D 104 -22.33 -34.13 -41.95
N ALA D 105 -22.09 -34.29 -40.65
CA ALA D 105 -23.18 -34.20 -39.69
C ALA D 105 -23.83 -32.82 -39.73
N HIS D 106 -23.03 -31.77 -39.96
CA HIS D 106 -23.56 -30.41 -40.06
C HIS D 106 -24.51 -30.27 -41.25
N GLU D 107 -24.02 -30.62 -42.44
CA GLU D 107 -24.82 -30.66 -43.66
C GLU D 107 -26.06 -31.54 -43.52
N GLN D 108 -25.90 -32.72 -42.92
CA GLN D 108 -27.05 -33.60 -42.80
C GLN D 108 -28.11 -33.01 -41.88
N ARG D 109 -27.68 -32.36 -40.82
CA ARG D 109 -28.66 -31.78 -39.91
C ARG D 109 -29.37 -30.58 -40.55
N LEU D 110 -28.65 -29.76 -41.32
CA LEU D 110 -29.31 -28.73 -42.12
C LEU D 110 -30.37 -29.34 -43.03
N GLN D 111 -30.00 -30.38 -43.78
CA GLN D 111 -30.98 -30.99 -44.68
C GLN D 111 -32.16 -31.56 -43.90
N GLU D 112 -31.89 -32.15 -42.74
CA GLU D 112 -32.96 -32.71 -41.94
C GLU D 112 -33.93 -31.64 -41.46
N VAL D 113 -33.43 -30.48 -41.01
CA VAL D 113 -34.34 -29.42 -40.58
C VAL D 113 -35.14 -28.89 -41.76
N GLU D 114 -34.49 -28.68 -42.90
CA GLU D 114 -35.17 -28.19 -44.08
C GLU D 114 -36.30 -29.13 -44.52
N ALA D 115 -36.11 -30.45 -44.36
CA ALA D 115 -37.16 -31.36 -44.77
C ALA D 115 -38.30 -31.39 -43.77
N GLU D 116 -38.02 -31.09 -42.50
CA GLU D 116 -39.09 -31.13 -41.51
C GLU D 116 -39.94 -29.88 -41.59
N VAL D 117 -39.31 -28.73 -41.83
CA VAL D 117 -40.06 -27.50 -42.03
C VAL D 117 -40.97 -27.64 -43.27
N ALA D 118 -40.47 -28.28 -44.31
CA ALA D 118 -41.23 -28.38 -45.55
C ALA D 118 -42.45 -29.28 -45.41
N ALA D 119 -42.38 -30.31 -44.55
CA ALA D 119 -43.48 -31.25 -44.38
C ALA D 119 -44.45 -30.83 -43.28
N THR D 120 -43.96 -30.21 -42.22
CA THR D 120 -44.80 -29.92 -41.07
C THR D 120 -44.95 -28.44 -40.80
N GLY D 121 -44.19 -27.58 -41.47
CA GLY D 121 -44.15 -26.18 -41.12
C GLY D 121 -43.33 -25.84 -39.90
N THR D 122 -42.80 -26.83 -39.17
CA THR D 122 -41.98 -26.60 -37.99
C THR D 122 -40.90 -27.69 -37.90
N TYR D 123 -40.10 -27.66 -36.83
CA TYR D 123 -39.14 -28.74 -36.58
C TYR D 123 -38.93 -28.90 -35.08
N GLN D 124 -38.14 -29.92 -34.72
CA GLN D 124 -37.85 -30.25 -33.34
C GLN D 124 -36.35 -30.16 -33.12
N LEU D 125 -35.96 -29.49 -32.04
CA LEU D 125 -34.56 -29.45 -31.65
C LEU D 125 -34.10 -30.81 -31.14
N ARG D 126 -32.88 -31.19 -31.52
CA ARG D 126 -32.18 -32.24 -30.79
C ARG D 126 -31.96 -31.80 -29.35
N GLU D 127 -31.82 -32.77 -28.44
CA GLU D 127 -31.61 -32.37 -27.05
C GLU D 127 -30.31 -31.58 -26.90
N SER D 128 -29.24 -31.99 -27.60
CA SER D 128 -28.00 -31.23 -27.51
CA SER D 128 -27.98 -31.25 -27.55
C SER D 128 -28.16 -29.80 -28.00
N GLU D 129 -29.03 -29.58 -29.01
CA GLU D 129 -29.27 -28.25 -29.54
C GLU D 129 -30.05 -27.41 -28.53
N LEU D 130 -30.96 -28.04 -27.81
CA LEU D 130 -31.72 -27.31 -26.81
C LEU D 130 -30.80 -26.80 -25.69
N VAL D 131 -29.86 -27.63 -25.25
CA VAL D 131 -28.96 -27.23 -24.16
C VAL D 131 -28.09 -26.08 -24.62
N PHE D 132 -27.50 -26.22 -25.80
CA PHE D 132 -26.70 -25.14 -26.36
C PHE D 132 -27.53 -23.88 -26.56
N GLY D 133 -28.77 -24.02 -27.02
CA GLY D 133 -29.58 -22.85 -27.32
C GLY D 133 -29.95 -22.06 -26.07
N ALA D 134 -30.32 -22.75 -24.98
CA ALA D 134 -30.65 -22.08 -23.73
C ALA D 134 -29.44 -21.35 -23.16
N LYS D 135 -28.25 -21.97 -23.24
CA LYS D 135 -27.04 -21.29 -22.78
C LYS D 135 -26.73 -20.09 -23.66
N GLN D 136 -27.01 -20.21 -24.97
CA GLN D 136 -26.74 -19.09 -25.86
C GLN D 136 -27.66 -17.92 -25.56
N ALA D 137 -28.94 -18.20 -25.27
CA ALA D 137 -29.87 -17.13 -24.93
C ALA D 137 -29.36 -16.37 -23.71
N TRP D 138 -28.86 -17.09 -22.70
CA TRP D 138 -28.31 -16.43 -21.52
C TRP D 138 -27.09 -15.60 -21.91
N ARG D 139 -26.14 -16.23 -22.60
CA ARG D 139 -24.97 -15.50 -23.06
C ARG D 139 -25.34 -14.23 -23.85
N ASN D 140 -26.46 -14.24 -24.56
CA ASN D 140 -26.84 -13.10 -25.38
C ASN D 140 -27.66 -12.04 -24.64
N ALA D 141 -28.08 -12.30 -23.41
CA ALA D 141 -28.99 -11.39 -22.72
C ALA D 141 -28.30 -10.10 -22.30
N PRO D 142 -28.58 -8.95 -22.94
CA PRO D 142 -27.77 -7.74 -22.71
C PRO D 142 -27.91 -7.12 -21.33
N ARG D 143 -29.00 -7.35 -20.62
CA ARG D 143 -29.17 -6.77 -19.29
C ARG D 143 -28.73 -7.66 -18.14
N CYS D 144 -28.07 -8.79 -18.40
CA CYS D 144 -27.65 -9.70 -17.34
C CYS D 144 -26.19 -9.45 -17.00
N VAL D 145 -25.93 -9.04 -15.76
CA VAL D 145 -24.55 -8.88 -15.30
C VAL D 145 -23.93 -10.21 -14.89
N GLY D 146 -24.73 -11.26 -14.76
CA GLY D 146 -24.22 -12.51 -14.25
C GLY D 146 -23.73 -13.49 -15.30
N ARG D 147 -23.46 -13.01 -16.50
CA ARG D 147 -23.20 -13.90 -17.63
C ARG D 147 -21.84 -14.58 -17.60
N ILE D 148 -20.97 -14.30 -16.63
CA ILE D 148 -19.74 -15.08 -16.52
C ILE D 148 -20.07 -16.57 -16.41
N GLN D 149 -21.24 -16.89 -15.90
CA GLN D 149 -21.67 -18.24 -15.57
C GLN D 149 -22.35 -18.96 -16.74
N TRP D 150 -22.47 -18.31 -17.92
CA TRP D 150 -23.40 -18.77 -18.95
C TRP D 150 -23.11 -20.20 -19.39
N GLY D 151 -21.85 -20.64 -19.31
CA GLY D 151 -21.55 -22.00 -19.70
C GLY D 151 -21.95 -23.05 -18.69
N LYS D 152 -22.21 -22.65 -17.44
CA LYS D 152 -22.66 -23.56 -16.38
C LYS D 152 -24.14 -23.28 -16.15
N LEU D 153 -24.97 -24.05 -16.84
CA LEU D 153 -26.42 -23.92 -16.76
C LEU D 153 -26.99 -25.32 -16.88
N GLN D 154 -27.81 -25.71 -15.92
CA GLN D 154 -28.48 -27.02 -15.93
C GLN D 154 -29.78 -26.87 -16.69
N VAL D 155 -29.93 -27.63 -17.78
CA VAL D 155 -31.09 -27.52 -18.66
C VAL D 155 -31.98 -28.73 -18.40
N PHE D 156 -33.17 -28.50 -17.87
CA PHE D 156 -34.12 -29.59 -17.76
C PHE D 156 -35.04 -29.61 -18.98
N ASP D 157 -35.17 -30.77 -19.60
CA ASP D 157 -35.97 -30.87 -20.81
C ASP D 157 -37.37 -31.30 -20.40
N ALA D 158 -38.32 -30.36 -20.38
CA ALA D 158 -39.71 -30.68 -20.10
C ALA D 158 -40.60 -30.64 -21.35
N ARG D 159 -40.02 -30.88 -22.53
CA ARG D 159 -40.81 -30.77 -23.75
C ARG D 159 -41.87 -31.85 -23.88
N ASP D 160 -41.83 -32.89 -23.08
CA ASP D 160 -42.87 -33.91 -23.10
C ASP D 160 -44.00 -33.63 -22.14
N CYS D 161 -43.95 -32.49 -21.43
CA CYS D 161 -44.99 -32.13 -20.47
C CYS D 161 -46.37 -32.09 -21.13
N ARG D 162 -47.39 -32.56 -20.40
CA ARG D 162 -48.72 -32.67 -21.00
C ARG D 162 -49.86 -32.08 -20.18
N SER D 163 -49.64 -31.65 -18.94
CA SER D 163 -50.72 -31.09 -18.13
C SER D 163 -50.15 -30.02 -17.22
N ALA D 164 -51.04 -29.22 -16.62
CA ALA D 164 -50.59 -28.23 -15.64
C ALA D 164 -50.05 -28.91 -14.40
N GLN D 165 -50.64 -30.06 -14.03
CA GLN D 165 -50.13 -30.85 -12.91
C GLN D 165 -48.70 -31.31 -13.15
N GLU D 166 -48.41 -31.77 -14.38
CA GLU D 166 -47.04 -32.17 -14.68
C GLU D 166 -46.12 -30.97 -14.74
N MET D 167 -46.62 -29.81 -15.18
CA MET D 167 -45.87 -28.56 -15.10
C MET D 167 -45.38 -28.31 -13.68
N PHE D 168 -46.26 -28.49 -12.70
CA PHE D 168 -45.95 -28.21 -11.31
C PHE D 168 -44.86 -29.12 -10.77
N THR D 169 -44.92 -30.41 -11.10
CA THR D 169 -43.86 -31.32 -10.71
C THR D 169 -42.54 -30.90 -11.30
N TYR D 170 -42.54 -30.50 -12.58
CA TYR D 170 -41.31 -30.03 -13.20
C TYR D 170 -40.76 -28.78 -12.50
N ILE D 171 -41.63 -27.87 -12.06
CA ILE D 171 -41.16 -26.64 -11.43
C ILE D 171 -40.63 -26.92 -10.04
N CYS D 172 -41.32 -27.79 -9.29
CA CYS D 172 -40.84 -28.18 -7.97
C CYS D 172 -39.49 -28.86 -8.05
N ASN D 173 -39.28 -29.74 -9.04
CA ASN D 173 -37.94 -30.31 -9.23
C ASN D 173 -36.90 -29.23 -9.56
N HIS D 174 -37.29 -28.23 -10.37
CA HIS D 174 -36.36 -27.15 -10.68
C HIS D 174 -35.95 -26.41 -9.40
N ILE D 175 -36.94 -25.98 -8.62
CA ILE D 175 -36.68 -25.21 -7.40
C ILE D 175 -35.77 -25.99 -6.46
N LYS D 176 -36.14 -27.25 -6.20
CA LYS D 176 -35.32 -28.12 -5.37
C LYS D 176 -33.89 -28.15 -5.89
N TYR D 177 -33.71 -28.44 -7.17
CA TYR D 177 -32.37 -28.55 -7.73
C TYR D 177 -31.61 -27.23 -7.61
N ALA D 178 -32.27 -26.12 -7.98
CA ALA D 178 -31.57 -24.84 -8.05
C ALA D 178 -31.26 -24.31 -6.65
N THR D 179 -32.18 -24.55 -5.69
CA THR D 179 -31.96 -24.07 -4.33
C THR D 179 -30.84 -24.84 -3.67
N ASN D 180 -30.90 -26.18 -3.73
CA ASN D 180 -29.81 -27.03 -3.28
C ASN D 180 -29.37 -26.65 -1.86
N ARG D 181 -30.36 -26.49 -0.98
CA ARG D 181 -30.13 -26.18 0.43
C ARG D 181 -29.35 -24.88 0.64
N GLY D 182 -29.36 -23.98 -0.34
CA GLY D 182 -28.68 -22.71 -0.21
C GLY D 182 -27.42 -22.58 -1.03
N ASN D 183 -26.91 -23.69 -1.58
CA ASN D 183 -25.77 -23.62 -2.48
C ASN D 183 -26.32 -23.58 -3.91
N LEU D 184 -26.72 -22.39 -4.32
CA LEU D 184 -27.61 -22.23 -5.48
C LEU D 184 -26.92 -22.66 -6.77
N ARG D 185 -27.71 -23.27 -7.66
CA ARG D 185 -27.23 -23.73 -8.96
C ARG D 185 -28.13 -23.13 -10.04
N SER D 186 -27.52 -22.61 -11.10
CA SER D 186 -28.29 -22.02 -12.18
C SER D 186 -29.02 -23.13 -12.96
N ALA D 187 -30.27 -22.85 -13.34
CA ALA D 187 -31.07 -23.85 -14.07
C ALA D 187 -32.13 -23.18 -14.92
N ILE D 188 -32.56 -23.89 -15.95
CA ILE D 188 -33.73 -23.52 -16.76
C ILE D 188 -34.50 -24.80 -17.06
N THR D 189 -35.83 -24.73 -16.98
CA THR D 189 -36.69 -25.84 -17.40
C THR D 189 -37.49 -25.39 -18.62
N VAL D 190 -37.39 -26.14 -19.72
CA VAL D 190 -37.98 -25.74 -21.00
C VAL D 190 -39.21 -26.61 -21.24
N PHE D 191 -40.39 -25.99 -21.21
CA PHE D 191 -41.64 -26.66 -21.51
C PHE D 191 -41.90 -26.65 -23.01
N PRO D 192 -42.97 -27.32 -23.48
CA PRO D 192 -43.17 -27.46 -24.93
C PRO D 192 -43.19 -26.15 -25.70
N GLN D 193 -42.58 -26.19 -26.88
CA GLN D 193 -42.58 -25.05 -27.77
C GLN D 193 -43.98 -24.77 -28.29
N ARG D 194 -44.17 -23.56 -28.78
CA ARG D 194 -45.42 -23.13 -29.39
C ARG D 194 -45.61 -23.84 -30.71
N CYS D 195 -46.84 -24.29 -30.96
N CYS D 195 -46.84 -24.30 -30.95
CA CYS D 195 -47.18 -25.09 -32.13
CA CYS D 195 -47.12 -25.01 -32.17
C CYS D 195 -48.53 -24.63 -32.66
C CYS D 195 -48.50 -24.62 -32.67
N PRO D 196 -48.73 -24.65 -33.98
CA PRO D 196 -50.02 -24.24 -34.53
C PRO D 196 -51.14 -25.14 -34.06
N GLY D 197 -52.29 -24.54 -33.78
CA GLY D 197 -53.47 -25.33 -33.45
C GLY D 197 -53.44 -25.93 -32.06
N ARG D 198 -52.91 -25.19 -31.09
CA ARG D 198 -52.85 -25.59 -29.69
C ARG D 198 -52.36 -24.39 -28.90
N GLY D 199 -52.92 -24.19 -27.71
CA GLY D 199 -52.52 -23.08 -26.88
C GLY D 199 -51.09 -23.23 -26.38
N ASP D 200 -50.60 -22.15 -25.77
CA ASP D 200 -49.28 -22.14 -25.15
C ASP D 200 -49.31 -22.69 -23.74
N PHE D 201 -48.23 -23.35 -23.37
CA PHE D 201 -47.88 -23.41 -21.95
C PHE D 201 -47.47 -22.01 -21.48
N ARG D 202 -47.85 -21.65 -20.26
CA ARG D 202 -47.55 -20.33 -19.73
C ARG D 202 -47.53 -20.41 -18.21
N ILE D 203 -46.58 -19.70 -17.61
CA ILE D 203 -46.56 -19.46 -16.17
C ILE D 203 -47.00 -18.02 -15.95
N TRP D 204 -48.11 -17.83 -15.25
CA TRP D 204 -48.66 -16.48 -15.14
C TRP D 204 -47.79 -15.61 -14.22
N ASN D 205 -47.20 -16.21 -13.17
CA ASN D 205 -46.32 -15.47 -12.27
C ASN D 205 -45.06 -14.98 -12.98
N SER D 206 -44.59 -13.78 -12.59
CA SER D 206 -43.37 -13.23 -13.17
C SER D 206 -42.12 -13.95 -12.64
N GLN D 207 -42.22 -14.50 -11.43
CA GLN D 207 -41.15 -15.27 -10.84
C GLN D 207 -41.76 -16.46 -10.11
N LEU D 208 -40.98 -17.53 -9.99
CA LEU D 208 -41.47 -18.71 -9.30
C LEU D 208 -41.82 -18.39 -7.85
N VAL D 209 -41.03 -17.54 -7.21
CA VAL D 209 -41.22 -17.15 -5.82
C VAL D 209 -41.39 -15.64 -5.78
N ARG D 210 -42.55 -15.18 -5.30
CA ARG D 210 -42.88 -13.77 -5.17
C ARG D 210 -43.73 -13.61 -3.93
N TYR D 211 -43.62 -12.43 -3.30
CA TYR D 211 -44.41 -12.11 -2.12
C TYR D 211 -45.71 -11.45 -2.56
N ALA D 212 -46.79 -11.74 -1.84
CA ALA D 212 -48.07 -11.12 -2.16
C ALA D 212 -48.04 -9.61 -1.92
N GLY D 213 -48.82 -8.90 -2.73
CA GLY D 213 -49.04 -7.49 -2.53
C GLY D 213 -50.53 -7.27 -2.46
N TYR D 214 -51.04 -7.13 -1.24
CA TYR D 214 -52.48 -6.98 -1.01
C TYR D 214 -52.82 -5.51 -1.19
N ARG D 215 -53.47 -5.18 -2.31
CA ARG D 215 -53.89 -3.79 -2.51
C ARG D 215 -54.91 -3.46 -1.44
N GLN D 216 -54.54 -2.55 -0.56
CA GLN D 216 -55.43 -1.96 0.42
C GLN D 216 -56.14 -0.75 -0.21
N GLN D 217 -57.26 -0.35 0.37
CA GLN D 217 -58.14 0.58 -0.33
C GLN D 217 -57.95 2.05 0.06
N ASP D 218 -56.93 2.37 0.86
CA ASP D 218 -56.41 3.73 0.80
C ASP D 218 -55.72 4.01 -0.52
N GLY D 219 -55.46 2.96 -1.31
CA GLY D 219 -54.52 2.99 -2.39
C GLY D 219 -53.19 2.36 -2.07
N SER D 220 -52.86 2.22 -0.78
CA SER D 220 -51.58 1.66 -0.35
C SER D 220 -51.57 0.15 -0.50
N VAL D 221 -50.51 -0.50 -0.05
CA VAL D 221 -50.31 -1.93 -0.25
C VAL D 221 -49.63 -2.53 0.98
N ARG D 222 -50.09 -3.71 1.38
CA ARG D 222 -49.36 -4.54 2.34
C ARG D 222 -48.69 -5.67 1.59
N GLY D 223 -47.43 -5.94 1.91
CA GLY D 223 -46.60 -6.85 1.14
C GLY D 223 -45.88 -6.15 0.00
N ASP D 224 -45.73 -6.83 -1.13
CA ASP D 224 -44.90 -6.31 -2.22
C ASP D 224 -45.76 -5.59 -3.26
N PRO D 225 -45.61 -4.27 -3.44
CA PRO D 225 -46.42 -3.56 -4.45
C PRO D 225 -46.21 -4.05 -5.87
N ALA D 226 -45.05 -4.63 -6.19
CA ALA D 226 -44.82 -5.12 -7.53
C ALA D 226 -45.82 -6.19 -7.94
N ASN D 227 -46.43 -6.89 -6.99
CA ASN D 227 -47.18 -8.11 -7.23
C ASN D 227 -48.67 -7.96 -6.97
N VAL D 228 -49.20 -6.73 -7.03
CA VAL D 228 -50.61 -6.50 -6.71
C VAL D 228 -51.50 -7.21 -7.72
N GLU D 229 -51.20 -7.07 -9.01
CA GLU D 229 -52.06 -7.64 -10.04
C GLU D 229 -52.10 -9.16 -9.95
N ILE D 230 -50.92 -9.78 -9.89
CA ILE D 230 -50.87 -11.24 -9.84
C ILE D 230 -51.48 -11.76 -8.55
N THR D 231 -51.38 -10.99 -7.46
CA THR D 231 -52.05 -11.35 -6.20
C THR D 231 -53.56 -11.38 -6.37
N GLU D 232 -54.11 -10.42 -7.11
CA GLU D 232 -55.54 -10.37 -7.34
C GLU D 232 -56.00 -11.52 -8.25
N LEU D 233 -55.22 -11.83 -9.29
CA LEU D 233 -55.56 -12.98 -10.11
C LEU D 233 -55.51 -14.27 -9.30
N CYS D 234 -54.64 -14.35 -8.29
CA CYS D 234 -54.62 -15.53 -7.43
C CYS D 234 -55.90 -15.64 -6.61
N ILE D 235 -56.35 -14.53 -6.03
CA ILE D 235 -57.61 -14.54 -5.30
C ILE D 235 -58.75 -14.92 -6.24
N GLN D 236 -58.84 -14.22 -7.36
CA GLN D 236 -59.89 -14.47 -8.35
C GLN D 236 -59.95 -15.94 -8.76
N HIS D 237 -58.80 -16.63 -8.78
CA HIS D 237 -58.74 -18.03 -9.15
C HIS D 237 -58.71 -18.98 -7.96
N GLY D 238 -59.06 -18.48 -6.77
CA GLY D 238 -59.36 -19.35 -5.65
C GLY D 238 -58.35 -19.43 -4.53
N TRP D 239 -57.32 -18.58 -4.54
CA TRP D 239 -56.37 -18.58 -3.43
C TRP D 239 -56.96 -17.87 -2.22
N THR D 240 -56.86 -18.50 -1.07
CA THR D 240 -57.20 -17.82 0.17
C THR D 240 -56.02 -16.98 0.62
N PRO D 241 -56.15 -15.66 0.74
CA PRO D 241 -54.99 -14.81 0.93
C PRO D 241 -54.56 -14.71 2.39
N GLY D 242 -53.28 -14.43 2.57
CA GLY D 242 -52.75 -14.07 3.87
C GLY D 242 -52.97 -12.60 4.16
N ASN D 243 -52.29 -12.12 5.22
CA ASN D 243 -52.31 -10.70 5.52
C ASN D 243 -50.94 -10.21 5.99
N GLY D 244 -49.87 -10.91 5.64
CA GLY D 244 -48.53 -10.51 6.01
C GLY D 244 -47.81 -9.74 4.91
N ARG D 245 -46.61 -9.26 5.25
CA ARG D 245 -45.78 -8.53 4.30
C ARG D 245 -44.99 -9.45 3.39
N PHE D 246 -44.82 -10.73 3.77
CA PHE D 246 -43.96 -11.66 3.05
C PHE D 246 -44.63 -13.02 2.84
N ASP D 247 -45.83 -13.00 2.26
CA ASP D 247 -46.59 -14.21 1.96
C ASP D 247 -46.20 -14.71 0.57
N VAL D 248 -45.65 -15.92 0.49
CA VAL D 248 -45.35 -16.52 -0.80
C VAL D 248 -46.64 -16.79 -1.56
N LEU D 249 -46.68 -16.33 -2.81
CA LEU D 249 -47.80 -16.52 -3.73
C LEU D 249 -47.85 -17.94 -4.29
N PRO D 250 -49.04 -18.43 -4.62
CA PRO D 250 -49.13 -19.72 -5.33
C PRO D 250 -48.78 -19.53 -6.80
N LEU D 251 -48.61 -20.65 -7.49
CA LEU D 251 -48.33 -20.63 -8.91
C LEU D 251 -49.63 -20.72 -9.70
N LEU D 252 -49.74 -19.91 -10.75
CA LEU D 252 -50.83 -20.00 -11.72
C LEU D 252 -50.24 -20.59 -12.97
N LEU D 253 -50.56 -21.86 -13.23
CA LEU D 253 -50.02 -22.62 -14.35
C LEU D 253 -51.09 -22.82 -15.40
N GLN D 254 -50.71 -22.60 -16.65
CA GLN D 254 -51.64 -22.67 -17.77
C GLN D 254 -51.16 -23.73 -18.73
N ALA D 255 -51.89 -24.83 -18.83
CA ALA D 255 -51.68 -25.81 -19.88
C ALA D 255 -52.41 -25.37 -21.14
N PRO D 256 -52.01 -25.86 -22.33
CA PRO D 256 -52.69 -25.46 -23.57
C PRO D 256 -54.20 -25.55 -23.46
N ASP D 257 -54.90 -24.43 -23.72
CA ASP D 257 -56.33 -24.42 -24.02
C ASP D 257 -57.18 -24.63 -22.78
N GLU D 258 -56.66 -24.26 -21.62
CA GLU D 258 -57.32 -24.40 -20.34
C GLU D 258 -57.05 -23.15 -19.54
N PRO D 259 -57.97 -22.76 -18.66
CA PRO D 259 -57.70 -21.64 -17.75
C PRO D 259 -56.58 -21.99 -16.79
N PRO D 260 -55.98 -20.99 -16.15
CA PRO D 260 -54.90 -21.28 -15.21
C PRO D 260 -55.40 -22.10 -14.03
N GLU D 261 -54.49 -22.89 -13.47
CA GLU D 261 -54.74 -23.73 -12.31
C GLU D 261 -53.79 -23.32 -11.19
N LEU D 262 -54.30 -23.33 -9.96
CA LEU D 262 -53.60 -22.78 -8.81
C LEU D 262 -52.88 -23.89 -8.04
N PHE D 263 -51.57 -23.71 -7.81
CA PHE D 263 -50.78 -24.67 -7.05
C PHE D 263 -50.00 -23.94 -5.95
N LEU D 264 -50.07 -24.46 -4.73
CA LEU D 264 -49.34 -23.89 -3.60
C LEU D 264 -47.95 -24.51 -3.52
N LEU D 265 -46.93 -23.67 -3.35
CA LEU D 265 -45.63 -24.31 -3.24
C LEU D 265 -45.49 -24.91 -1.84
N PRO D 266 -44.86 -26.08 -1.73
CA PRO D 266 -44.56 -26.64 -0.39
C PRO D 266 -43.63 -25.73 0.38
N PRO D 267 -44.03 -25.25 1.55
CA PRO D 267 -43.22 -24.29 2.31
C PRO D 267 -41.74 -24.65 2.43
N GLU D 268 -41.45 -25.93 2.56
CA GLU D 268 -40.08 -26.41 2.68
C GLU D 268 -39.30 -26.29 1.37
N LEU D 269 -39.99 -26.04 0.26
CA LEU D 269 -39.32 -25.79 -1.02
C LEU D 269 -38.81 -24.37 -1.13
N VAL D 270 -39.40 -23.44 -0.38
CA VAL D 270 -39.16 -22.01 -0.55
C VAL D 270 -38.20 -21.59 0.57
N LEU D 271 -36.91 -21.57 0.25
CA LEU D 271 -35.90 -21.15 1.21
C LEU D 271 -35.89 -19.63 1.34
N GLU D 272 -36.00 -19.15 2.58
CA GLU D 272 -36.01 -17.72 2.87
C GLU D 272 -34.88 -17.37 3.83
N VAL D 273 -34.43 -16.11 3.77
CA VAL D 273 -33.38 -15.62 4.64
C VAL D 273 -33.95 -14.51 5.53
N PRO D 274 -33.97 -14.68 6.84
CA PRO D 274 -34.33 -13.56 7.70
C PRO D 274 -33.21 -12.52 7.68
N LEU D 275 -33.59 -11.25 7.71
CA LEU D 275 -32.60 -10.18 7.54
C LEU D 275 -32.21 -9.63 8.90
N GLU D 276 -30.91 -9.59 9.16
CA GLU D 276 -30.37 -8.90 10.31
C GLU D 276 -29.08 -8.19 9.90
N HIS D 277 -28.60 -7.28 10.76
CA HIS D 277 -27.42 -6.48 10.45
C HIS D 277 -26.26 -6.88 11.38
N PRO D 278 -25.03 -6.95 10.88
CA PRO D 278 -23.94 -7.48 11.73
C PRO D 278 -23.69 -6.63 12.96
N THR D 279 -23.87 -5.31 12.89
CA THR D 279 -23.73 -4.48 14.06
C THR D 279 -24.96 -3.71 14.46
N LEU D 280 -26.07 -3.69 13.73
CA LEU D 280 -27.23 -2.91 14.20
C LEU D 280 -28.29 -3.90 14.66
N GLU D 281 -28.32 -4.16 15.97
CA GLU D 281 -29.10 -5.27 16.50
C GLU D 281 -30.59 -5.03 16.39
N TRP D 282 -31.04 -3.76 16.38
CA TRP D 282 -32.47 -3.51 16.20
C TRP D 282 -32.95 -3.87 14.78
N PHE D 283 -32.05 -4.06 13.82
CA PHE D 283 -32.49 -4.28 12.44
C PHE D 283 -33.32 -5.54 12.33
N ALA D 284 -32.93 -6.60 13.06
CA ALA D 284 -33.69 -7.85 13.07
C ALA D 284 -35.13 -7.63 13.51
N ALA D 285 -35.40 -6.61 14.32
CA ALA D 285 -36.77 -6.40 14.76
C ALA D 285 -37.66 -5.76 13.70
N LEU D 286 -37.10 -5.28 12.58
CA LEU D 286 -37.95 -4.85 11.48
C LEU D 286 -38.73 -6.01 10.88
N GLY D 287 -38.27 -7.24 11.10
CA GLY D 287 -38.96 -8.42 10.60
C GLY D 287 -38.88 -8.56 9.10
N LEU D 288 -37.74 -8.22 8.52
CA LEU D 288 -37.54 -8.31 7.09
C LEU D 288 -36.93 -9.65 6.72
N ARG D 289 -37.26 -10.10 5.51
CA ARG D 289 -36.80 -11.37 4.98
C ARG D 289 -36.90 -11.32 3.47
N TRP D 290 -36.08 -12.12 2.79
CA TRP D 290 -36.22 -12.29 1.34
C TRP D 290 -36.03 -13.75 0.99
N TYR D 291 -36.34 -14.11 -0.26
CA TYR D 291 -36.20 -15.51 -0.62
C TYR D 291 -34.86 -15.77 -1.29
N ALA D 292 -34.46 -17.03 -1.28
CA ALA D 292 -33.14 -17.38 -1.77
C ALA D 292 -33.05 -17.29 -3.29
N LEU D 293 -34.12 -17.72 -3.97
CA LEU D 293 -34.03 -18.17 -5.37
C LEU D 293 -34.69 -17.16 -6.30
N PRO D 294 -33.93 -16.42 -7.13
CA PRO D 294 -34.56 -15.56 -8.14
C PRO D 294 -34.84 -16.37 -9.40
N ALA D 295 -36.10 -16.54 -9.77
CA ALA D 295 -36.44 -17.43 -10.88
C ALA D 295 -37.47 -16.74 -11.78
N VAL D 296 -37.00 -16.15 -12.88
CA VAL D 296 -37.90 -15.48 -13.81
C VAL D 296 -38.67 -16.52 -14.60
N SER D 297 -40.00 -16.37 -14.65
CA SER D 297 -40.87 -17.38 -15.25
C SER D 297 -41.77 -16.84 -16.35
N ASN D 298 -41.63 -15.57 -16.74
CA ASN D 298 -42.59 -14.97 -17.63
C ASN D 298 -41.99 -14.54 -18.96
N MET D 299 -40.74 -14.92 -19.24
CA MET D 299 -40.12 -14.58 -20.51
C MET D 299 -40.23 -15.74 -21.52
N LEU D 300 -40.10 -15.40 -22.79
CA LEU D 300 -40.16 -16.36 -23.88
C LEU D 300 -38.74 -16.66 -24.34
N LEU D 301 -38.42 -17.94 -24.46
CA LEU D 301 -37.14 -18.35 -25.01
C LEU D 301 -37.26 -18.66 -26.50
N GLU D 302 -36.41 -18.04 -27.33
CA GLU D 302 -36.43 -18.22 -28.77
C GLU D 302 -35.12 -18.87 -29.20
N ILE D 303 -35.21 -20.07 -29.78
CA ILE D 303 -34.05 -20.80 -30.28
C ILE D 303 -34.31 -21.18 -31.74
N GLY D 304 -33.48 -20.71 -32.65
CA GLY D 304 -33.62 -21.06 -34.06
C GLY D 304 -35.00 -20.88 -34.66
N GLY D 305 -35.70 -19.80 -34.29
CA GLY D 305 -37.04 -19.60 -34.78
C GLY D 305 -38.12 -20.36 -34.05
N LEU D 306 -37.79 -21.31 -33.18
CA LEU D 306 -38.79 -21.93 -32.34
C LEU D 306 -39.01 -21.05 -31.12
N GLU D 307 -40.23 -21.08 -30.61
CA GLU D 307 -40.61 -20.25 -29.49
C GLU D 307 -41.07 -21.11 -28.33
N PHE D 308 -40.51 -20.86 -27.16
CA PHE D 308 -40.90 -21.58 -25.95
C PHE D 308 -41.47 -20.56 -25.00
N PRO D 309 -42.79 -20.42 -24.92
CA PRO D 309 -43.36 -19.38 -24.06
C PRO D 309 -43.28 -19.70 -22.58
N ALA D 310 -42.96 -20.93 -22.19
CA ALA D 310 -42.75 -21.27 -20.78
C ALA D 310 -41.39 -21.93 -20.64
N ALA D 311 -40.43 -21.21 -20.07
CA ALA D 311 -39.08 -21.73 -19.86
C ALA D 311 -38.46 -20.97 -18.69
N PRO D 312 -38.95 -21.21 -17.48
CA PRO D 312 -38.45 -20.44 -16.32
C PRO D 312 -36.98 -20.74 -16.04
N PHE D 313 -36.23 -19.71 -15.63
CA PHE D 313 -34.80 -19.86 -15.40
C PHE D 313 -34.42 -19.18 -14.08
N SER D 314 -33.32 -19.62 -13.48
CA SER D 314 -32.98 -19.10 -12.16
C SER D 314 -31.48 -19.13 -11.94
N GLY D 315 -30.99 -18.16 -11.17
CA GLY D 315 -29.58 -18.10 -10.83
C GLY D 315 -29.43 -17.90 -9.34
N TRP D 316 -28.67 -16.89 -8.93
CA TRP D 316 -28.63 -16.44 -7.54
C TRP D 316 -28.60 -14.92 -7.55
N TYR D 317 -28.95 -14.33 -6.41
CA TYR D 317 -29.12 -12.89 -6.35
C TYR D 317 -27.80 -12.15 -6.29
N MET D 318 -27.77 -10.99 -6.96
CA MET D 318 -26.85 -9.92 -6.61
C MET D 318 -27.49 -9.03 -5.54
N SER D 319 -26.72 -8.70 -4.48
CA SER D 319 -27.33 -8.14 -3.27
C SER D 319 -28.04 -6.80 -3.50
N THR D 320 -27.59 -6.00 -4.48
CA THR D 320 -28.34 -4.77 -4.70
C THR D 320 -29.75 -5.02 -5.22
N GLU D 321 -30.02 -6.21 -5.77
CA GLU D 321 -31.39 -6.46 -6.20
C GLU D 321 -32.31 -6.52 -5.01
N ILE D 322 -31.88 -7.15 -3.92
CA ILE D 322 -32.72 -7.21 -2.74
C ILE D 322 -32.62 -5.90 -1.96
N GLY D 323 -31.41 -5.45 -1.68
CA GLY D 323 -31.22 -4.32 -0.76
C GLY D 323 -31.70 -3.01 -1.34
N THR D 324 -31.26 -2.69 -2.56
CA THR D 324 -31.56 -1.40 -3.15
C THR D 324 -32.90 -1.42 -3.88
N ARG D 325 -33.09 -2.35 -4.82
CA ARG D 325 -34.34 -2.34 -5.58
C ARG D 325 -35.51 -2.81 -4.71
N ASN D 326 -35.49 -4.07 -4.26
CA ASN D 326 -36.70 -4.63 -3.68
C ASN D 326 -37.06 -3.95 -2.36
N LEU D 327 -36.08 -3.60 -1.54
CA LEU D 327 -36.42 -3.04 -0.23
C LEU D 327 -36.43 -1.52 -0.19
N CYS D 328 -35.62 -0.83 -1.01
CA CYS D 328 -35.52 0.62 -0.93
C CYS D 328 -36.29 1.39 -2.01
N ASP D 329 -36.58 0.79 -3.18
CA ASP D 329 -37.39 1.49 -4.16
C ASP D 329 -38.66 2.01 -3.49
N PRO D 330 -39.04 3.29 -3.71
CA PRO D 330 -40.24 3.82 -3.05
C PRO D 330 -41.51 3.12 -3.48
N HIS D 331 -41.54 2.54 -4.68
CA HIS D 331 -42.70 1.81 -5.16
C HIS D 331 -42.60 0.31 -4.87
N ARG D 332 -41.70 -0.06 -3.98
CA ARG D 332 -41.61 -1.42 -3.45
C ARG D 332 -41.76 -1.35 -1.94
N TYR D 333 -40.92 -2.06 -1.18
CA TYR D 333 -41.15 -2.10 0.26
C TYR D 333 -40.83 -0.77 0.94
N ASN D 334 -39.97 0.06 0.35
CA ASN D 334 -39.82 1.46 0.74
C ASN D 334 -39.48 1.62 2.23
N ILE D 335 -38.38 0.99 2.66
CA ILE D 335 -37.99 0.99 4.07
C ILE D 335 -36.93 2.03 4.38
N LEU D 336 -36.48 2.80 3.39
CA LEU D 336 -35.27 3.57 3.51
C LEU D 336 -35.38 4.61 4.63
N GLU D 337 -36.52 5.31 4.69
CA GLU D 337 -36.67 6.37 5.68
C GLU D 337 -36.77 5.78 7.08
N ASP D 338 -37.48 4.65 7.21
CA ASP D 338 -37.64 4.02 8.51
C ASP D 338 -36.30 3.54 9.03
N VAL D 339 -35.42 3.08 8.15
CA VAL D 339 -34.12 2.59 8.60
C VAL D 339 -33.23 3.76 9.00
N ALA D 340 -33.30 4.87 8.26
CA ALA D 340 -32.49 6.05 8.60
C ALA D 340 -32.94 6.69 9.89
N VAL D 341 -34.24 6.77 10.12
CA VAL D 341 -34.75 7.29 11.39
C VAL D 341 -34.23 6.45 12.53
N CYS D 342 -34.27 5.12 12.39
CA CYS D 342 -33.72 4.25 13.42
C CYS D 342 -32.22 4.41 13.56
N MET D 343 -31.53 4.73 12.46
CA MET D 343 -30.10 4.99 12.56
C MET D 343 -29.81 6.34 13.19
N ASP D 344 -30.86 7.10 13.53
CA ASP D 344 -30.75 8.46 14.06
C ASP D 344 -30.07 9.41 13.07
N LEU D 345 -30.27 9.20 11.78
CA LEU D 345 -29.75 10.15 10.81
C LEU D 345 -30.68 11.36 10.71
N ASP D 346 -30.12 12.47 10.23
CA ASP D 346 -30.87 13.70 10.06
C ASP D 346 -31.59 13.64 8.72
N THR D 347 -32.84 13.19 8.74
CA THR D 347 -33.58 13.00 7.50
C THR D 347 -34.26 14.26 7.01
N ARG D 348 -34.14 15.37 7.74
CA ARG D 348 -34.84 16.58 7.34
C ARG D 348 -34.06 17.40 6.32
N THR D 349 -32.85 16.99 5.96
CA THR D 349 -32.12 17.61 4.86
C THR D 349 -31.43 16.54 4.02
N THR D 350 -31.55 16.66 2.69
CA THR D 350 -30.90 15.74 1.78
C THR D 350 -29.37 15.82 1.90
N SER D 351 -28.83 16.97 2.30
CA SER D 351 -27.38 17.16 2.25
C SER D 351 -26.63 16.33 3.29
N SER D 352 -27.31 15.81 4.31
CA SER D 352 -26.65 14.85 5.20
C SER D 352 -26.41 13.50 4.52
N LEU D 353 -27.00 13.26 3.35
CA LEU D 353 -26.84 11.98 2.64
C LEU D 353 -27.37 10.81 3.49
N TRP D 354 -28.43 11.06 4.26
CA TRP D 354 -29.04 9.98 5.03
C TRP D 354 -29.49 8.83 4.13
N LYS D 355 -29.98 9.14 2.93
CA LYS D 355 -30.49 8.09 2.05
C LYS D 355 -29.36 7.18 1.60
N ASP D 356 -28.25 7.79 1.20
CA ASP D 356 -27.06 7.04 0.82
C ASP D 356 -26.59 6.13 1.95
N LYS D 357 -26.63 6.63 3.20
CA LYS D 357 -26.11 5.88 4.34
C LYS D 357 -27.04 4.75 4.76
N ALA D 358 -28.35 5.01 4.81
CA ALA D 358 -29.24 3.93 5.17
C ALA D 358 -29.26 2.87 4.08
N ALA D 359 -29.05 3.27 2.82
CA ALA D 359 -29.09 2.29 1.74
C ALA D 359 -27.89 1.36 1.80
N VAL D 360 -26.69 1.92 2.01
CA VAL D 360 -25.48 1.13 2.17
C VAL D 360 -25.65 0.11 3.31
N GLU D 361 -26.25 0.52 4.42
CA GLU D 361 -26.39 -0.40 5.55
C GLU D 361 -27.40 -1.50 5.26
N ILE D 362 -28.51 -1.18 4.58
CA ILE D 362 -29.47 -2.21 4.20
C ILE D 362 -28.79 -3.26 3.32
N ASN D 363 -27.95 -2.80 2.40
CA ASN D 363 -27.20 -3.73 1.57
C ASN D 363 -26.25 -4.59 2.41
N VAL D 364 -25.56 -3.98 3.38
CA VAL D 364 -24.72 -4.75 4.30
C VAL D 364 -25.54 -5.81 5.04
N ALA D 365 -26.74 -5.45 5.50
CA ALA D 365 -27.54 -6.45 6.19
C ALA D 365 -27.90 -7.62 5.26
N VAL D 366 -28.29 -7.33 4.01
CA VAL D 366 -28.63 -8.38 3.06
C VAL D 366 -27.45 -9.33 2.88
N LEU D 367 -26.29 -8.77 2.54
CA LEU D 367 -25.08 -9.58 2.33
C LEU D 367 -24.74 -10.39 3.56
N HIS D 368 -24.78 -9.75 4.73
CA HIS D 368 -24.44 -10.46 5.95
C HIS D 368 -25.43 -11.59 6.22
N SER D 369 -26.72 -11.32 6.03
CA SER D 369 -27.73 -12.31 6.35
C SER D 369 -27.68 -13.52 5.42
N TYR D 370 -27.39 -13.30 4.13
CA TYR D 370 -27.28 -14.43 3.21
C TYR D 370 -26.04 -15.26 3.51
N GLN D 371 -24.92 -14.59 3.81
CA GLN D 371 -23.69 -15.32 4.14
C GLN D 371 -23.86 -16.07 5.46
N LEU D 372 -24.60 -15.49 6.38
CA LEU D 372 -24.85 -16.16 7.66
C LEU D 372 -25.73 -17.38 7.48
N ALA D 373 -26.77 -17.26 6.66
CA ALA D 373 -27.63 -18.40 6.38
C ALA D 373 -27.03 -19.36 5.37
N LYS D 374 -25.84 -19.09 4.85
CA LYS D 374 -25.19 -19.97 3.88
C LYS D 374 -26.03 -20.13 2.61
N VAL D 375 -26.47 -19.00 2.06
CA VAL D 375 -27.15 -18.94 0.77
C VAL D 375 -26.28 -18.10 -0.14
N THR D 376 -26.00 -18.64 -1.33
CA THR D 376 -25.21 -17.93 -2.34
C THR D 376 -25.77 -16.53 -2.57
N ILE D 377 -24.87 -15.55 -2.51
CA ILE D 377 -25.18 -14.21 -2.96
C ILE D 377 -23.87 -13.61 -3.44
N VAL D 378 -23.98 -12.62 -4.32
CA VAL D 378 -22.81 -11.92 -4.85
C VAL D 378 -23.05 -10.41 -4.67
N ASP D 379 -22.04 -9.71 -4.14
CA ASP D 379 -22.17 -8.26 -4.05
C ASP D 379 -21.88 -7.64 -5.41
N HIS D 380 -22.30 -6.37 -5.56
CA HIS D 380 -22.18 -5.73 -6.87
C HIS D 380 -20.75 -5.42 -7.26
N HIS D 381 -19.81 -5.41 -6.29
CA HIS D 381 -18.41 -5.26 -6.66
C HIS D 381 -17.86 -6.53 -7.28
N ALA D 382 -18.18 -7.67 -6.69
CA ALA D 382 -17.74 -8.93 -7.26
C ALA D 382 -18.45 -9.21 -8.58
N ALA D 383 -19.77 -8.94 -8.64
CA ALA D 383 -20.53 -9.21 -9.86
C ALA D 383 -20.02 -8.40 -11.04
N THR D 384 -19.74 -7.12 -10.83
CA THR D 384 -19.30 -6.30 -11.96
C THR D 384 -17.87 -6.62 -12.37
N ALA D 385 -17.00 -6.96 -11.42
CA ALA D 385 -15.67 -7.44 -11.80
C ALA D 385 -15.78 -8.71 -12.64
N SER D 386 -16.63 -9.64 -12.23
CA SER D 386 -16.78 -10.86 -13.04
C SER D 386 -17.30 -10.53 -14.44
N PHE D 387 -18.25 -9.57 -14.54
CA PHE D 387 -18.74 -9.21 -15.87
C PHE D 387 -17.63 -8.61 -16.74
N MET D 388 -16.65 -7.94 -16.15
CA MET D 388 -15.56 -7.41 -16.96
C MET D 388 -14.68 -8.54 -17.51
N LYS D 389 -14.50 -9.60 -16.74
CA LYS D 389 -13.82 -10.77 -17.25
C LYS D 389 -14.62 -11.40 -18.40
N HIS D 390 -15.94 -11.43 -18.29
CA HIS D 390 -16.80 -11.95 -19.35
C HIS D 390 -16.65 -11.15 -20.63
N LEU D 391 -16.67 -9.81 -20.52
CA LEU D 391 -16.54 -8.96 -21.70
C LEU D 391 -15.27 -9.29 -22.46
N GLU D 392 -14.17 -9.46 -21.73
CA GLU D 392 -12.88 -9.78 -22.30
C GLU D 392 -12.87 -11.19 -22.91
N ASN D 393 -13.44 -12.18 -22.22
CA ASN D 393 -13.61 -13.50 -22.82
C ASN D 393 -14.41 -13.43 -24.12
N GLU D 394 -15.50 -12.64 -24.11
CA GLU D 394 -16.37 -12.60 -25.27
C GLU D 394 -15.75 -11.84 -26.43
N GLN D 395 -14.93 -10.83 -26.16
CA GLN D 395 -14.23 -10.14 -27.23
C GLN D 395 -13.35 -11.09 -28.01
N LYS D 396 -12.57 -11.94 -27.30
CA LYS D 396 -11.75 -12.95 -27.95
C LYS D 396 -12.62 -13.97 -28.69
N ALA D 397 -13.66 -14.47 -28.02
CA ALA D 397 -14.46 -15.57 -28.57
C ALA D 397 -15.31 -15.13 -29.77
N ARG D 398 -15.96 -13.95 -29.69
CA ARG D 398 -16.91 -13.55 -30.71
C ARG D 398 -16.72 -12.14 -31.25
N GLY D 399 -15.73 -11.39 -30.78
CA GLY D 399 -15.59 -10.02 -31.24
C GLY D 399 -16.59 -9.04 -30.68
N GLY D 400 -17.21 -9.36 -29.55
CA GLY D 400 -18.06 -8.39 -28.88
C GLY D 400 -19.02 -9.08 -27.95
N CYS D 401 -19.88 -8.27 -27.36
CA CYS D 401 -20.80 -8.74 -26.35
C CYS D 401 -21.91 -7.71 -26.17
N PRO D 402 -23.16 -8.07 -26.45
CA PRO D 402 -24.28 -7.12 -26.27
C PRO D 402 -24.53 -6.82 -24.80
N ALA D 403 -24.59 -5.54 -24.47
CA ALA D 403 -24.68 -5.14 -23.08
C ALA D 403 -25.43 -3.81 -22.98
N ASP D 404 -26.33 -3.75 -22.02
CA ASP D 404 -27.22 -2.61 -21.79
C ASP D 404 -26.66 -1.85 -20.58
N TRP D 405 -25.92 -0.77 -20.85
CA TRP D 405 -25.21 -0.05 -19.79
C TRP D 405 -26.12 0.29 -18.61
N ALA D 406 -27.34 0.76 -18.86
CA ALA D 406 -28.17 1.23 -17.76
C ALA D 406 -28.64 0.11 -16.84
N TRP D 407 -28.59 -1.15 -17.30
CA TRP D 407 -28.90 -2.30 -16.46
C TRP D 407 -27.66 -3.02 -15.96
N ILE D 408 -26.52 -2.87 -16.64
CA ILE D 408 -25.30 -3.53 -16.20
C ILE D 408 -24.69 -2.78 -15.01
N VAL D 409 -24.71 -1.45 -15.02
CA VAL D 409 -24.25 -0.62 -13.89
C VAL D 409 -25.25 -0.77 -12.75
N PRO D 410 -24.81 -1.16 -11.57
CA PRO D 410 -25.75 -1.42 -10.46
C PRO D 410 -26.39 -0.13 -9.94
N PRO D 411 -27.49 -0.25 -9.20
CA PRO D 411 -28.29 0.93 -8.87
C PRO D 411 -27.71 1.80 -7.75
N ILE D 412 -26.75 1.31 -6.96
CA ILE D 412 -25.97 2.15 -6.07
C ILE D 412 -24.51 1.97 -6.44
N SER D 413 -23.72 3.01 -6.13
CA SER D 413 -22.26 2.97 -6.22
C SER D 413 -21.76 2.74 -7.64
N GLY D 414 -22.53 3.19 -8.63
CA GLY D 414 -22.24 2.85 -10.01
C GLY D 414 -20.81 3.13 -10.43
N SER D 415 -20.31 4.34 -10.16
CA SER D 415 -18.95 4.63 -10.62
C SER D 415 -17.89 3.93 -9.78
N LEU D 416 -18.25 3.35 -8.64
CA LEU D 416 -17.28 2.57 -7.88
C LEU D 416 -17.03 1.19 -8.49
N THR D 417 -17.77 0.82 -9.54
CA THR D 417 -17.54 -0.46 -10.15
C THR D 417 -16.90 -0.27 -11.52
N PRO D 418 -16.17 -1.27 -12.00
CA PRO D 418 -15.45 -1.10 -13.28
C PRO D 418 -16.34 -1.05 -14.52
N VAL D 419 -17.62 -1.45 -14.46
CA VAL D 419 -18.47 -1.38 -15.65
C VAL D 419 -18.91 0.04 -15.93
N PHE D 420 -18.88 0.91 -14.93
CA PHE D 420 -19.36 2.28 -15.12
C PHE D 420 -18.57 2.99 -16.20
N HIS D 421 -17.26 2.81 -16.22
CA HIS D 421 -16.42 3.53 -17.17
C HIS D 421 -16.21 2.75 -18.46
N GLN D 422 -16.91 1.64 -18.65
CA GLN D 422 -16.78 0.80 -19.84
C GLN D 422 -17.90 1.14 -20.81
N GLU D 423 -17.55 1.63 -22.00
CA GLU D 423 -18.55 1.81 -23.03
C GLU D 423 -19.11 0.45 -23.46
N MET D 424 -20.39 0.43 -23.81
CA MET D 424 -21.07 -0.82 -24.12
C MET D 424 -21.92 -0.64 -25.37
N VAL D 425 -22.12 -1.73 -26.11
CA VAL D 425 -22.91 -1.73 -27.33
C VAL D 425 -24.07 -2.68 -27.13
N ASN D 426 -25.28 -2.18 -27.31
CA ASN D 426 -26.49 -2.97 -27.08
C ASN D 426 -27.09 -3.40 -28.43
N TYR D 427 -27.45 -4.68 -28.55
CA TYR D 427 -28.07 -5.21 -29.77
C TYR D 427 -28.67 -6.58 -29.47
N PHE D 428 -29.49 -7.07 -30.39
CA PHE D 428 -30.27 -8.27 -30.18
C PHE D 428 -29.67 -9.40 -31.00
N LEU D 429 -29.15 -10.41 -30.31
CA LEU D 429 -28.79 -11.66 -30.97
C LEU D 429 -29.76 -12.75 -30.57
N SER D 430 -29.79 -13.82 -31.38
CA SER D 430 -30.60 -15.00 -31.15
C SER D 430 -29.70 -16.24 -31.12
N PRO D 431 -29.98 -17.23 -30.27
CA PRO D 431 -31.05 -17.44 -29.29
C PRO D 431 -31.22 -16.30 -28.27
N ALA D 432 -32.44 -16.13 -27.77
CA ALA D 432 -32.73 -14.95 -26.95
C ALA D 432 -33.84 -15.24 -25.97
N PHE D 433 -33.77 -14.55 -24.84
CA PHE D 433 -34.88 -14.42 -23.91
C PHE D 433 -35.60 -13.12 -24.23
N ARG D 434 -36.92 -13.21 -24.35
CA ARG D 434 -37.74 -12.14 -24.89
C ARG D 434 -38.91 -11.85 -23.96
N TYR D 435 -39.24 -10.58 -23.80
CA TYR D 435 -40.50 -10.19 -23.20
C TYR D 435 -41.66 -10.68 -24.06
N GLN D 436 -42.78 -10.99 -23.41
CA GLN D 436 -43.98 -11.43 -24.09
C GLN D 436 -45.19 -10.88 -23.36
N PRO D 437 -46.34 -10.77 -24.05
CA PRO D 437 -47.55 -10.27 -23.38
C PRO D 437 -47.96 -11.14 -22.21
N ASP D 438 -48.58 -10.51 -21.23
CA ASP D 438 -49.19 -11.25 -20.14
C ASP D 438 -50.36 -12.07 -20.67
N PRO D 439 -50.52 -13.31 -20.21
CA PRO D 439 -51.52 -14.20 -20.83
C PRO D 439 -52.96 -13.75 -20.60
N TRP D 440 -53.21 -12.88 -19.64
CA TRP D 440 -54.57 -12.45 -19.33
C TRP D 440 -54.92 -11.10 -19.99
CHA HEM E . 26.80 -18.93 14.72
CHB HEM E . 22.11 -19.75 14.06
CHC HEM E . 22.70 -24.38 15.38
CHD HEM E . 27.20 -23.30 16.80
C1A HEM E . 25.49 -18.76 14.34
C2A HEM E . 24.95 -17.58 13.68
C3A HEM E . 23.64 -17.82 13.50
C4A HEM E . 23.34 -19.13 14.04
CMA HEM E . 22.57 -16.91 12.85
CAA HEM E . 25.82 -16.35 13.29
CBA HEM E . 25.14 -14.99 13.48
CGA HEM E . 24.73 -14.43 12.13
O1A HEM E . 25.24 -14.93 11.10
O2A HEM E . 23.88 -13.50 12.08
C1B HEM E . 21.87 -21.08 14.36
C2B HEM E . 20.59 -21.70 14.26
C3B HEM E . 20.71 -22.98 14.61
C4B HEM E . 22.10 -23.21 14.97
CMB HEM E . 19.29 -21.00 13.81
CAB HEM E . 19.51 -23.96 14.61
CBB HEM E . 19.61 -25.24 15.00
C1C HEM E . 24.00 -24.50 15.85
C2C HEM E . 24.64 -25.74 16.26
C3C HEM E . 25.90 -25.43 16.65
C4C HEM E . 26.06 -24.00 16.50
CMC HEM E . 23.95 -27.12 16.21
CAC HEM E . 27.02 -26.35 17.19
CBC HEM E . 26.84 -27.61 17.59
C1D HEM E . 27.50 -22.05 16.31
C2D HEM E . 28.81 -21.43 16.32
C3D HEM E . 28.69 -20.22 15.76
C4D HEM E . 27.31 -20.04 15.36
CMD HEM E . 30.10 -22.03 16.90
CAD HEM E . 29.84 -19.21 15.58
CBD HEM E . 30.47 -19.50 14.21
CGD HEM E . 31.61 -18.55 13.95
O1D HEM E . 32.10 -17.91 14.91
O2D HEM E . 31.98 -18.44 12.76
NA HEM E . 24.49 -19.68 14.56
NB HEM E . 22.79 -22.01 14.81
NC HEM E . 24.89 -23.47 16.02
ND HEM E . 26.62 -21.18 15.71
FE HEM E . 24.64 -21.48 15.60
C02 KL4 F . 23.37 -21.55 11.14
C03 KL4 F . 23.71 -22.79 11.66
C04 KL4 F . 25.03 -23.06 11.95
C05 KL4 F . 25.99 -22.07 11.74
C06 KL4 F . 25.61 -20.85 11.23
C07 KL4 F . 25.42 -24.40 12.51
C08 KL4 F . 26.61 -19.74 11.00
C09 KL4 F . 27.43 -19.94 9.73
C11 KL4 F . 28.43 -18.81 9.67
C12 KL4 F . 28.02 -17.50 9.89
C13 KL4 F . 28.94 -16.46 9.84
C14 KL4 F . 30.29 -16.74 9.58
C15 KL4 F . 30.69 -18.06 9.36
C16 KL4 F . 29.76 -19.09 9.40
C17 KL4 F . 32.12 -18.42 9.06
C18 KL4 F . 33.02 -17.19 9.11
C22 KL4 F . 34.31 -17.57 9.80
C23 KL4 F . 35.27 -16.43 9.68
C24 KL4 F . 35.42 -15.94 10.97
C25 KL4 F . 34.65 -16.67 11.86
F13 KL4 F . 28.53 -15.20 10.05
N01 KL4 F . 24.31 -20.62 10.95
N02 KL4 F . 22.08 -21.25 10.84
N21 KL4 F . 33.99 -17.67 11.22
C1 BTB G . 11.85 -4.85 -16.74
O1 BTB G . 12.96 -5.52 -16.14
C2 BTB G . 10.65 -4.97 -15.83
C3 BTB G . 10.35 -6.46 -15.62
O3 BTB G . 11.34 -7.05 -14.78
C4 BTB G . 10.98 -4.37 -14.47
O4 BTB G . 10.55 -3.01 -14.32
N BTB G . 9.45 -4.26 -16.39
C5 BTB G . 8.43 -5.22 -16.86
C6 BTB G . 7.07 -4.82 -16.28
O6 BTB G . 7.26 -3.74 -15.35
C7 BTB G . 9.79 -3.36 -17.51
C8 BTB G . 9.84 -1.90 -17.08
O8 BTB G . 9.42 -1.76 -15.72
C1 BTB H . 25.20 1.43 -11.01
O1 BTB H . 25.60 1.04 -9.69
C2 BTB H . 25.33 2.93 -11.20
C3 BTB H . 26.70 3.38 -10.71
O3 BTB H . 27.17 2.46 -9.72
C4 BTB H . 25.20 3.23 -12.69
O4 BTB H . 24.64 4.53 -12.89
N BTB H . 24.26 3.67 -10.51
C5 BTB H . 24.43 3.74 -9.04
C6 BTB H . 24.60 5.18 -8.58
O6 BTB H . 26.00 5.42 -8.34
C7 BTB H . 22.95 3.07 -10.80
C8 BTB H . 21.89 4.13 -10.56
O8 BTB H . 22.36 5.38 -11.04
ZN ZN I . 35.19 -5.11 25.01
C1 GOL J . 28.35 -47.58 21.10
O1 GOL J . 29.35 -46.65 20.75
C2 GOL J . 27.02 -46.85 21.19
O2 GOL J . 27.22 -45.48 20.97
C3 GOL J . 26.42 -47.03 22.58
O3 GOL J . 26.05 -45.74 23.03
CL CL K . 26.20 -19.66 5.37
ZN ZN L . 27.90 -9.51 5.72
C02 KL4 M . 22.44 -0.11 21.51
C03 KL4 M . 22.75 -1.27 22.24
C04 KL4 M . 22.09 -1.50 23.45
C05 KL4 M . 21.14 -0.59 23.89
C06 KL4 M . 20.87 0.56 23.14
C07 KL4 M . 22.38 -2.74 24.26
C08 KL4 M . 19.85 1.56 23.63
C09 KL4 M . 20.56 2.80 24.20
C11 KL4 M . 19.59 3.88 24.63
C12 KL4 M . 19.04 4.73 23.67
C13 KL4 M . 18.15 5.72 24.07
C14 KL4 M . 17.83 5.89 25.42
C15 KL4 M . 18.39 5.05 26.39
C16 KL4 M . 19.27 4.05 25.98
C17 KL4 M . 18.05 5.21 27.87
C18 KL4 M . 18.15 6.65 28.39
C22 KL4 M . 17.58 6.78 29.81
C23 KL4 M . 18.65 6.56 30.84
C24 KL4 M . 18.68 7.71 31.61
C25 KL4 M . 17.74 8.62 31.16
F13 KL4 M . 17.61 6.53 23.14
N01 KL4 M . 21.52 0.78 21.97
N02 KL4 M . 23.07 0.15 20.34
N21 KL4 M . 17.07 8.12 30.08
ZN ZN N . 15.82 1.81 20.23
GD GD O . 13.37 3.51 -12.85
C02 KL4 P . 30.08 -8.49 12.26
C03 KL4 P . 30.93 -7.42 12.57
C04 KL4 P . 32.09 -7.23 11.82
C05 KL4 P . 32.37 -8.10 10.76
C06 KL4 P . 31.49 -9.15 10.49
C07 KL4 P . 33.03 -6.10 12.13
C08 KL4 P . 31.78 -10.10 9.33
C09 KL4 P . 31.92 -11.53 9.84
C11 KL4 P . 32.35 -12.48 8.74
C12 KL4 P . 31.36 -13.20 8.07
C13 KL4 P . 31.72 -14.09 7.06
C14 KL4 P . 33.07 -14.27 6.72
C15 KL4 P . 34.05 -13.54 7.39
C16 KL4 P . 33.69 -12.65 8.39
C17 KL4 P . 35.52 -13.72 7.02
C18 KL4 P . 35.87 -15.16 6.65
C22 KL4 P . 37.18 -15.30 5.85
C23 KL4 P . 38.39 -14.82 6.61
C24 KL4 P . 39.25 -15.90 6.67
C25 KL4 P . 38.68 -17.00 6.02
F13 KL4 P . 30.75 -14.78 6.42
N01 KL4 P . 30.37 -9.33 11.23
N02 KL4 P . 28.94 -8.71 12.98
N21 KL4 P . 37.46 -16.70 5.53
CHA HEM Q . 25.71 10.47 18.97
CHB HEM Q . 24.76 11.76 14.44
CHC HEM Q . 26.44 16.23 15.26
CHD HEM Q . 28.30 14.56 19.44
C1A HEM Q . 25.21 10.45 17.71
C2A HEM Q . 24.38 9.39 17.15
C3A HEM Q . 24.10 9.76 15.88
C4A HEM Q . 24.76 11.03 15.63
CMA HEM Q . 23.24 9.08 14.79
CAA HEM Q . 23.97 8.19 18.05
CBA HEM Q . 23.56 6.91 17.29
CGA HEM Q . 22.06 6.96 17.08
O1A HEM Q . 21.53 6.18 16.25
O2A HEM Q . 21.41 7.80 17.75
C1B HEM Q . 25.11 13.06 14.22
C2B HEM Q . 24.95 13.82 12.99
C3B HEM Q . 25.41 15.05 13.21
C4B HEM Q . 25.90 15.13 14.59
CMB HEM Q . 24.34 13.30 11.65
CAB HEM Q . 25.39 16.13 12.11
CBB HEM Q . 26.07 17.28 12.23
C1C HEM Q . 27.08 16.20 16.49
C2C HEM Q . 27.70 17.31 17.18
C3C HEM Q . 28.21 16.86 18.36
C4C HEM Q . 27.94 15.44 18.43
CMC HEM Q . 27.69 18.74 16.58
CAC HEM Q . 29.00 17.62 19.46
CBC HEM Q . 29.59 18.78 19.18
C1D HEM Q . 27.72 13.36 19.71
C2D HEM Q . 27.83 12.61 20.93
C3D HEM Q . 27.12 11.47 20.79
C4D HEM Q . 26.52 11.49 19.49
CMD HEM Q . 28.64 13.05 22.17
CAD HEM Q . 26.91 10.38 21.84
CBD HEM Q . 25.73 10.81 22.72
CGD HEM Q . 25.37 9.81 23.80
O1D HEM Q . 26.11 8.79 23.98
O2D HEM Q . 24.35 10.02 24.49
NA HEM Q . 25.44 11.42 16.76
NB HEM Q . 25.71 13.90 15.16
NC HEM Q . 27.26 15.08 17.29
ND HEM Q . 26.93 12.64 18.84
FE HEM Q . 26.61 13.11 16.85
C02 KL4 R . 22.16 13.72 16.17
C03 KL4 R . 22.77 14.90 16.56
C04 KL4 R . 23.20 15.04 17.88
C05 KL4 R . 23.02 13.99 18.78
C06 KL4 R . 22.39 12.83 18.31
C07 KL4 R . 23.86 16.32 18.29
C08 KL4 R . 22.18 11.63 19.22
C09 KL4 R . 20.86 11.79 19.95
C11 KL4 R . 20.73 10.59 20.84
C12 KL4 R . 20.74 9.31 20.29
C13 KL4 R . 20.61 8.18 21.08
C14 KL4 R . 20.49 8.35 22.46
C15 KL4 R . 20.47 9.63 23.00
C16 KL4 R . 20.60 10.76 22.21
C17 KL4 R . 20.35 9.78 24.48
C18 KL4 R . 21.50 8.93 24.97
C22 KL4 R . 21.47 8.80 26.47
C23 KL4 R . 21.00 7.41 26.77
C24 KL4 R . 22.08 6.77 27.34
C25 KL4 R . 23.16 7.64 27.41
F13 KL4 R . 20.63 6.95 20.54
N01 KL4 R . 21.97 12.73 17.04
N02 KL4 R . 21.71 13.57 14.90
N21 KL4 R . 22.84 8.85 26.92
C1 BTB S . -1.43 6.62 -7.42
O1 BTB S . -1.03 7.92 -7.86
C2 BTB S . -1.09 6.47 -5.94
C3 BTB S . 0.09 5.50 -5.79
O3 BTB S . 0.59 5.56 -4.43
C4 BTB S . -0.60 7.81 -5.39
O4 BTB S . -0.26 7.63 -4.01
N BTB S . -2.29 6.04 -5.16
C5 BTB S . -2.66 4.65 -5.45
C6 BTB S . -2.26 3.67 -4.34
O6 BTB S . -3.19 3.74 -3.25
C7 BTB S . -3.44 6.98 -5.25
C8 BTB S . -3.69 7.75 -3.95
O8 BTB S . -3.56 6.94 -2.77
C1 BTB T . 18.33 33.87 47.05
O1 BTB T . 18.60 33.11 48.23
C2 BTB T . 17.94 32.96 45.88
C3 BTB T . 18.67 31.61 45.96
O3 BTB T . 20.09 31.78 46.08
C4 BTB T . 16.46 32.59 45.95
O4 BTB T . 16.36 31.16 46.14
N BTB T . 18.15 33.75 44.63
C5 BTB T . 19.50 34.35 44.64
C6 BTB T . 20.00 34.68 43.23
O6 BTB T . 19.57 36.00 42.85
C7 BTB T . 17.20 34.89 44.71
C8 BTB T . 16.60 35.33 43.37
O8 BTB T . 16.05 36.65 43.55
CL CL U . 16.41 11.94 19.42
GD GD V . -1.22 5.59 -2.65
C1 BTB W . -3.14 -4.48 -1.63
O1 BTB W . -2.84 -3.47 -2.60
C2 BTB W . -4.64 -4.51 -1.55
C3 BTB W . -5.11 -3.12 -1.20
O3 BTB W . -6.32 -2.83 -1.90
C4 BTB W . -5.18 -4.96 -2.90
O4 BTB W . -5.32 -3.81 -3.73
N BTB W . -5.06 -5.46 -0.50
C5 BTB W . -4.59 -6.81 -0.84
C6 BTB W . -3.92 -7.47 0.36
O6 BTB W . -2.98 -6.53 0.93
C7 BTB W . -6.53 -5.40 -0.30
C8 BTB W . -7.27 -6.69 -0.68
O8 BTB W . -7.50 -6.75 -2.09
CHA HEM X . -22.55 18.59 -17.86
CHB HEM X . -24.15 20.08 -13.52
CHC HEM X . -24.26 24.59 -15.23
CHD HEM X . -23.51 22.93 -19.74
C1A HEM X . -22.91 18.63 -16.53
C2A HEM X . -22.81 17.51 -15.61
C3A HEM X . -23.25 17.95 -14.41
C4A HEM X . -23.64 19.33 -14.54
CMA HEM X . -23.40 17.24 -13.04
CAA HEM X . -22.26 16.13 -16.07
CBA HEM X . -22.48 14.94 -15.15
CGA HEM X . -21.23 14.69 -14.34
O1A HEM X . -21.26 14.84 -13.09
O2A HEM X . -20.17 14.35 -14.94
C1B HEM X . -24.33 21.44 -13.57
C2B HEM X . -24.72 22.30 -12.47
C3B HEM X . -24.77 23.57 -12.93
C4B HEM X . -24.38 23.53 -14.34
CMB HEM X . -25.02 21.84 -11.03
CAB HEM X . -25.12 24.80 -12.05
CBB HEM X . -25.34 26.00 -12.55
C1C HEM X . -24.00 24.53 -16.58
C2C HEM X . -23.78 25.67 -17.47
C3C HEM X . -23.57 25.20 -18.72
C4C HEM X . -23.66 23.76 -18.66
CMC HEM X . -23.77 27.15 -17.02
CAC HEM X . -23.31 25.95 -20.05
CBC HEM X . -23.68 27.22 -20.30
C1D HEM X . -23.12 21.62 -19.64
C2D HEM X . -22.62 20.79 -20.71
C3D HEM X . -22.36 19.60 -20.20
C4D HEM X . -22.68 19.62 -18.78
CMD HEM X . -22.41 21.22 -22.19
CAD HEM X . -21.78 18.42 -21.01
CBD HEM X . -20.32 18.30 -20.57
CGD HEM X . -19.59 17.33 -21.46
O1D HEM X . -20.26 16.52 -22.16
O2D HEM X . -18.33 17.37 -21.47
NA HEM X . -23.42 19.74 -15.85
NB HEM X . -24.15 22.22 -14.69
NC HEM X . -23.92 23.39 -17.35
ND HEM X . -23.14 20.89 -18.48
FE HEM X . -24.10 21.50 -16.70
C02 KL4 Y . -20.72 21.58 -13.68
C03 KL4 Y . -20.81 22.85 -14.27
C04 KL4 Y . -20.39 23.03 -15.57
C05 KL4 Y . -19.89 21.95 -16.28
C06 KL4 Y . -19.81 20.70 -15.67
C07 KL4 Y . -20.49 24.39 -16.22
C08 KL4 Y . -19.25 19.53 -16.45
C09 KL4 Y . -17.92 19.10 -15.84
C11 KL4 Y . -17.47 17.82 -16.51
C12 KL4 Y . -17.91 16.58 -16.05
C13 KL4 Y . -17.48 15.41 -16.67
C14 KL4 Y . -16.62 15.47 -17.75
C15 KL4 Y . -16.18 16.69 -18.20
C16 KL4 Y . -16.60 17.87 -17.61
C17 KL4 Y . -15.26 16.72 -19.39
C18 KL4 Y . -15.90 15.70 -20.32
C22 KL4 Y . -15.34 15.80 -21.72
C23 KL4 Y . -14.31 14.73 -21.82
C24 KL4 Y . -14.82 13.78 -22.66
C25 KL4 Y . -16.07 14.18 -23.13
F13 KL4 Y . -17.89 14.22 -16.25
N01 KL4 Y . -20.21 20.54 -14.39
N02 KL4 Y . -21.13 21.41 -12.40
N21 KL4 Y . -16.41 15.39 -22.60
C02 KL4 Z . -20.35 7.86 -18.02
C03 KL4 Z . -20.54 6.72 -18.82
C04 KL4 Z . -19.48 6.19 -19.55
C05 KL4 Z . -18.24 6.81 -19.48
C06 KL4 Z . -18.08 7.96 -18.68
C07 KL4 Z . -19.66 4.96 -20.42
C08 KL4 Z . -16.74 8.65 -18.61
C09 KL4 Z . -16.86 10.05 -19.21
C11 KL4 Z . -15.61 10.86 -18.99
C12 KL4 Z . -15.51 11.69 -17.88
C13 KL4 Z . -14.37 12.46 -17.67
C14 KL4 Z . -13.31 12.39 -18.57
C15 KL4 Z . -13.39 11.56 -19.69
C16 KL4 Z . -14.54 10.80 -19.91
C17 KL4 Z . -12.25 11.48 -20.69
C18 KL4 Z . -11.71 12.85 -21.13
C22 KL4 Z . -10.53 12.69 -22.11
C23 KL4 Z . -10.98 12.43 -23.52
C24 KL4 Z . -10.44 13.44 -24.29
C25 KL4 Z . -9.71 14.31 -23.49
F13 KL4 Z . -14.30 13.25 -16.59
N01 KL4 Z . -19.13 8.46 -17.98
N02 KL4 Z . -21.37 8.39 -17.30
N21 KL4 Z . -9.74 13.91 -22.19
C1 BTB AA . -4.84 5.87 10.35
O1 BTB AA . -4.67 7.21 9.89
C2 BTB AA . -5.92 5.80 11.42
C3 BTB AA . -6.82 7.04 11.29
O3 BTB AA . -7.76 7.11 12.38
C4 BTB AA . -6.72 4.51 11.13
O4 BTB AA . -7.15 3.81 12.30
N BTB AA . -5.30 5.76 12.77
C5 BTB AA . -4.67 7.07 13.06
C6 BTB AA . -5.07 7.62 14.43
O6 BTB AA . -6.47 7.95 14.42
C7 BTB AA . -4.28 4.70 12.81
C8 BTB AA . -3.72 4.46 14.23
O8 BTB AA . -3.57 3.05 14.44
C1 BTB BA . 1.72 39.48 -34.30
O1 BTB BA . 1.09 40.74 -34.56
C2 BTB BA . 2.44 38.97 -35.55
C3 BTB BA . 1.38 38.59 -36.56
O3 BTB BA . 1.68 39.16 -37.83
C4 BTB BA . 3.32 40.09 -36.12
O4 BTB BA . 2.84 41.38 -35.68
N BTB BA . 3.31 37.80 -35.26
C5 BTB BA . 4.54 38.19 -34.52
C6 BTB BA . 4.44 38.02 -33.00
O6 BTB BA . 4.25 36.64 -32.65
C7 BTB BA . 3.76 37.21 -36.54
C8 BTB BA . 3.59 35.69 -36.58
O8 BTB BA . 4.03 35.14 -35.33
ZN ZN CA . -29.39 4.30 -28.62
C1 GOL DA . -21.39 46.35 -25.37
O1 GOL DA . -20.98 45.19 -26.06
C2 GOL DA . -22.61 46.01 -24.53
O2 GOL DA . -22.70 44.62 -24.35
C3 GOL DA . -23.87 46.49 -25.22
O3 GOL DA . -24.96 45.71 -24.75
CL CL EA . -14.72 18.47 -12.80
GD GD FA . -6.92 4.12 14.97
ZN ZN GA . -15.71 8.50 -13.29
C02 KL4 HA . -33.36 1.29 -15.25
C03 KL4 HA . -33.66 2.41 -16.05
C04 KL4 HA . -34.98 2.86 -16.16
C05 KL4 HA . -35.97 2.18 -15.48
C06 KL4 HA . -35.63 1.08 -14.70
C07 KL4 HA . -35.32 4.07 -17.00
C08 KL4 HA . -36.69 0.30 -13.96
C09 KL4 HA . -36.70 -1.08 -14.62
C11 KL4 HA . -37.75 -1.92 -13.94
C12 KL4 HA . -37.41 -2.71 -12.84
C13 KL4 HA . -38.39 -3.47 -12.21
C14 KL4 HA . -39.72 -3.43 -12.68
C15 KL4 HA . -40.04 -2.63 -13.77
C16 KL4 HA . -39.06 -1.88 -14.39
C17 KL4 HA . -41.46 -2.56 -14.32
C18 KL4 HA . -42.19 -3.90 -14.29
C22 KL4 HA . -43.66 -3.70 -14.61
C23 KL4 HA . -43.93 -3.70 -16.10
C24 KL4 HA . -44.84 -4.71 -16.32
C25 KL4 HA . -45.14 -5.34 -15.12
F13 KL4 HA . -38.06 -4.23 -11.16
N01 KL4 HA . -34.34 0.64 -14.60
N02 KL4 HA . -32.09 0.83 -15.13
N21 KL4 HA . -44.47 -4.78 -14.07
ZN ZN IA . -35.69 0.53 -8.77
CHA HEM JA . -31.09 -9.82 -15.63
CHB HEM JA . -27.88 -11.26 -12.30
CHC HEM JA . -28.34 -15.83 -13.79
CHD HEM JA . -30.78 -14.23 -17.67
C1A HEM JA . -30.23 -9.79 -14.56
C2A HEM JA . -29.98 -8.64 -13.72
C3A HEM JA . -29.07 -9.06 -12.78
C4A HEM JA . -28.76 -10.45 -13.01
CMA HEM JA . -28.42 -8.26 -11.61
CAA HEM JA . -30.70 -7.29 -13.99
CBA HEM JA . -30.19 -6.03 -13.27
CGA HEM JA . -30.67 -5.94 -11.83
O1A HEM JA . -31.49 -6.79 -11.42
O2A HEM JA . -30.23 -5.02 -11.09
C1B HEM JA . -27.70 -12.62 -12.39
C2B HEM JA . -26.86 -13.42 -11.53
C3B HEM JA . -26.97 -14.71 -11.95
C4B HEM JA . -27.90 -14.74 -13.06
CMB HEM JA . -25.96 -12.92 -10.36
CAB HEM JA . -26.22 -15.89 -11.27
CBB HEM JA . -25.95 -17.03 -11.89
C1C HEM JA . -29.09 -15.80 -14.95
C2C HEM JA . -29.56 -16.96 -15.68
C3C HEM JA . -30.26 -16.54 -16.74
C4C HEM JA . -30.22 -15.09 -16.75
CMC HEM JA . -29.29 -18.40 -15.17
CAC HEM JA . -30.94 -17.40 -17.83
CBC HEM JA . -30.42 -18.59 -18.22
C1D HEM JA . -31.13 -12.93 -17.43
C2D HEM JA . -32.05 -12.14 -18.22
C3D HEM JA . -32.12 -10.92 -17.67
C4D HEM JA . -31.26 -10.89 -16.48
CMD HEM JA . -32.81 -12.59 -19.51
CAD HEM JA . -32.99 -9.75 -18.15
CBD HEM JA . -34.29 -9.84 -17.33
CGD HEM JA . -35.31 -8.79 -17.70
O1D HEM JA . -34.98 -7.86 -18.51
O2D HEM JA . -36.46 -8.89 -17.18
NA HEM JA . -29.48 -10.87 -14.10
NB HEM JA . -28.33 -13.45 -13.31
NC HEM JA . -29.51 -14.67 -15.65
ND HEM JA . -30.65 -12.12 -16.37
FE HEM JA . -29.19 -12.68 -15.09
C02 KL4 KA . -30.94 -12.62 -10.87
C03 KL4 KA . -31.07 -13.88 -11.47
C04 KL4 KA . -32.00 -14.03 -12.51
C05 KL4 KA . -32.74 -12.93 -12.91
C06 KL4 KA . -32.54 -11.71 -12.29
C07 KL4 KA . -32.21 -15.35 -13.23
C08 KL4 KA . -33.32 -10.49 -12.72
C09 KL4 KA . -34.43 -10.20 -11.74
C11 KL4 KA . -35.09 -8.92 -12.23
C12 KL4 KA . -34.49 -7.67 -12.12
C13 KL4 KA . -35.13 -6.51 -12.58
C14 KL4 KA . -36.38 -6.60 -13.16
C15 KL4 KA . -36.99 -7.86 -13.28
C16 KL4 KA . -36.35 -9.01 -12.83
C17 KL4 KA . -38.34 -7.96 -13.92
C18 KL4 KA . -38.36 -6.84 -14.94
C22 KL4 KA . -39.51 -7.01 -15.89
C23 KL4 KA . -40.10 -5.65 -16.08
C24 KL4 KA . -39.85 -5.33 -17.40
C25 KL4 KA . -39.16 -6.36 -18.02
F13 KL4 KA . -34.55 -5.31 -12.48
N01 KL4 KA . -31.67 -11.59 -11.29
N02 KL4 KA . -30.09 -12.37 -9.84
N21 KL4 KA . -38.94 -7.39 -17.17
C1 BTB LA . -20.31 -3.23 20.16
O1 BTB LA . -20.08 -4.61 20.47
C2 BTB LA . -21.48 -3.09 19.19
C3 BTB LA . -21.11 -2.16 18.04
O3 BTB LA . -22.09 -2.23 17.00
C4 BTB LA . -21.79 -4.45 18.57
O4 BTB LA . -23.17 -4.52 18.23
N BTB LA . -22.70 -2.58 19.90
C5 BTB LA . -22.71 -1.11 20.06
C6 BTB LA . -24.16 -0.69 20.28
O6 BTB LA . -24.60 0.17 19.22
C7 BTB LA . -23.05 -3.26 21.17
C8 BTB LA . -24.32 -4.10 20.99
O8 BTB LA . -25.35 -3.40 20.26
C1 BTB MA . -61.49 -26.19 -19.73
O1 BTB MA . -62.70 -25.47 -19.89
C2 BTB MA . -61.57 -27.46 -20.55
C3 BTB MA . -62.99 -27.64 -21.09
O3 BTB MA . -63.13 -26.98 -22.35
C4 BTB MA . -60.59 -27.30 -21.70
O4 BTB MA . -60.16 -28.53 -22.27
N BTB MA . -61.25 -28.62 -19.69
C5 BTB MA . -61.88 -29.86 -20.21
C6 BTB MA . -60.80 -30.92 -20.40
O6 BTB MA . -59.69 -30.60 -19.54
C7 BTB MA . -61.75 -28.35 -18.31
C8 BTB MA . -62.44 -29.55 -17.64
O8 BTB MA . -61.58 -30.15 -16.65
GD GD NA . -24.52 -2.27 17.90
CL CL OA . -36.29 -9.63 -7.73
#